data_8EBC
#
_entry.id   8EBC
#
_cell.length_a   78.977
_cell.length_b   95.699
_cell.length_c   97.604
_cell.angle_alpha   111.360
_cell.angle_beta   105.170
_cell.angle_gamma   107.610
#
_symmetry.space_group_name_H-M   'P 1'
#
loop_
_entity.id
_entity.type
_entity.pdbx_description
1 polymer 'Lmo0132 protein'
2 non-polymer 'INOSINIC ACID'
3 non-polymer GLYCEROL
4 non-polymer 'FORMIC ACID'
5 water water
#
_entity_poly.entity_id   1
_entity_poly.type   'polypeptide(L)'
_entity_poly.pdbx_seq_one_letter_code
;AMAFYFEEPSRTFSEFLLVPGYSSAECVPTNVSLKTPIVKFKKGEESAITMNIPLVSAIMQAVSDDNMGIALATEGGVSF
IFGSQSIESEAAMVSRVKNHKSGGRKDYDSNKENKLELLDSSKRYVVGAGINTRDYEERVPALVEAGADILCIDSSEGYS
EWQKRTLDYVRGKYGDTVKVGAGNVVDRDGFRYLAEAGADFVKVGVGGGSICITREQKGIGRGQATALIDVAKARDEYFE
ETGVYIPICSDGGIVYDYHMTLALAMGADFIMLGRYFSRFDESPTNKVNLNGTYMKEYWGEGANRARNWQRYDLGGDKKL
SFEEGVDSYVPYAGSLKDNVAISLSKVRSTMCNCGALNIPELQQKAKITLVSSTSIVEGGAHDVVVKDASNNLIK
;
_entity_poly.pdbx_strand_id   A,B,C,D,F,E
#
# COMPACT_ATOMS: atom_id res chain seq x y z
N ALA A 1 -27.00 -10.18 1.23
CA ALA A 1 -27.35 -9.07 2.10
C ALA A 1 -26.16 -8.68 2.98
N MET A 2 -24.98 -8.60 2.36
CA MET A 2 -23.74 -8.34 3.07
C MET A 2 -23.24 -6.92 2.80
N ALA A 3 -22.78 -6.26 3.86
CA ALA A 3 -22.17 -4.94 3.77
C ALA A 3 -20.72 -5.03 4.24
N PHE A 4 -19.83 -4.41 3.47
CA PHE A 4 -18.39 -4.42 3.75
C PHE A 4 -17.97 -3.03 4.21
N TYR A 5 -17.24 -2.98 5.32
CA TYR A 5 -16.69 -1.73 5.86
C TYR A 5 -15.17 -1.79 5.79
N PHE A 6 -14.57 -0.65 5.45
CA PHE A 6 -13.12 -0.55 5.24
C PHE A 6 -12.58 0.56 6.14
N GLU A 7 -12.40 0.24 7.41
CA GLU A 7 -11.77 1.15 8.36
C GLU A 7 -10.29 0.82 8.48
N GLU A 8 -9.48 1.85 8.61
CA GLU A 8 -8.04 1.66 8.76
C GLU A 8 -7.72 1.14 10.16
N PRO A 9 -6.69 0.30 10.29
CA PRO A 9 -6.35 -0.26 11.61
C PRO A 9 -5.76 0.81 12.52
N SER A 10 -6.20 0.80 13.78
CA SER A 10 -5.69 1.71 14.78
C SER A 10 -5.22 0.92 15.99
N ARG A 11 -4.22 1.46 16.70
CA ARG A 11 -3.67 0.84 17.88
C ARG A 11 -3.52 1.87 18.99
N THR A 12 -3.34 1.39 20.21
CA THR A 12 -3.15 2.23 21.38
C THR A 12 -1.69 2.15 21.83
N PHE A 13 -1.35 3.00 22.80
CA PHE A 13 0.00 3.02 23.35
C PHE A 13 0.37 1.72 24.04
N SER A 14 -0.61 0.97 24.54
CA SER A 14 -0.34 -0.27 25.25
C SER A 14 0.07 -1.42 24.34
N GLU A 15 -0.09 -1.27 23.03
CA GLU A 15 0.31 -2.30 22.08
C GLU A 15 1.75 -2.15 21.61
N PHE A 16 2.48 -1.16 22.12
CA PHE A 16 3.86 -0.90 21.75
C PHE A 16 4.74 -0.99 23.00
N LEU A 17 6.05 -1.02 22.76
CA LEU A 17 7.01 -1.06 23.86
C LEU A 17 8.33 -0.45 23.40
N LEU A 18 8.89 0.42 24.25
CA LEU A 18 10.24 0.94 24.02
C LEU A 18 11.25 -0.11 24.44
N VAL A 19 12.11 -0.52 23.51
CA VAL A 19 13.14 -1.52 23.77
C VAL A 19 14.45 -0.79 24.04
N PRO A 20 15.04 -0.92 25.22
CA PRO A 20 16.33 -0.27 25.48
C PRO A 20 17.48 -1.00 24.80
N GLY A 21 18.50 -0.24 24.44
CA GLY A 21 19.67 -0.78 23.79
C GLY A 21 20.88 -0.86 24.71
N CYS A 27 25.14 8.01 31.40
CA CYS A 27 24.12 7.09 31.91
C CYS A 27 23.45 7.64 33.16
N VAL A 28 23.52 8.95 33.33
CA VAL A 28 22.98 9.62 34.52
C VAL A 28 21.55 10.08 34.20
N PRO A 29 20.54 9.56 34.88
CA PRO A 29 19.16 10.00 34.58
C PRO A 29 18.94 11.48 34.81
N THR A 30 19.62 12.08 35.78
CA THR A 30 19.49 13.52 36.00
C THR A 30 20.20 14.34 34.94
N ASN A 31 20.92 13.71 34.02
CA ASN A 31 21.57 14.40 32.92
C ASN A 31 20.71 14.47 31.66
N VAL A 32 19.47 14.01 31.72
CA VAL A 32 18.58 14.01 30.58
C VAL A 32 17.82 15.32 30.53
N SER A 33 17.85 15.99 29.38
CA SER A 33 17.11 17.23 29.19
C SER A 33 15.73 16.92 28.62
N LEU A 34 14.69 17.47 29.25
CA LEU A 34 13.33 17.30 28.79
C LEU A 34 12.78 18.54 28.10
N LYS A 35 13.66 19.45 27.71
CA LYS A 35 13.23 20.62 26.95
C LYS A 35 12.72 20.20 25.58
N THR A 36 11.73 20.94 25.09
CA THR A 36 11.07 20.60 23.84
C THR A 36 10.45 21.86 23.25
N PRO A 37 10.38 21.98 21.92
CA PRO A 37 9.74 23.14 21.31
C PRO A 37 8.23 22.97 21.19
N ILE A 38 7.53 24.10 21.21
CA ILE A 38 6.08 24.11 20.98
C ILE A 38 5.67 25.09 19.89
N VAL A 39 6.61 25.81 19.29
CA VAL A 39 6.34 26.73 18.19
C VAL A 39 7.22 26.34 17.01
N LYS A 40 6.64 26.35 15.82
CA LYS A 40 7.37 25.94 14.63
C LYS A 40 8.61 26.79 14.43
N PHE A 41 9.62 26.20 13.81
CA PHE A 41 10.89 26.86 13.57
C PHE A 41 11.52 26.28 12.31
N LYS A 42 12.28 27.13 11.60
CA LYS A 42 12.97 26.68 10.41
C LYS A 42 14.17 25.82 10.78
N LYS A 43 14.73 25.16 9.78
CA LYS A 43 15.86 24.26 10.00
C LYS A 43 17.06 25.06 10.50
N GLY A 44 17.65 24.61 11.61
CA GLY A 44 18.77 25.26 12.23
C GLY A 44 18.41 26.32 13.26
N GLU A 45 17.24 26.94 13.13
CA GLU A 45 16.84 28.01 14.03
C GLU A 45 16.37 27.43 15.36
N GLU A 46 16.05 28.33 16.29
CA GLU A 46 15.58 27.98 17.62
C GLU A 46 14.14 28.42 17.80
N SER A 47 13.33 27.56 18.44
CA SER A 47 11.92 27.84 18.61
C SER A 47 11.71 29.07 19.50
N ALA A 48 10.63 29.79 19.23
CA ALA A 48 10.33 31.00 19.97
C ALA A 48 9.91 30.71 21.40
N ILE A 49 9.34 29.54 21.65
CA ILE A 49 8.92 29.12 22.99
C ILE A 49 9.40 27.70 23.21
N THR A 50 10.23 27.51 24.22
CA THR A 50 10.77 26.19 24.58
C THR A 50 10.38 25.89 26.02
N MET A 51 9.60 24.83 26.20
CA MET A 51 9.26 24.38 27.55
C MET A 51 10.44 23.63 28.15
N ASN A 52 10.39 23.47 29.47
CA ASN A 52 11.42 22.70 30.17
C ASN A 52 11.02 21.26 30.41
N ILE A 53 9.73 20.97 30.39
CA ILE A 53 9.20 19.60 30.43
C ILE A 53 8.16 19.48 29.33
N PRO A 54 7.95 18.26 28.83
CA PRO A 54 7.05 18.09 27.68
C PRO A 54 5.60 17.84 28.06
N LEU A 55 5.13 18.43 29.15
CA LEU A 55 3.76 18.23 29.63
C LEU A 55 2.95 19.51 29.48
N VAL A 56 1.73 19.38 28.96
CA VAL A 56 0.76 20.47 28.97
C VAL A 56 -0.58 19.91 29.45
N SER A 57 -1.37 20.77 30.08
CA SER A 57 -2.66 20.35 30.60
C SER A 57 -3.77 20.66 29.61
N ALA A 58 -4.76 19.79 29.57
CA ALA A 58 -5.77 19.85 28.53
C ALA A 58 -6.63 21.10 28.66
N ILE A 59 -7.28 21.44 27.55
CA ILE A 59 -8.17 22.61 27.49
C ILE A 59 -9.56 22.22 27.95
N MET A 60 -9.72 22.00 29.26
CA MET A 60 -10.97 21.47 29.81
C MET A 60 -11.33 22.21 31.09
N GLN A 61 -12.64 22.33 31.33
CA GLN A 61 -13.10 22.96 32.56
C GLN A 61 -12.60 22.22 33.80
N ALA A 62 -12.40 20.91 33.70
CA ALA A 62 -12.02 20.10 34.84
C ALA A 62 -10.52 20.06 35.08
N VAL A 63 -9.73 20.78 34.28
CA VAL A 63 -8.28 20.62 34.31
C VAL A 63 -7.57 21.96 34.51
N SER A 64 -7.70 22.85 33.54
CA SER A 64 -6.81 24.00 33.39
C SER A 64 -7.50 25.30 33.80
N ASP A 65 -7.36 25.66 35.07
CA ASP A 65 -7.70 27.00 35.56
C ASP A 65 -6.41 27.75 35.85
N ASP A 66 -6.52 28.87 36.56
CA ASP A 66 -5.33 29.65 36.88
C ASP A 66 -4.44 28.93 37.90
N ASN A 67 -5.03 28.21 38.84
CA ASN A 67 -4.22 27.46 39.80
C ASN A 67 -3.41 26.38 39.12
N MET A 68 -4.00 25.70 38.13
CA MET A 68 -3.26 24.69 37.38
C MET A 68 -2.16 25.34 36.54
N GLY A 69 -2.46 26.50 35.95
CA GLY A 69 -1.47 27.16 35.11
C GLY A 69 -0.24 27.60 35.88
N ILE A 70 -0.43 28.13 37.08
CA ILE A 70 0.69 28.52 37.92
C ILE A 70 1.50 27.29 38.32
N ALA A 71 0.82 26.21 38.71
CA ALA A 71 1.51 25.03 39.18
C ALA A 71 2.30 24.35 38.06
N LEU A 72 1.70 24.22 36.88
CA LEU A 72 2.39 23.52 35.79
C LEU A 72 3.52 24.36 35.21
N ALA A 73 3.34 25.69 35.13
CA ALA A 73 4.42 26.55 34.70
C ALA A 73 5.58 26.52 35.68
N THR A 74 5.29 26.34 36.97
CA THR A 74 6.35 26.24 37.97
C THR A 74 7.22 25.01 37.72
N GLU A 75 6.65 23.95 37.16
CA GLU A 75 7.37 22.72 36.90
C GLU A 75 7.99 22.67 35.51
N GLY A 76 7.73 23.67 34.66
CA GLY A 76 8.32 23.73 33.34
C GLY A 76 7.35 23.50 32.20
N GLY A 77 6.07 23.26 32.48
CA GLY A 77 5.08 23.04 31.45
C GLY A 77 4.23 24.27 31.19
N VAL A 78 3.21 24.08 30.37
CA VAL A 78 2.28 25.14 30.01
C VAL A 78 0.86 24.60 30.16
N SER A 79 -0.01 25.37 30.82
CA SER A 79 -1.43 25.07 30.86
C SER A 79 -2.16 25.90 29.81
N PHE A 80 -3.09 25.27 29.12
CA PHE A 80 -3.96 25.96 28.16
C PHE A 80 -5.30 26.18 28.84
N ILE A 81 -5.51 27.40 29.34
CA ILE A 81 -6.74 27.73 30.05
C ILE A 81 -7.93 27.39 29.18
N PHE A 82 -8.96 26.78 29.80
CA PHE A 82 -10.10 26.30 29.03
C PHE A 82 -10.92 27.48 28.51
N GLY A 83 -11.44 27.31 27.30
CA GLY A 83 -12.20 28.34 26.62
C GLY A 83 -13.69 28.17 26.63
N SER A 84 -14.21 27.14 27.30
CA SER A 84 -15.66 26.98 27.45
C SER A 84 -16.16 27.80 28.64
N GLN A 85 -15.89 29.10 28.56
CA GLN A 85 -16.32 30.08 29.55
C GLN A 85 -16.40 31.43 28.85
N SER A 86 -16.81 32.45 29.60
CA SER A 86 -16.89 33.79 29.02
C SER A 86 -15.51 34.28 28.62
N ILE A 87 -15.49 35.19 27.65
CA ILE A 87 -14.22 35.77 27.21
C ILE A 87 -13.54 36.50 28.37
N GLU A 88 -14.33 37.17 29.21
CA GLU A 88 -13.76 37.93 30.33
C GLU A 88 -13.18 36.99 31.39
N SER A 89 -13.83 35.85 31.62
CA SER A 89 -13.34 34.91 32.62
C SER A 89 -12.01 34.29 32.20
N GLU A 90 -11.92 33.86 30.93
CA GLU A 90 -10.69 33.24 30.47
C GLU A 90 -9.53 34.24 30.51
N ALA A 91 -9.77 35.48 30.08
CA ALA A 91 -8.72 36.49 30.14
C ALA A 91 -8.32 36.77 31.59
N ALA A 92 -9.29 36.80 32.51
CA ALA A 92 -8.97 37.00 33.91
C ALA A 92 -8.17 35.82 34.45
N MET A 93 -8.50 34.61 34.01
CA MET A 93 -7.73 33.44 34.41
C MET A 93 -6.30 33.50 33.87
N VAL A 94 -6.15 33.89 32.61
CA VAL A 94 -4.82 34.05 32.03
C VAL A 94 -4.06 35.16 32.77
N SER A 95 -4.74 36.27 33.07
CA SER A 95 -4.07 37.39 33.72
C SER A 95 -3.55 37.03 35.10
N ARG A 96 -4.27 36.16 35.83
CA ARG A 96 -3.81 35.78 37.16
C ARG A 96 -2.55 34.94 37.10
N VAL A 97 -2.39 34.12 36.05
CA VAL A 97 -1.15 33.37 35.88
C VAL A 97 -0.02 34.31 35.48
N LYS A 98 -0.29 35.25 34.57
CA LYS A 98 0.75 36.15 34.10
C LYS A 98 1.21 37.13 35.16
N ASN A 99 0.42 37.35 36.21
CA ASN A 99 0.77 38.30 37.26
C ASN A 99 1.16 37.64 38.57
N HIS A 100 0.95 36.34 38.72
CA HIS A 100 1.46 35.63 39.88
C HIS A 100 2.98 35.63 39.85
N LYS A 101 3.60 36.13 40.90
CA LYS A 101 5.05 36.33 40.89
C LYS A 101 5.79 35.01 40.93
N SER A 102 6.82 34.90 40.09
CA SER A 102 7.63 33.69 40.00
C SER A 102 8.46 33.44 41.26
N ASN A 114 12.45 25.62 42.56
CA ASN A 114 11.84 25.50 41.24
C ASN A 114 12.82 25.92 40.15
N LYS A 115 13.77 25.03 39.84
CA LYS A 115 14.78 25.34 38.83
C LYS A 115 14.25 25.29 37.41
N LEU A 116 13.16 24.56 37.17
CA LEU A 116 12.62 24.40 35.83
C LEU A 116 11.47 25.37 35.54
N GLU A 117 11.31 26.41 36.34
CA GLU A 117 10.25 27.39 36.13
C GLU A 117 10.30 27.93 34.71
N LEU A 118 9.15 27.97 34.06
CA LEU A 118 9.04 28.43 32.67
C LEU A 118 8.52 29.86 32.69
N LEU A 119 9.40 30.81 32.33
CA LEU A 119 9.09 32.22 32.36
C LEU A 119 9.27 32.84 30.99
N ASP A 120 8.60 33.98 30.77
CA ASP A 120 8.71 34.72 29.52
C ASP A 120 9.86 35.71 29.62
N SER A 121 10.00 36.57 28.60
CA SER A 121 11.09 37.53 28.57
C SER A 121 10.96 38.58 29.68
N SER A 122 9.78 38.71 30.31
CA SER A 122 9.59 39.60 31.43
C SER A 122 9.49 38.85 32.76
N LYS A 123 9.97 37.60 32.80
CA LYS A 123 10.04 36.80 34.02
C LYS A 123 8.65 36.54 34.62
N ARG A 124 7.66 36.35 33.75
CA ARG A 124 6.32 35.99 34.17
C ARG A 124 6.02 34.56 33.75
N TYR A 125 5.15 33.90 34.51
CA TYR A 125 4.77 32.52 34.21
C TYR A 125 4.17 32.42 32.82
N VAL A 126 4.72 31.51 32.01
CA VAL A 126 4.17 31.25 30.69
C VAL A 126 2.85 30.49 30.83
N VAL A 127 1.85 30.91 30.05
CA VAL A 127 0.54 30.27 30.07
C VAL A 127 -0.04 30.28 28.66
N GLY A 128 -0.94 29.33 28.42
CA GLY A 128 -1.64 29.23 27.16
C GLY A 128 -3.14 29.40 27.35
N ALA A 129 -3.83 29.61 26.24
CA ALA A 129 -5.27 29.83 26.26
C ALA A 129 -5.91 29.12 25.07
N GLY A 130 -7.06 28.50 25.32
CA GLY A 130 -7.80 27.84 24.27
C GLY A 130 -8.83 28.78 23.65
N ILE A 131 -8.99 28.65 22.33
CA ILE A 131 -9.97 29.43 21.60
C ILE A 131 -10.81 28.49 20.75
N ASN A 132 -12.01 28.94 20.40
CA ASN A 132 -12.92 28.19 19.56
C ASN A 132 -13.03 28.87 18.19
N THR A 133 -13.67 28.16 17.26
CA THR A 133 -13.81 28.63 15.88
C THR A 133 -15.00 29.54 15.69
N ARG A 134 -15.55 30.12 16.76
CA ARG A 134 -16.76 30.93 16.67
C ARG A 134 -16.49 32.39 17.02
N ASP A 135 -16.16 32.70 18.28
CA ASP A 135 -16.01 34.09 18.72
C ASP A 135 -14.56 34.52 18.80
N TYR A 136 -13.71 34.03 17.89
CA TYR A 136 -12.28 34.34 17.96
C TYR A 136 -12.00 35.82 17.70
N GLU A 137 -12.89 36.50 16.97
CA GLU A 137 -12.66 37.92 16.68
C GLU A 137 -12.69 38.77 17.96
N GLU A 138 -13.48 38.37 18.95
CA GLU A 138 -13.48 39.03 20.25
C GLU A 138 -12.65 38.31 21.28
N ARG A 139 -12.45 36.99 21.14
CA ARG A 139 -11.77 36.22 22.16
C ARG A 139 -10.25 36.35 22.05
N VAL A 140 -9.72 36.35 20.83
CA VAL A 140 -8.27 36.43 20.65
C VAL A 140 -7.69 37.75 21.15
N PRO A 141 -8.24 38.92 20.81
CA PRO A 141 -7.64 40.16 21.34
C PRO A 141 -7.64 40.23 22.86
N ALA A 142 -8.68 39.73 23.51
CA ALA A 142 -8.72 39.77 24.97
C ALA A 142 -7.67 38.85 25.59
N LEU A 143 -7.48 37.66 24.99
CA LEU A 143 -6.49 36.73 25.53
C LEU A 143 -5.07 37.21 25.25
N VAL A 144 -4.85 37.84 24.10
CA VAL A 144 -3.54 38.43 23.81
C VAL A 144 -3.25 39.57 24.79
N GLU A 145 -4.23 40.45 25.00
CA GLU A 145 -4.05 41.56 25.93
C GLU A 145 -3.79 41.06 27.35
N ALA A 146 -4.40 39.92 27.73
CA ALA A 146 -4.19 39.37 29.06
C ALA A 146 -2.81 38.78 29.25
N GLY A 147 -2.02 38.64 28.17
CA GLY A 147 -0.68 38.11 28.28
C GLY A 147 -0.51 36.67 27.89
N ALA A 148 -1.50 36.06 27.24
CA ALA A 148 -1.38 34.67 26.81
C ALA A 148 -0.18 34.50 25.91
N ASP A 149 0.74 33.61 26.30
CA ASP A 149 1.94 33.41 25.51
C ASP A 149 1.68 32.60 24.26
N ILE A 150 0.67 31.72 24.27
CA ILE A 150 0.36 30.89 23.13
C ILE A 150 -1.12 30.55 23.18
N LEU A 151 -1.70 30.39 21.99
CA LEU A 151 -3.11 30.01 21.85
C LEU A 151 -3.19 28.63 21.21
N CYS A 152 -4.36 28.00 21.35
CA CYS A 152 -4.59 26.70 20.74
C CYS A 152 -6.07 26.58 20.40
N ILE A 153 -6.37 26.33 19.13
CA ILE A 153 -7.74 26.05 18.72
C ILE A 153 -8.19 24.73 19.32
N ASP A 154 -9.32 24.75 20.03
CA ASP A 154 -9.82 23.58 20.73
C ASP A 154 -10.97 22.99 19.91
N SER A 155 -10.63 22.14 18.95
CA SER A 155 -11.61 21.59 18.03
C SER A 155 -11.31 20.11 17.81
N SER A 156 -11.99 19.51 16.83
CA SER A 156 -11.85 18.09 16.55
C SER A 156 -11.54 17.84 15.08
N GLU A 157 -11.56 16.56 14.67
CA GLU A 157 -11.10 16.18 13.34
C GLU A 157 -11.99 16.76 12.24
N GLY A 158 -13.30 16.74 12.43
CA GLY A 158 -14.22 17.13 11.38
C GLY A 158 -14.47 18.61 11.21
N TYR A 159 -13.82 19.47 12.00
CA TYR A 159 -13.99 20.91 11.90
C TYR A 159 -12.75 21.60 11.35
N SER A 160 -12.01 20.92 10.48
CA SER A 160 -10.73 21.45 10.00
C SER A 160 -10.89 22.75 9.23
N GLU A 161 -11.98 22.89 8.48
CA GLU A 161 -12.18 24.11 7.70
C GLU A 161 -12.29 25.33 8.60
N TRP A 162 -13.08 25.23 9.67
CA TRP A 162 -13.25 26.36 10.57
C TRP A 162 -12.02 26.57 11.46
N GLN A 163 -11.17 25.55 11.61
CA GLN A 163 -9.86 25.80 12.21
C GLN A 163 -8.98 26.62 11.28
N LYS A 164 -9.12 26.42 9.97
CA LYS A 164 -8.33 27.18 9.00
C LYS A 164 -8.77 28.64 8.95
N ARG A 165 -10.08 28.89 9.00
CA ARG A 165 -10.56 30.26 9.03
C ARG A 165 -10.07 30.98 10.28
N THR A 166 -9.98 30.26 11.41
CA THR A 166 -9.50 30.87 12.64
C THR A 166 -8.02 31.18 12.57
N LEU A 167 -7.23 30.26 11.99
CA LEU A 167 -5.80 30.52 11.81
C LEU A 167 -5.59 31.68 10.84
N ASP A 168 -6.41 31.77 9.80
CA ASP A 168 -6.28 32.87 8.84
C ASP A 168 -6.55 34.20 9.51
N TYR A 169 -7.54 34.26 10.41
CA TYR A 169 -7.82 35.50 11.12
C TYR A 169 -6.62 35.94 11.94
N VAL A 170 -6.00 35.01 12.68
CA VAL A 170 -4.86 35.35 13.52
C VAL A 170 -3.70 35.85 12.67
N ARG A 171 -3.40 35.14 11.58
CA ARG A 171 -2.28 35.55 10.73
C ARG A 171 -2.59 36.83 9.98
N GLY A 172 -3.85 37.06 9.62
CA GLY A 172 -4.21 38.29 8.93
C GLY A 172 -4.13 39.52 9.81
N LYS A 173 -4.45 39.38 11.10
CA LYS A 173 -4.45 40.52 12.01
C LYS A 173 -3.13 40.66 12.77
N TYR A 174 -2.51 39.54 13.16
CA TYR A 174 -1.32 39.57 13.98
C TYR A 174 -0.05 39.09 13.28
N GLY A 175 -0.16 38.51 12.09
CA GLY A 175 1.01 37.92 11.46
C GLY A 175 1.51 36.74 12.28
N ASP A 176 2.82 36.69 12.49
CA ASP A 176 3.45 35.67 13.32
C ASP A 176 3.74 36.16 14.72
N THR A 177 3.18 37.31 15.13
CA THR A 177 3.43 37.85 16.45
C THR A 177 2.61 37.17 17.54
N VAL A 178 1.61 36.38 17.17
CA VAL A 178 0.79 35.64 18.13
C VAL A 178 0.92 34.15 17.81
N LYS A 179 1.40 33.38 18.77
CA LYS A 179 1.58 31.95 18.59
C LYS A 179 0.26 31.24 18.83
N VAL A 180 -0.14 30.38 17.89
CA VAL A 180 -1.42 29.70 17.95
C VAL A 180 -1.26 28.28 17.41
N GLY A 181 -1.74 27.30 18.18
CA GLY A 181 -1.78 25.92 17.73
C GLY A 181 -3.18 25.53 17.27
N ALA A 182 -3.27 24.33 16.69
CA ALA A 182 -4.53 23.88 16.14
C ALA A 182 -4.63 22.35 16.27
N GLY A 183 -5.86 21.86 16.26
CA GLY A 183 -6.12 20.45 16.40
C GLY A 183 -7.56 20.21 16.77
N ASN A 184 -7.92 18.93 16.84
CA ASN A 184 -7.06 17.78 16.62
C ASN A 184 -7.16 17.27 15.18
N VAL A 185 -6.11 16.57 14.73
CA VAL A 185 -6.10 15.86 13.46
C VAL A 185 -5.53 14.48 13.70
N VAL A 186 -5.71 13.59 12.71
CA VAL A 186 -5.30 12.20 12.88
C VAL A 186 -4.54 11.70 11.66
N ASP A 187 -4.53 12.46 10.56
CA ASP A 187 -3.96 11.98 9.32
C ASP A 187 -3.15 13.08 8.64
N ARG A 188 -2.63 12.75 7.46
CA ARG A 188 -1.77 13.68 6.71
C ARG A 188 -2.53 14.91 6.27
N ASP A 189 -3.73 14.71 5.70
CA ASP A 189 -4.50 15.83 5.16
C ASP A 189 -4.82 16.85 6.24
N GLY A 190 -5.21 16.38 7.42
CA GLY A 190 -5.49 17.31 8.52
C GLY A 190 -4.25 18.07 8.97
N PHE A 191 -3.11 17.38 9.04
CA PHE A 191 -1.89 18.06 9.45
C PHE A 191 -1.49 19.12 8.43
N ARG A 192 -1.47 18.75 7.16
CA ARG A 192 -1.02 19.67 6.12
C ARG A 192 -1.95 20.86 5.97
N TYR A 193 -3.26 20.65 6.15
CA TYR A 193 -4.20 21.75 6.00
C TYR A 193 -4.00 22.81 7.07
N LEU A 194 -3.72 22.38 8.31
CA LEU A 194 -3.39 23.33 9.36
C LEU A 194 -1.96 23.84 9.24
N ALA A 195 -1.05 23.00 8.74
CA ALA A 195 0.34 23.43 8.57
C ALA A 195 0.44 24.58 7.59
N GLU A 196 -0.18 24.43 6.42
CA GLU A 196 -0.16 25.49 5.42
C GLU A 196 -1.02 26.68 5.80
N ALA A 197 -1.85 26.55 6.84
CA ALA A 197 -2.61 27.68 7.36
C ALA A 197 -1.84 28.48 8.41
N GLY A 198 -0.66 28.02 8.79
CA GLY A 198 0.18 28.77 9.71
C GLY A 198 0.20 28.29 11.15
N ALA A 199 -0.28 27.08 11.42
CA ALA A 199 -0.31 26.58 12.79
C ALA A 199 1.11 26.46 13.35
N ASP A 200 1.32 27.06 14.52
CA ASP A 200 2.63 26.99 15.16
C ASP A 200 2.91 25.61 15.76
N PHE A 201 1.88 24.86 16.09
CA PHE A 201 2.00 23.44 16.38
C PHE A 201 0.70 22.77 16.00
N VAL A 202 0.70 21.44 16.05
CA VAL A 202 -0.46 20.65 15.65
C VAL A 202 -0.74 19.61 16.73
N LYS A 203 -2.00 19.56 17.18
CA LYS A 203 -2.44 18.63 18.20
C LYS A 203 -3.05 17.40 17.53
N VAL A 204 -2.65 16.22 18.02
CA VAL A 204 -3.09 14.95 17.46
C VAL A 204 -3.92 14.22 18.51
N GLY A 205 -5.13 13.83 18.13
CA GLY A 205 -6.01 13.12 19.04
C GLY A 205 -7.30 12.76 18.33
N VAL A 206 -7.96 11.74 18.87
CA VAL A 206 -9.24 11.29 18.31
C VAL A 206 -10.40 12.15 18.77
N GLY A 207 -10.22 12.97 19.81
CA GLY A 207 -11.29 13.82 20.31
C GLY A 207 -11.01 15.30 20.14
N GLY A 208 -11.14 16.06 21.24
CA GLY A 208 -10.97 17.50 21.19
C GLY A 208 -12.26 18.22 20.91
N GLY A 209 -12.37 19.44 21.45
CA GLY A 209 -13.57 20.22 21.23
C GLY A 209 -14.74 19.72 22.05
N SER A 210 -15.94 20.14 21.64
CA SER A 210 -17.18 19.80 22.32
C SER A 210 -17.87 18.58 21.72
N ILE A 211 -17.21 17.88 20.81
CA ILE A 211 -17.78 16.66 20.23
C ILE A 211 -17.81 15.59 21.32
N CYS A 212 -18.79 14.68 21.22
N CYS A 212 -18.82 14.71 21.25
CA CYS A 212 -18.92 13.62 22.20
CA CYS A 212 -18.88 13.65 22.24
C CYS A 212 -17.98 12.47 21.88
C CYS A 212 -17.84 12.59 21.93
N ILE A 213 -17.55 11.76 22.93
CA ILE A 213 -16.48 10.80 22.83
C ILE A 213 -17.03 9.40 23.12
N THR A 214 -16.25 8.40 22.72
CA THR A 214 -16.57 7.00 22.92
C THR A 214 -15.58 6.30 23.85
N ARG A 222 -8.60 3.23 21.38
CA ARG A 222 -8.23 4.64 21.29
C ARG A 222 -7.85 5.04 19.87
N GLY A 223 -6.87 4.33 19.30
CA GLY A 223 -6.23 4.74 18.06
C GLY A 223 -5.32 5.95 18.18
N GLN A 224 -4.88 6.29 19.40
CA GLN A 224 -4.01 7.44 19.59
C GLN A 224 -2.61 7.17 19.08
N ALA A 225 -2.12 5.93 19.24
CA ALA A 225 -0.79 5.60 18.76
C ALA A 225 -0.72 5.66 17.24
N THR A 226 -1.71 5.08 16.56
CA THR A 226 -1.73 5.14 15.10
C THR A 226 -1.88 6.57 14.61
N ALA A 227 -2.72 7.37 15.28
CA ALA A 227 -2.88 8.77 14.90
C ALA A 227 -1.58 9.54 15.07
N LEU A 228 -0.86 9.29 16.17
CA LEU A 228 0.41 9.97 16.39
C LEU A 228 1.46 9.53 15.38
N ILE A 229 1.49 8.23 15.07
CA ILE A 229 2.49 7.72 14.12
C ILE A 229 2.22 8.28 12.73
N ASP A 230 0.95 8.34 12.33
CA ASP A 230 0.61 8.83 11.00
C ASP A 230 0.96 10.31 10.86
N VAL A 231 0.58 11.13 11.85
CA VAL A 231 0.85 12.56 11.75
C VAL A 231 2.34 12.85 11.88
N ALA A 232 3.05 12.06 12.69
CA ALA A 232 4.50 12.24 12.81
C ALA A 232 5.19 11.95 11.49
N LYS A 233 4.71 10.96 10.74
CA LYS A 233 5.28 10.69 9.43
C LYS A 233 5.03 11.84 8.48
N ALA A 234 3.83 12.42 8.50
CA ALA A 234 3.53 13.55 7.65
C ALA A 234 4.30 14.79 8.08
N ARG A 235 4.52 14.96 9.38
CA ARG A 235 5.27 16.12 9.86
C ARG A 235 6.73 16.03 9.40
N ASP A 236 7.35 14.87 9.53
CA ASP A 236 8.73 14.71 9.07
C ASP A 236 8.83 14.90 7.57
N GLU A 237 7.85 14.38 6.82
CA GLU A 237 7.80 14.65 5.38
C GLU A 237 7.66 16.13 5.09
N TYR A 238 6.78 16.82 5.83
CA TYR A 238 6.62 18.26 5.67
C TYR A 238 7.92 18.99 6.03
N PHE A 239 8.71 18.44 6.94
CA PHE A 239 9.99 19.05 7.28
C PHE A 239 10.96 19.00 6.11
N GLU A 240 11.05 17.84 5.44
CA GLU A 240 11.92 17.72 4.27
C GLU A 240 11.45 18.63 3.14
N GLU A 241 10.13 18.75 2.98
CA GLU A 241 9.56 19.49 1.85
C GLU A 241 9.80 21.00 2.00
N THR A 242 9.65 21.52 3.22
CA THR A 242 9.64 22.96 3.45
C THR A 242 10.78 23.47 4.31
N GLY A 243 11.46 22.61 5.07
CA GLY A 243 12.44 23.08 6.02
C GLY A 243 11.86 23.67 7.29
N VAL A 244 10.57 23.50 7.53
CA VAL A 244 9.89 24.02 8.71
C VAL A 244 9.48 22.85 9.58
N TYR A 245 10.00 22.81 10.81
CA TYR A 245 9.64 21.78 11.77
C TYR A 245 8.46 22.24 12.60
N ILE A 246 7.34 21.53 12.50
CA ILE A 246 6.12 21.86 13.22
C ILE A 246 6.00 20.90 14.41
N PRO A 247 6.08 21.39 15.64
CA PRO A 247 5.95 20.49 16.80
C PRO A 247 4.57 19.83 16.84
N ILE A 248 4.55 18.60 17.32
CA ILE A 248 3.34 17.80 17.43
C ILE A 248 3.01 17.61 18.90
N CYS A 249 1.73 17.73 19.24
CA CYS A 249 1.24 17.50 20.59
C CYS A 249 0.32 16.29 20.58
N SER A 250 0.71 15.25 21.31
CA SER A 250 -0.14 14.08 21.49
C SER A 250 -1.19 14.39 22.55
N ASP A 251 -2.46 14.39 22.16
CA ASP A 251 -3.55 14.82 23.03
C ASP A 251 -4.38 13.60 23.43
N GLY A 252 -4.28 13.23 24.70
CA GLY A 252 -5.12 12.17 25.25
C GLY A 252 -4.54 10.79 25.02
N GLY A 253 -4.93 9.87 25.91
CA GLY A 253 -4.53 8.49 25.79
C GLY A 253 -3.42 8.05 26.71
N ILE A 254 -2.83 8.97 27.49
CA ILE A 254 -1.76 8.62 28.41
C ILE A 254 -2.38 8.08 29.69
N VAL A 255 -2.17 6.79 29.97
CA VAL A 255 -2.67 6.14 31.16
C VAL A 255 -1.57 5.89 32.17
N TYR A 256 -0.39 5.49 31.70
CA TYR A 256 0.75 5.19 32.56
C TYR A 256 1.92 6.09 32.18
N ASP A 257 2.86 6.24 33.11
CA ASP A 257 3.98 7.14 32.89
C ASP A 257 4.89 6.63 31.77
N TYR A 258 4.93 5.31 31.53
CA TYR A 258 5.74 4.81 30.43
C TYR A 258 5.09 5.08 29.07
N HIS A 259 3.84 5.51 29.04
CA HIS A 259 3.23 5.95 27.79
C HIS A 259 3.78 7.29 27.34
N MET A 260 4.19 8.13 28.30
CA MET A 260 4.76 9.43 27.95
C MET A 260 6.02 9.27 27.11
N THR A 261 6.96 8.45 27.60
CA THR A 261 8.20 8.21 26.85
C THR A 261 7.90 7.59 25.50
N LEU A 262 6.88 6.72 25.44
CA LEU A 262 6.51 6.08 24.18
C LEU A 262 5.97 7.12 23.19
N ALA A 263 5.12 8.04 23.67
CA ALA A 263 4.57 9.07 22.80
C ALA A 263 5.68 9.99 22.28
N LEU A 264 6.61 10.38 23.15
CA LEU A 264 7.73 11.22 22.71
C LEU A 264 8.58 10.48 21.68
N ALA A 265 8.80 9.18 21.89
CA ALA A 265 9.62 8.42 20.96
C ALA A 265 8.93 8.23 19.61
N MET A 266 7.60 8.20 19.59
CA MET A 266 6.87 8.05 18.34
C MET A 266 6.88 9.32 17.49
N GLY A 267 7.27 10.45 18.06
CA GLY A 267 7.37 11.67 17.29
C GLY A 267 6.77 12.88 17.97
N ALA A 268 5.95 12.65 18.99
CA ALA A 268 5.35 13.77 19.71
C ALA A 268 6.43 14.58 20.42
N ASP A 269 6.33 15.90 20.30
CA ASP A 269 7.27 16.78 20.97
C ASP A 269 6.82 17.16 22.38
N PHE A 270 5.51 17.16 22.62
CA PHE A 270 4.98 17.30 23.97
C PHE A 270 3.61 16.64 24.03
N ILE A 271 3.10 16.50 25.25
CA ILE A 271 1.93 15.67 25.52
C ILE A 271 0.90 16.49 26.27
N MET A 272 -0.36 16.39 25.84
CA MET A 272 -1.48 17.01 26.53
C MET A 272 -2.25 15.95 27.31
N LEU A 273 -2.52 16.23 28.58
CA LEU A 273 -3.19 15.28 29.46
C LEU A 273 -4.33 15.98 30.19
N GLY A 274 -5.44 15.26 30.36
CA GLY A 274 -6.57 15.77 31.10
C GLY A 274 -6.76 15.08 32.43
N ARG A 275 -7.11 13.79 32.39
CA ARG A 275 -7.33 13.03 33.60
C ARG A 275 -6.11 13.03 34.51
N TYR A 276 -4.91 13.06 33.93
CA TYR A 276 -3.69 13.06 34.72
C TYR A 276 -3.63 14.26 35.66
N PHE A 277 -3.99 15.45 35.17
CA PHE A 277 -3.93 16.66 35.97
C PHE A 277 -5.18 16.89 36.82
N SER A 278 -6.32 16.33 36.43
CA SER A 278 -7.53 16.51 37.21
C SER A 278 -7.48 15.84 38.57
N ARG A 279 -6.51 14.95 38.81
CA ARG A 279 -6.39 14.25 40.08
C ARG A 279 -5.73 15.11 41.16
N PHE A 280 -5.13 16.24 40.79
CA PHE A 280 -4.23 16.95 41.69
C PHE A 280 -4.97 18.00 42.52
N ASP A 281 -4.30 18.49 43.55
CA ASP A 281 -4.85 19.56 44.38
C ASP A 281 -5.19 20.78 43.54
N GLU A 282 -4.31 21.14 42.61
CA GLU A 282 -4.49 22.33 41.80
C GLU A 282 -5.61 22.18 40.76
N SER A 283 -6.21 21.00 40.66
CA SER A 283 -7.33 20.81 39.76
C SER A 283 -8.56 21.54 40.30
N PRO A 284 -9.37 22.14 39.42
CA PRO A 284 -10.52 22.93 39.89
C PRO A 284 -11.72 22.10 40.33
N THR A 285 -11.73 20.79 40.12
CA THR A 285 -12.89 19.99 40.50
C THR A 285 -12.87 19.69 42.00
N ASN A 286 -14.01 19.22 42.49
CA ASN A 286 -14.17 18.94 43.92
C ASN A 286 -13.55 17.60 44.28
N LYS A 287 -13.00 17.53 45.49
CA LYS A 287 -12.49 16.29 46.05
C LYS A 287 -13.60 15.61 46.84
N VAL A 288 -13.80 14.32 46.58
CA VAL A 288 -14.94 13.58 47.13
C VAL A 288 -14.43 12.28 47.75
N ASN A 289 -15.00 11.90 48.88
CA ASN A 289 -14.73 10.62 49.51
C ASN A 289 -15.73 9.60 48.98
N LEU A 290 -15.25 8.66 48.16
CA LEU A 290 -16.08 7.63 47.55
C LEU A 290 -15.64 6.27 48.10
N ASN A 291 -16.37 5.77 49.09
CA ASN A 291 -16.11 4.47 49.71
C ASN A 291 -14.71 4.43 50.31
N GLY A 292 -14.44 5.38 51.21
CA GLY A 292 -13.17 5.46 51.89
C GLY A 292 -11.98 5.82 51.03
N THR A 293 -12.19 6.14 49.75
CA THR A 293 -11.12 6.51 48.84
C THR A 293 -11.40 7.90 48.29
N TYR A 294 -10.48 8.83 48.52
CA TYR A 294 -10.65 10.18 48.01
C TYR A 294 -10.56 10.19 46.49
N MET A 295 -11.58 10.77 45.85
CA MET A 295 -11.66 10.87 44.40
C MET A 295 -11.95 12.32 44.03
N LYS A 296 -11.83 12.62 42.73
CA LYS A 296 -12.09 13.95 42.22
C LYS A 296 -13.05 13.88 41.04
N GLU A 297 -13.96 14.84 40.97
CA GLU A 297 -14.92 14.89 39.88
C GLU A 297 -14.21 15.13 38.54
N TYR A 298 -14.85 14.66 37.47
CA TYR A 298 -14.27 14.80 36.14
C TYR A 298 -15.38 14.76 35.11
N TRP A 299 -15.22 15.55 34.05
CA TRP A 299 -16.15 15.55 32.93
C TRP A 299 -15.42 16.08 31.71
N GLY A 300 -15.84 15.61 30.53
CA GLY A 300 -15.24 16.06 29.30
C GLY A 300 -15.92 17.30 28.75
N GLU A 301 -15.27 17.90 27.74
CA GLU A 301 -15.84 19.08 27.09
C GLU A 301 -17.07 18.76 26.27
N GLY A 302 -17.39 17.48 26.05
CA GLY A 302 -18.64 17.11 25.42
C GLY A 302 -19.85 17.18 26.32
N ALA A 303 -19.63 17.31 27.63
CA ALA A 303 -20.74 17.44 28.57
C ALA A 303 -21.47 18.76 28.35
N ASN A 304 -22.76 18.75 28.69
CA ASN A 304 -23.59 19.93 28.46
C ASN A 304 -23.11 21.14 29.26
N ARG A 305 -22.57 20.91 30.46
CA ARG A 305 -22.06 22.01 31.26
C ARG A 305 -20.86 22.69 30.60
N ALA A 306 -20.15 21.99 29.72
CA ALA A 306 -19.02 22.56 28.99
C ALA A 306 -19.40 22.98 27.58
N ARG A 307 -20.03 22.08 26.82
CA ARG A 307 -20.47 22.41 25.47
C ARG A 307 -21.43 23.59 25.47
N ASN A 308 -22.40 23.59 26.39
CA ASN A 308 -23.36 24.67 26.48
C ASN A 308 -23.10 25.51 27.73
N TRP A 309 -21.87 25.97 27.90
CA TRP A 309 -21.53 26.81 29.05
C TRP A 309 -22.28 28.13 29.04
N GLN A 310 -22.75 28.58 27.87
CA GLN A 310 -23.49 29.84 27.80
C GLN A 310 -24.79 29.77 28.59
N ARG A 311 -25.35 28.57 28.77
CA ARG A 311 -26.55 28.40 29.57
C ARG A 311 -26.30 28.57 31.07
N TYR A 312 -25.06 28.78 31.47
CA TYR A 312 -24.73 28.93 32.89
C TYR A 312 -23.77 30.10 33.09
N GLY A 325 -24.09 17.27 37.50
CA GLY A 325 -23.64 16.82 36.20
C GLY A 325 -22.18 16.43 36.16
N VAL A 326 -21.90 15.19 36.60
CA VAL A 326 -20.54 14.66 36.65
C VAL A 326 -20.48 13.43 35.76
N ASP A 327 -19.49 13.40 34.86
CA ASP A 327 -19.35 12.28 33.94
C ASP A 327 -18.64 11.10 34.59
N SER A 328 -17.62 11.35 35.41
CA SER A 328 -16.83 10.27 35.98
C SER A 328 -16.06 10.81 37.19
N TYR A 329 -15.39 9.90 37.88
CA TYR A 329 -14.53 10.21 39.02
C TYR A 329 -13.14 9.64 38.77
N VAL A 330 -12.12 10.43 39.10
CA VAL A 330 -10.73 9.97 39.01
C VAL A 330 -10.13 9.96 40.42
N PRO A 331 -9.18 9.08 40.72
CA PRO A 331 -8.66 9.01 42.09
C PRO A 331 -7.77 10.19 42.43
N TYR A 332 -7.96 10.72 43.64
CA TYR A 332 -7.14 11.81 44.13
C TYR A 332 -5.68 11.37 44.25
N ALA A 333 -4.76 12.21 43.75
CA ALA A 333 -3.36 11.85 43.70
C ALA A 333 -2.44 12.74 44.52
N GLY A 334 -2.89 13.92 44.93
CA GLY A 334 -2.03 14.80 45.73
C GLY A 334 -1.57 16.03 44.96
N SER A 335 -0.36 16.51 45.28
CA SER A 335 0.15 17.72 44.64
C SER A 335 0.66 17.40 43.23
N LEU A 336 0.55 18.41 42.35
CA LEU A 336 1.06 18.25 41.00
C LEU A 336 2.57 18.06 40.99
N LYS A 337 3.28 18.82 41.83
CA LYS A 337 4.74 18.76 41.84
C LYS A 337 5.23 17.36 42.20
N ASP A 338 4.61 16.71 43.18
CA ASP A 338 5.08 15.40 43.61
C ASP A 338 4.85 14.35 42.54
N ASN A 339 3.70 14.40 41.86
CA ASN A 339 3.40 13.39 40.84
C ASN A 339 4.21 13.62 39.57
N VAL A 340 4.32 14.88 39.15
CA VAL A 340 5.07 15.17 37.92
C VAL A 340 6.52 14.78 38.07
N ALA A 341 7.12 15.06 39.23
CA ALA A 341 8.51 14.69 39.45
C ALA A 341 8.70 13.17 39.38
N ILE A 342 7.71 12.41 39.84
CA ILE A 342 7.77 10.96 39.74
C ILE A 342 7.63 10.52 38.29
N SER A 343 6.68 11.12 37.56
CA SER A 343 6.47 10.74 36.16
C SER A 343 7.68 11.08 35.31
N LEU A 344 8.34 12.20 35.60
CA LEU A 344 9.47 12.64 34.78
C LEU A 344 10.76 11.92 35.14
N SER A 345 10.89 11.44 36.37
CA SER A 345 12.02 10.58 36.70
C SER A 345 11.97 9.28 35.90
N LYS A 346 10.77 8.71 35.74
CA LYS A 346 10.63 7.53 34.91
C LYS A 346 10.95 7.84 33.45
N VAL A 347 10.51 9.01 32.96
CA VAL A 347 10.82 9.40 31.59
C VAL A 347 12.32 9.57 31.41
N ARG A 348 12.96 10.29 32.34
CA ARG A 348 14.38 10.56 32.22
C ARG A 348 15.20 9.27 32.33
N SER A 349 14.80 8.37 33.23
CA SER A 349 15.55 7.12 33.39
C SER A 349 15.35 6.20 32.19
N THR A 350 14.17 6.23 31.57
CA THR A 350 13.94 5.41 30.38
C THR A 350 14.76 5.92 29.20
N MET A 351 14.86 7.24 29.05
CA MET A 351 15.66 7.80 27.96
C MET A 351 17.14 7.48 28.13
N CYS A 352 17.60 7.33 29.37
CA CYS A 352 18.99 6.91 29.59
C CYS A 352 19.21 5.49 29.09
N ASN A 353 18.27 4.58 29.37
CA ASN A 353 18.40 3.20 28.92
C ASN A 353 18.38 3.09 27.41
N CYS A 354 17.80 4.07 26.72
CA CYS A 354 17.81 4.13 25.26
C CYS A 354 19.00 4.90 24.72
N GLY A 355 19.91 5.34 25.58
CA GLY A 355 21.07 6.09 25.12
C GLY A 355 20.72 7.45 24.57
N ALA A 356 19.77 8.14 25.20
CA ALA A 356 19.26 9.42 24.72
C ALA A 356 19.27 10.44 25.84
N LEU A 357 19.98 11.55 25.63
CA LEU A 357 20.07 12.62 26.61
C LEU A 357 19.09 13.76 26.36
N ASN A 358 18.36 13.73 25.25
CA ASN A 358 17.32 14.71 24.98
C ASN A 358 16.23 14.06 24.14
N ILE A 359 15.12 14.76 24.00
CA ILE A 359 13.95 14.22 23.31
C ILE A 359 14.24 13.98 21.83
N PRO A 360 14.82 14.93 21.09
CA PRO A 360 15.19 14.62 19.69
C PRO A 360 16.13 13.44 19.58
N GLU A 361 17.03 13.25 20.54
CA GLU A 361 17.91 12.08 20.53
C GLU A 361 17.12 10.80 20.77
N LEU A 362 16.10 10.86 21.65
CA LEU A 362 15.22 9.71 21.85
C LEU A 362 14.47 9.37 20.57
N GLN A 363 13.92 10.38 19.90
CA GLN A 363 13.17 10.16 18.67
C GLN A 363 14.04 9.59 17.56
N GLN A 364 15.37 9.69 17.69
CA GLN A 364 16.27 9.17 16.66
C GLN A 364 16.73 7.76 16.96
N LYS A 365 16.94 7.41 18.23
CA LYS A 365 17.50 6.13 18.61
C LYS A 365 16.47 5.13 19.12
N ALA A 366 15.20 5.51 19.17
CA ALA A 366 14.19 4.65 19.81
C ALA A 366 13.88 3.44 18.95
N LYS A 367 13.77 2.28 19.59
CA LYS A 367 13.30 1.04 18.97
C LYS A 367 11.92 0.75 19.54
N ILE A 368 10.89 0.85 18.69
CA ILE A 368 9.51 0.67 19.10
C ILE A 368 8.95 -0.55 18.37
N THR A 369 8.55 -1.56 19.13
CA THR A 369 8.04 -2.80 18.58
C THR A 369 6.67 -3.12 19.17
N LEU A 370 5.96 -4.01 18.50
CA LEU A 370 4.61 -4.39 18.92
C LEU A 370 4.67 -5.41 20.05
N VAL A 371 3.66 -5.35 20.92
CA VAL A 371 3.50 -6.28 22.03
C VAL A 371 2.23 -7.09 21.81
N SER A 372 2.35 -8.41 21.91
CA SER A 372 1.22 -9.30 21.67
C SER A 372 0.59 -9.72 23.00
N ALA B 1 9.81 17.66 -62.92
CA ALA B 1 9.27 17.08 -61.70
C ALA B 1 9.85 17.75 -60.46
N MET B 2 9.36 18.94 -60.14
CA MET B 2 9.89 19.74 -59.04
C MET B 2 9.06 19.54 -57.78
N ALA B 3 9.73 19.64 -56.64
CA ALA B 3 9.08 19.68 -55.33
C ALA B 3 9.43 21.00 -54.65
N PHE B 4 8.47 21.56 -53.92
CA PHE B 4 8.65 22.85 -53.28
C PHE B 4 8.48 22.70 -51.77
N TYR B 5 9.41 23.26 -51.01
CA TYR B 5 9.39 23.19 -49.56
C TYR B 5 9.29 24.60 -48.99
N PHE B 6 8.48 24.75 -47.95
CA PHE B 6 8.17 26.05 -47.36
C PHE B 6 8.58 26.04 -45.88
N GLU B 7 9.88 25.97 -45.63
CA GLU B 7 10.42 26.06 -44.28
C GLU B 7 10.55 27.51 -43.86
N GLU B 8 10.17 27.79 -42.61
CA GLU B 8 10.27 29.15 -42.10
C GLU B 8 11.73 29.54 -41.90
N PRO B 9 12.10 30.79 -42.18
CA PRO B 9 13.48 31.21 -41.94
C PRO B 9 13.83 31.17 -40.46
N SER B 10 15.07 30.77 -40.17
CA SER B 10 15.54 30.64 -38.81
C SER B 10 16.95 31.23 -38.70
N ARG B 11 17.15 32.12 -37.74
CA ARG B 11 18.44 32.75 -37.51
C ARG B 11 19.02 32.32 -36.17
N THR B 12 20.35 32.26 -36.12
CA THR B 12 21.08 31.94 -34.91
C THR B 12 21.50 33.21 -34.19
N PHE B 13 22.04 33.03 -32.98
CA PHE B 13 22.47 34.18 -32.18
C PHE B 13 23.63 34.93 -32.83
N SER B 14 24.45 34.23 -33.61
CA SER B 14 25.63 34.85 -34.20
C SER B 14 25.30 35.85 -35.31
N GLU B 15 24.03 35.96 -35.71
CA GLU B 15 23.63 36.87 -36.77
C GLU B 15 23.13 38.22 -36.25
N PHE B 16 23.09 38.41 -34.93
CA PHE B 16 22.60 39.63 -34.33
C PHE B 16 23.71 40.31 -33.52
N LEU B 17 23.46 41.56 -33.13
CA LEU B 17 24.45 42.35 -32.41
C LEU B 17 23.75 43.37 -31.53
N LEU B 18 24.30 43.60 -30.35
CA LEU B 18 23.82 44.63 -29.43
C LEU B 18 24.65 45.88 -29.62
N VAL B 19 23.99 46.97 -30.01
CA VAL B 19 24.64 48.26 -30.20
C VAL B 19 24.39 49.11 -28.96
N PRO B 20 25.42 49.64 -28.31
CA PRO B 20 25.21 50.50 -27.15
C PRO B 20 24.64 51.86 -27.56
N GLY B 21 24.20 52.61 -26.55
CA GLY B 21 23.62 53.92 -26.78
C GLY B 21 24.26 55.01 -25.94
N CYS B 27 27.70 54.91 -15.62
CA CYS B 27 27.29 53.54 -15.30
C CYS B 27 28.47 52.72 -14.78
N VAL B 28 28.30 52.17 -13.59
CA VAL B 28 29.29 51.27 -12.99
C VAL B 28 28.80 49.84 -13.15
N PRO B 29 29.62 48.93 -13.70
CA PRO B 29 29.12 47.57 -13.95
C PRO B 29 28.62 46.84 -12.72
N THR B 30 29.23 47.08 -11.55
CA THR B 30 28.77 46.42 -10.33
C THR B 30 27.45 46.98 -9.81
N ASN B 31 26.94 48.06 -10.42
CA ASN B 31 25.61 48.55 -10.09
C ASN B 31 24.51 47.83 -10.85
N VAL B 32 24.86 46.99 -11.82
CA VAL B 32 23.88 46.32 -12.66
C VAL B 32 23.28 45.15 -11.88
N SER B 33 21.95 45.06 -11.89
CA SER B 33 21.25 43.96 -11.25
C SER B 33 20.95 42.87 -12.26
N LEU B 34 21.38 41.65 -11.95
CA LEU B 34 21.12 40.49 -12.80
C LEU B 34 19.98 39.63 -12.28
N LYS B 35 19.19 40.14 -11.33
CA LYS B 35 18.06 39.39 -10.82
C LYS B 35 16.97 39.28 -11.89
N THR B 36 16.22 38.19 -11.85
CA THR B 36 15.21 37.93 -12.86
C THR B 36 14.18 36.96 -12.30
N PRO B 37 12.93 37.04 -12.74
CA PRO B 37 11.91 36.09 -12.30
C PRO B 37 11.89 34.82 -13.14
N ILE B 38 11.49 33.72 -12.50
CA ILE B 38 11.30 32.45 -13.19
C ILE B 38 9.92 31.86 -12.98
N VAL B 39 9.08 32.48 -12.16
CA VAL B 39 7.72 32.03 -11.91
C VAL B 39 6.77 33.13 -12.34
N LYS B 40 5.71 32.76 -13.06
CA LYS B 40 4.77 33.75 -13.59
C LYS B 40 4.17 34.58 -12.45
N PHE B 41 3.99 35.87 -12.73
CA PHE B 41 3.45 36.80 -11.75
C PHE B 41 2.50 37.75 -12.47
N LYS B 42 1.51 38.24 -11.73
CA LYS B 42 0.55 39.17 -12.30
C LYS B 42 1.19 40.56 -12.49
N LYS B 43 0.52 41.37 -13.30
CA LYS B 43 0.97 42.72 -13.61
C LYS B 43 1.17 43.54 -12.34
N GLY B 44 2.43 43.79 -11.98
CA GLY B 44 2.76 44.55 -10.79
C GLY B 44 3.08 43.71 -9.57
N GLU B 45 2.86 42.40 -9.62
CA GLU B 45 3.14 41.53 -8.50
C GLU B 45 4.63 41.19 -8.45
N GLU B 46 5.01 40.43 -7.43
CA GLU B 46 6.37 39.95 -7.25
C GLU B 46 6.40 38.44 -7.45
N SER B 47 7.33 37.97 -8.26
CA SER B 47 7.39 36.55 -8.59
C SER B 47 7.74 35.73 -7.35
N ALA B 48 7.21 34.50 -7.32
CA ALA B 48 7.41 33.64 -6.16
C ALA B 48 8.87 33.21 -6.02
N ILE B 49 9.62 33.16 -7.11
CA ILE B 49 11.04 32.81 -7.09
C ILE B 49 11.79 33.75 -8.00
N THR B 50 12.73 34.51 -7.44
CA THR B 50 13.54 35.46 -8.19
C THR B 50 15.01 35.06 -8.05
N MET B 51 15.60 34.58 -9.15
CA MET B 51 17.02 34.27 -9.15
C MET B 51 17.84 35.55 -9.07
N ASN B 52 19.08 35.40 -8.60
CA ASN B 52 20.00 36.53 -8.53
C ASN B 52 20.85 36.66 -9.79
N ILE B 53 21.08 35.56 -10.50
CA ILE B 53 21.75 35.59 -11.80
C ILE B 53 20.82 34.89 -12.79
N PRO B 54 20.84 35.25 -14.07
CA PRO B 54 19.87 34.67 -15.01
C PRO B 54 20.31 33.36 -15.63
N LEU B 55 21.10 32.57 -14.91
CA LEU B 55 21.67 31.33 -15.43
C LEU B 55 21.01 30.12 -14.77
N VAL B 56 20.62 29.15 -15.58
CA VAL B 56 20.18 27.84 -15.10
C VAL B 56 20.88 26.78 -15.93
N SER B 57 21.11 25.63 -15.32
CA SER B 57 21.79 24.54 -16.01
C SER B 57 20.77 23.57 -16.62
N ALA B 58 21.21 22.88 -17.66
CA ALA B 58 20.32 22.04 -18.44
C ALA B 58 19.87 20.82 -17.65
N ILE B 59 18.76 20.23 -18.09
CA ILE B 59 18.23 19.00 -17.50
C ILE B 59 18.88 17.81 -18.18
N MET B 60 20.16 17.57 -17.88
CA MET B 60 20.94 16.57 -18.59
C MET B 60 21.80 15.78 -17.60
N GLN B 61 21.99 14.49 -17.92
CA GLN B 61 22.85 13.65 -17.09
C GLN B 61 24.27 14.22 -17.00
N ALA B 62 24.74 14.85 -18.06
CA ALA B 62 26.11 15.34 -18.13
C ALA B 62 26.28 16.71 -17.50
N VAL B 63 25.21 17.30 -16.96
CA VAL B 63 25.27 18.69 -16.51
C VAL B 63 24.85 18.82 -15.05
N SER B 64 23.57 18.58 -14.77
CA SER B 64 22.95 18.98 -13.51
C SER B 64 22.84 17.77 -12.58
N ASP B 65 23.73 17.68 -11.61
CA ASP B 65 23.63 16.75 -10.49
C ASP B 65 23.55 17.55 -9.19
N ASP B 66 23.66 16.86 -8.06
CA ASP B 66 23.59 17.56 -6.77
C ASP B 66 24.77 18.50 -6.57
N ASN B 67 25.95 18.13 -7.09
CA ASN B 67 27.10 19.02 -6.96
C ASN B 67 26.94 20.26 -7.84
N MET B 68 26.33 20.09 -9.02
CA MET B 68 26.06 21.24 -9.87
C MET B 68 25.02 22.16 -9.23
N GLY B 69 23.98 21.58 -8.64
CA GLY B 69 22.94 22.39 -8.02
C GLY B 69 23.45 23.22 -6.86
N ILE B 70 24.34 22.64 -6.04
CA ILE B 70 24.93 23.40 -4.94
C ILE B 70 25.76 24.56 -5.48
N ALA B 71 26.61 24.28 -6.47
CA ALA B 71 27.53 25.30 -6.97
C ALA B 71 26.79 26.42 -7.69
N LEU B 72 25.78 26.07 -8.48
CA LEU B 72 25.05 27.10 -9.22
C LEU B 72 24.11 27.89 -8.33
N ALA B 73 23.52 27.26 -7.31
CA ALA B 73 22.71 28.01 -6.36
C ALA B 73 23.57 28.95 -5.53
N THR B 74 24.81 28.58 -5.26
CA THR B 74 25.71 29.46 -4.51
C THR B 74 25.96 30.76 -5.25
N GLU B 75 26.07 30.69 -6.58
CA GLU B 75 26.30 31.90 -7.38
C GLU B 75 25.01 32.66 -7.63
N GLY B 76 23.85 32.04 -7.44
CA GLY B 76 22.58 32.73 -7.60
C GLY B 76 21.66 32.14 -8.64
N GLY B 77 22.04 30.98 -9.18
CA GLY B 77 21.25 30.31 -10.20
C GLY B 77 20.49 29.11 -9.65
N VAL B 78 19.86 28.38 -10.58
CA VAL B 78 19.10 27.19 -10.27
C VAL B 78 19.52 26.09 -11.23
N SER B 79 19.81 24.91 -10.67
CA SER B 79 20.06 23.73 -11.49
C SER B 79 18.81 22.86 -11.50
N PHE B 80 18.45 22.36 -12.67
CA PHE B 80 17.33 21.44 -12.83
C PHE B 80 17.90 20.03 -12.90
N ILE B 81 17.83 19.31 -11.78
CA ILE B 81 18.33 17.94 -11.70
C ILE B 81 17.73 17.12 -12.82
N PHE B 82 18.57 16.34 -13.51
CA PHE B 82 18.12 15.59 -14.67
C PHE B 82 17.17 14.47 -14.25
N GLY B 83 16.19 14.20 -15.10
CA GLY B 83 15.17 13.23 -14.82
C GLY B 83 15.29 11.92 -15.57
N SER B 84 16.37 11.75 -16.34
CA SER B 84 16.62 10.49 -17.04
C SER B 84 17.34 9.53 -16.09
N GLN B 85 16.61 9.14 -15.05
CA GLN B 85 17.13 8.30 -13.98
C GLN B 85 15.93 7.85 -13.14
N SER B 86 16.21 7.01 -12.14
CA SER B 86 15.15 6.54 -11.26
C SER B 86 14.59 7.70 -10.44
N ILE B 87 13.35 7.52 -9.99
CA ILE B 87 12.68 8.56 -9.21
C ILE B 87 13.40 8.75 -7.87
N GLU B 88 13.87 7.67 -7.26
CA GLU B 88 14.58 7.78 -5.99
C GLU B 88 15.92 8.48 -6.16
N SER B 89 16.63 8.19 -7.25
CA SER B 89 17.93 8.82 -7.48
C SER B 89 17.78 10.33 -7.64
N GLU B 90 16.79 10.77 -8.43
CA GLU B 90 16.60 12.20 -8.61
C GLU B 90 16.16 12.87 -7.32
N ALA B 91 15.23 12.26 -6.59
CA ALA B 91 14.79 12.83 -5.33
C ALA B 91 15.93 12.88 -4.32
N ALA B 92 16.82 11.87 -4.34
CA ALA B 92 17.97 11.88 -3.44
C ALA B 92 18.91 13.02 -3.78
N MET B 93 19.13 13.29 -5.06
CA MET B 93 19.99 14.41 -5.45
C MET B 93 19.35 15.75 -5.12
N VAL B 94 18.04 15.87 -5.35
CA VAL B 94 17.33 17.07 -4.91
C VAL B 94 17.44 17.24 -3.41
N SER B 95 17.28 16.15 -2.66
CA SER B 95 17.40 16.20 -1.21
C SER B 95 18.82 16.59 -0.79
N ARG B 96 19.82 16.09 -1.51
CA ARG B 96 21.21 16.43 -1.20
C ARG B 96 21.47 17.92 -1.36
N VAL B 97 20.76 18.59 -2.26
CA VAL B 97 20.96 20.03 -2.43
C VAL B 97 20.17 20.80 -1.37
N LYS B 98 18.93 20.40 -1.10
CA LYS B 98 18.12 21.11 -0.11
C LYS B 98 18.69 20.98 1.29
N ASN B 99 19.53 19.97 1.54
CA ASN B 99 20.09 19.74 2.87
C ASN B 99 21.55 20.14 2.99
N HIS B 100 22.17 20.63 1.92
CA HIS B 100 23.48 21.26 2.05
C HIS B 100 23.33 22.54 2.85
N LYS B 101 24.25 22.75 3.79
CA LYS B 101 24.03 23.71 4.88
C LYS B 101 23.77 25.12 4.37
N SER B 102 24.51 25.56 3.35
CA SER B 102 24.46 26.93 2.87
C SER B 102 24.87 27.92 3.96
N LYS B 115 26.59 36.07 -0.75
CA LYS B 115 26.04 37.40 -1.04
C LYS B 115 24.96 37.32 -2.11
N LEU B 116 25.24 36.58 -3.18
CA LEU B 116 24.26 36.31 -4.22
C LEU B 116 23.66 34.91 -4.11
N GLU B 117 23.94 34.21 -3.02
CA GLU B 117 23.37 32.87 -2.81
C GLU B 117 21.86 32.91 -2.91
N LEU B 118 21.31 31.91 -3.61
CA LEU B 118 19.87 31.80 -3.79
C LEU B 118 19.33 30.80 -2.78
N LEU B 119 18.54 31.30 -1.83
CA LEU B 119 18.00 30.49 -0.74
C LEU B 119 16.48 30.61 -0.72
N ASP B 120 15.83 29.58 -0.17
CA ASP B 120 14.38 29.58 -0.07
C ASP B 120 13.97 30.24 1.26
N SER B 121 12.72 30.03 1.67
CA SER B 121 12.26 30.63 2.93
C SER B 121 12.99 30.05 4.13
N SER B 122 13.42 28.79 4.06
CA SER B 122 14.09 28.14 5.16
C SER B 122 15.62 28.23 5.07
N LYS B 123 16.13 29.20 4.32
CA LYS B 123 17.58 29.41 4.16
C LYS B 123 18.26 28.20 3.55
N ARG B 124 17.56 27.47 2.69
CA ARG B 124 18.11 26.32 1.99
C ARG B 124 18.35 26.65 0.53
N TYR B 125 19.35 25.99 -0.06
CA TYR B 125 19.67 26.21 -1.46
C TYR B 125 18.48 25.88 -2.35
N VAL B 126 18.19 26.77 -3.29
CA VAL B 126 17.09 26.56 -4.24
C VAL B 126 17.57 25.63 -5.34
N VAL B 127 16.75 24.65 -5.68
CA VAL B 127 17.08 23.69 -6.73
C VAL B 127 15.82 23.34 -7.50
N GLY B 128 16.00 22.97 -8.77
CA GLY B 128 14.92 22.51 -9.61
C GLY B 128 15.10 21.03 -9.94
N ALA B 129 14.07 20.47 -10.56
CA ALA B 129 14.07 19.06 -10.93
C ALA B 129 13.28 18.88 -12.21
N GLY B 130 13.80 18.03 -13.10
CA GLY B 130 13.14 17.76 -14.36
C GLY B 130 12.20 16.55 -14.25
N ILE B 131 11.01 16.71 -14.83
CA ILE B 131 10.04 15.62 -14.88
C ILE B 131 9.72 15.35 -16.36
N ASN B 132 9.29 14.12 -16.62
CA ASN B 132 8.86 13.72 -17.95
C ASN B 132 7.34 13.60 -17.98
N THR B 133 6.82 13.40 -19.19
CA THR B 133 5.37 13.29 -19.40
C THR B 133 4.86 11.86 -19.24
N ARG B 134 5.58 11.02 -18.50
CA ARG B 134 5.22 9.62 -18.35
C ARG B 134 4.91 9.27 -16.90
N ASP B 135 5.93 9.15 -16.03
CA ASP B 135 5.74 8.71 -14.66
C ASP B 135 5.54 9.87 -13.68
N TYR B 136 4.88 10.95 -14.12
CA TYR B 136 4.76 12.13 -13.28
C TYR B 136 3.90 11.87 -12.04
N GLU B 137 2.95 10.94 -12.12
CA GLU B 137 2.10 10.67 -10.97
C GLU B 137 2.88 10.09 -9.79
N GLU B 138 4.03 9.45 -10.05
CA GLU B 138 4.89 8.98 -8.98
C GLU B 138 6.13 9.84 -8.78
N ARG B 139 6.60 10.52 -9.83
CA ARG B 139 7.82 11.32 -9.74
C ARG B 139 7.58 12.71 -9.16
N VAL B 140 6.45 13.35 -9.49
CA VAL B 140 6.17 14.69 -8.97
C VAL B 140 6.05 14.70 -7.46
N PRO B 141 5.26 13.82 -6.81
CA PRO B 141 5.22 13.86 -5.34
C PRO B 141 6.56 13.59 -4.68
N ALA B 142 7.35 12.67 -5.24
CA ALA B 142 8.66 12.37 -4.67
C ALA B 142 9.59 13.57 -4.78
N LEU B 143 9.50 14.32 -5.89
CA LEU B 143 10.32 15.51 -6.04
C LEU B 143 9.79 16.64 -5.16
N VAL B 144 8.47 16.75 -5.03
CA VAL B 144 7.89 17.71 -4.10
C VAL B 144 8.30 17.39 -2.67
N GLU B 145 8.27 16.11 -2.31
CA GLU B 145 8.63 15.70 -0.96
C GLU B 145 10.10 15.96 -0.67
N ALA B 146 10.97 15.83 -1.68
CA ALA B 146 12.40 16.04 -1.48
C ALA B 146 12.75 17.51 -1.32
N GLY B 147 11.83 18.42 -1.60
CA GLY B 147 12.07 19.83 -1.45
C GLY B 147 12.33 20.61 -2.72
N ALA B 148 12.00 20.06 -3.88
CA ALA B 148 12.24 20.76 -5.14
C ALA B 148 11.47 22.07 -5.17
N ASP B 149 12.21 23.18 -5.30
CA ASP B 149 11.57 24.49 -5.30
C ASP B 149 10.78 24.75 -6.57
N ILE B 150 11.12 24.08 -7.67
CA ILE B 150 10.43 24.27 -8.94
C ILE B 150 10.67 23.03 -9.78
N LEU B 151 9.69 22.70 -10.62
CA LEU B 151 9.80 21.59 -11.55
C LEU B 151 9.84 22.12 -12.98
N CYS B 152 10.26 21.26 -13.90
CA CYS B 152 10.26 21.62 -15.31
C CYS B 152 10.08 20.37 -16.15
N ILE B 153 9.08 20.39 -17.04
CA ILE B 153 8.82 19.26 -17.93
C ILE B 153 9.88 19.25 -19.01
N ASP B 154 10.75 18.23 -18.99
CA ASP B 154 11.83 18.10 -19.96
C ASP B 154 11.28 17.37 -21.18
N SER B 155 10.80 18.13 -22.16
CA SER B 155 10.20 17.58 -23.35
C SER B 155 10.63 18.41 -24.56
N SER B 156 10.00 18.15 -25.70
N SER B 156 10.02 18.16 -25.71
CA SER B 156 10.34 18.80 -26.96
CA SER B 156 10.36 18.93 -26.90
C SER B 156 9.10 19.46 -27.57
C SER B 156 9.11 19.48 -27.56
N GLU B 157 9.24 19.97 -28.79
CA GLU B 157 8.11 20.62 -29.47
C GLU B 157 7.01 19.63 -29.79
N GLY B 158 7.37 18.39 -30.13
CA GLY B 158 6.40 17.43 -30.60
C GLY B 158 5.55 16.76 -29.55
N TYR B 159 5.66 17.16 -28.29
CA TYR B 159 4.92 16.53 -27.20
C TYR B 159 4.17 17.57 -26.39
N SER B 160 3.61 18.58 -27.07
CA SER B 160 2.91 19.65 -26.37
C SER B 160 1.67 19.10 -25.64
N GLU B 161 0.95 18.17 -26.26
CA GLU B 161 -0.23 17.60 -25.63
C GLU B 161 0.13 16.90 -24.33
N TRP B 162 1.20 16.11 -24.33
CA TRP B 162 1.59 15.40 -23.13
C TRP B 162 2.25 16.34 -22.12
N GLN B 163 2.84 17.44 -22.59
CA GLN B 163 3.27 18.49 -21.68
C GLN B 163 2.07 19.11 -20.96
N LYS B 164 0.96 19.26 -21.66
CA LYS B 164 -0.25 19.82 -21.05
C LYS B 164 -0.81 18.88 -19.99
N ARG B 165 -0.84 17.58 -20.29
CA ARG B 165 -1.41 16.62 -19.35
C ARG B 165 -0.63 16.59 -18.05
N THR B 166 0.70 16.69 -18.13
CA THR B 166 1.50 16.79 -16.92
C THR B 166 1.19 18.09 -16.17
N LEU B 167 0.99 19.18 -16.91
CA LEU B 167 0.57 20.43 -16.27
C LEU B 167 -0.83 20.30 -15.68
N ASP B 168 -1.74 19.66 -16.42
CA ASP B 168 -3.09 19.46 -15.90
C ASP B 168 -3.08 18.55 -14.67
N TYR B 169 -2.13 17.63 -14.59
CA TYR B 169 -2.01 16.80 -13.40
C TYR B 169 -1.53 17.63 -12.20
N VAL B 170 -0.46 18.41 -12.39
CA VAL B 170 0.09 19.19 -11.29
C VAL B 170 -0.94 20.19 -10.77
N ARG B 171 -1.60 20.89 -11.69
CA ARG B 171 -2.61 21.87 -11.28
C ARG B 171 -3.81 21.19 -10.62
N GLY B 172 -4.16 19.99 -11.07
CA GLY B 172 -5.29 19.30 -10.47
C GLY B 172 -5.00 18.81 -9.06
N LYS B 173 -3.78 18.33 -8.83
CA LYS B 173 -3.41 17.80 -7.52
C LYS B 173 -2.86 18.87 -6.57
N TYR B 174 -2.20 19.90 -7.10
CA TYR B 174 -1.54 20.89 -6.27
C TYR B 174 -1.98 22.32 -6.52
N GLY B 175 -2.68 22.61 -7.60
CA GLY B 175 -3.03 23.99 -7.91
C GLY B 175 -1.77 24.78 -8.23
N ASP B 176 -1.62 25.93 -7.57
CA ASP B 176 -0.46 26.78 -7.76
C ASP B 176 0.57 26.63 -6.64
N THR B 177 0.42 25.63 -5.78
CA THR B 177 1.37 25.39 -4.71
C THR B 177 2.67 24.74 -5.21
N VAL B 178 2.69 24.24 -6.44
CA VAL B 178 3.87 23.63 -7.03
C VAL B 178 4.15 24.34 -8.35
N LYS B 179 5.36 24.89 -8.48
CA LYS B 179 5.76 25.60 -9.68
C LYS B 179 6.39 24.62 -10.67
N VAL B 180 5.90 24.64 -11.91
CA VAL B 180 6.37 23.73 -12.95
C VAL B 180 6.42 24.48 -14.27
N GLY B 181 7.58 24.43 -14.93
CA GLY B 181 7.73 24.96 -16.27
C GLY B 181 7.65 23.85 -17.31
N ALA B 182 7.55 24.28 -18.57
CA ALA B 182 7.37 23.35 -19.67
C ALA B 182 8.10 23.84 -20.90
N GLY B 183 8.59 22.89 -21.70
CA GLY B 183 9.30 23.21 -22.93
C GLY B 183 9.55 21.94 -23.71
N ASN B 184 10.04 22.12 -24.93
CA ASN B 184 10.35 23.42 -25.51
C ASN B 184 9.33 23.82 -26.57
N VAL B 185 9.20 25.13 -26.82
CA VAL B 185 8.36 25.66 -27.87
C VAL B 185 9.20 26.59 -28.73
N VAL B 186 8.69 26.85 -29.94
CA VAL B 186 9.40 27.69 -30.90
C VAL B 186 8.42 28.62 -31.60
N ASP B 187 7.15 28.58 -31.20
CA ASP B 187 6.10 29.25 -31.94
C ASP B 187 5.11 29.89 -30.97
N ARG B 188 4.27 30.78 -31.52
CA ARG B 188 3.21 31.39 -30.75
C ARG B 188 2.19 30.36 -30.29
N ASP B 189 1.80 29.44 -31.18
CA ASP B 189 0.82 28.43 -30.85
C ASP B 189 1.30 27.51 -29.73
N GLY B 190 2.60 27.24 -29.68
CA GLY B 190 3.13 26.39 -28.62
C GLY B 190 3.20 27.09 -27.28
N PHE B 191 3.44 28.40 -27.28
CA PHE B 191 3.51 29.14 -26.02
C PHE B 191 2.15 29.22 -25.35
N ARG B 192 1.11 29.62 -26.10
CA ARG B 192 -0.21 29.81 -25.51
C ARG B 192 -0.77 28.51 -24.95
N TYR B 193 -0.47 27.38 -25.60
CA TYR B 193 -0.99 26.10 -25.14
C TYR B 193 -0.50 25.78 -23.73
N LEU B 194 0.81 25.90 -23.51
CA LEU B 194 1.35 25.65 -22.17
C LEU B 194 0.98 26.76 -21.20
N ALA B 195 0.77 27.98 -21.73
CA ALA B 195 0.35 29.09 -20.87
C ALA B 195 -1.04 28.85 -20.30
N GLU B 196 -1.97 28.41 -21.15
CA GLU B 196 -3.32 28.13 -20.68
C GLU B 196 -3.33 26.96 -19.70
N ALA B 197 -2.46 25.96 -19.91
CA ALA B 197 -2.37 24.83 -19.00
C ALA B 197 -1.80 25.21 -17.64
N GLY B 198 -1.21 26.40 -17.50
CA GLY B 198 -0.73 26.88 -16.23
C GLY B 198 0.76 26.84 -16.02
N ALA B 199 1.56 26.79 -17.09
CA ALA B 199 3.01 26.74 -16.96
C ALA B 199 3.52 28.01 -16.29
N ASP B 200 4.34 27.84 -15.25
CA ASP B 200 4.89 29.00 -14.55
C ASP B 200 5.99 29.68 -15.34
N PHE B 201 6.64 28.96 -16.24
CA PHE B 201 7.52 29.57 -17.22
C PHE B 201 7.55 28.67 -18.45
N VAL B 202 7.94 29.25 -19.58
CA VAL B 202 7.95 28.56 -20.86
C VAL B 202 9.39 28.52 -21.37
N LYS B 203 9.89 27.32 -21.64
CA LYS B 203 11.24 27.14 -22.14
C LYS B 203 11.22 27.12 -23.66
N VAL B 204 12.15 27.85 -24.26
CA VAL B 204 12.19 28.06 -25.71
C VAL B 204 13.47 27.47 -26.25
N GLY B 205 13.35 26.56 -27.21
CA GLY B 205 14.52 25.94 -27.81
C GLY B 205 14.10 24.97 -28.89
N VAL B 206 15.07 24.64 -29.75
CA VAL B 206 14.82 23.71 -30.83
C VAL B 206 14.80 22.27 -30.32
N GLY B 207 15.69 21.95 -29.39
CA GLY B 207 15.80 20.59 -28.89
C GLY B 207 14.95 20.30 -27.67
N GLY B 208 15.57 19.77 -26.62
CA GLY B 208 14.86 19.39 -25.42
C GLY B 208 14.36 17.96 -25.47
N GLY B 209 14.18 17.39 -24.28
CA GLY B 209 13.70 16.02 -24.18
C GLY B 209 14.75 15.00 -24.63
N SER B 210 14.26 13.81 -24.98
CA SER B 210 15.10 12.72 -25.44
C SER B 210 15.15 12.61 -26.96
N ILE B 211 14.68 13.64 -27.67
CA ILE B 211 14.81 13.64 -29.13
C ILE B 211 16.28 13.83 -29.51
N CYS B 212 16.59 13.54 -30.77
CA CYS B 212 17.93 13.74 -31.28
C CYS B 212 18.02 15.08 -32.00
N ILE B 213 19.21 15.68 -31.93
CA ILE B 213 19.42 16.99 -32.54
C ILE B 213 20.30 16.88 -33.79
N GLY B 223 18.72 28.62 -35.26
CA GLY B 223 17.29 28.81 -35.18
C GLY B 223 16.82 29.21 -33.79
N GLN B 224 17.76 29.31 -32.86
CA GLN B 224 17.41 29.65 -31.48
C GLN B 224 16.99 31.11 -31.34
N ALA B 225 17.61 32.01 -32.12
CA ALA B 225 17.23 33.42 -32.05
C ALA B 225 15.82 33.65 -32.57
N THR B 226 15.51 33.09 -33.74
CA THR B 226 14.17 33.24 -34.31
C THR B 226 13.11 32.69 -33.37
N ALA B 227 13.36 31.52 -32.78
CA ALA B 227 12.40 30.94 -31.85
C ALA B 227 12.23 31.80 -30.61
N LEU B 228 13.31 32.44 -30.16
CA LEU B 228 13.23 33.31 -28.99
C LEU B 228 12.47 34.59 -29.31
N ILE B 229 12.71 35.18 -30.48
CA ILE B 229 12.01 36.39 -30.87
C ILE B 229 10.51 36.11 -31.04
N ASP B 230 10.19 34.95 -31.62
CA ASP B 230 8.79 34.61 -31.87
C ASP B 230 8.02 34.45 -30.56
N VAL B 231 8.55 33.64 -29.64
CA VAL B 231 7.85 33.40 -28.38
C VAL B 231 7.81 34.66 -27.54
N ALA B 232 8.85 35.50 -27.62
CA ALA B 232 8.83 36.75 -26.88
C ALA B 232 7.70 37.66 -27.34
N LYS B 233 7.41 37.65 -28.65
CA LYS B 233 6.27 38.41 -29.14
C LYS B 233 4.96 37.81 -28.65
N ALA B 234 4.84 36.48 -28.70
CA ALA B 234 3.63 35.82 -28.20
C ALA B 234 3.48 36.03 -26.70
N ARG B 235 4.60 36.02 -25.98
CA ARG B 235 4.55 36.26 -24.53
C ARG B 235 4.11 37.69 -24.23
N ASP B 236 4.68 38.67 -24.94
CA ASP B 236 4.28 40.06 -24.74
C ASP B 236 2.82 40.25 -25.12
N GLU B 237 2.38 39.64 -26.22
CA GLU B 237 0.97 39.72 -26.60
C GLU B 237 0.08 39.04 -25.55
N TYR B 238 0.52 37.89 -25.04
CA TYR B 238 -0.23 37.23 -23.98
C TYR B 238 -0.22 38.05 -22.69
N PHE B 239 0.80 38.88 -22.50
CA PHE B 239 0.86 39.71 -21.30
C PHE B 239 -0.18 40.81 -21.31
N GLU B 240 -0.55 41.31 -22.49
CA GLU B 240 -1.59 42.33 -22.57
C GLU B 240 -3.00 41.73 -22.49
N GLU B 241 -3.17 40.50 -22.97
CA GLU B 241 -4.50 39.88 -22.97
C GLU B 241 -4.91 39.47 -21.56
N THR B 242 -3.96 39.11 -20.70
CA THR B 242 -4.28 38.56 -19.39
C THR B 242 -3.66 39.31 -18.22
N GLY B 243 -2.59 40.07 -18.43
CA GLY B 243 -1.89 40.71 -17.34
C GLY B 243 -0.94 39.79 -16.59
N VAL B 244 -0.80 38.54 -17.01
CA VAL B 244 0.11 37.59 -16.39
C VAL B 244 1.39 37.56 -17.22
N TYR B 245 2.52 37.80 -16.56
CA TYR B 245 3.83 37.77 -17.20
C TYR B 245 4.44 36.40 -17.00
N ILE B 246 4.62 35.66 -18.09
CA ILE B 246 5.19 34.31 -18.05
C ILE B 246 6.64 34.40 -18.49
N PRO B 247 7.60 34.18 -17.60
CA PRO B 247 9.01 34.31 -17.99
C PRO B 247 9.41 33.28 -19.04
N ILE B 248 10.38 33.66 -19.87
CA ILE B 248 10.86 32.83 -20.97
C ILE B 248 12.26 32.35 -20.64
N CYS B 249 12.53 31.09 -20.94
CA CYS B 249 13.84 30.48 -20.75
C CYS B 249 14.40 30.09 -22.11
N SER B 250 15.52 30.72 -22.48
CA SER B 250 16.20 30.38 -23.72
C SER B 250 17.09 29.17 -23.47
N ASP B 251 16.73 28.03 -24.06
CA ASP B 251 17.42 26.76 -23.83
C ASP B 251 18.31 26.45 -25.02
N GLY B 252 19.62 26.48 -24.79
CA GLY B 252 20.58 26.05 -25.79
C GLY B 252 20.95 27.15 -26.77
N GLY B 253 22.12 26.99 -27.38
CA GLY B 253 22.58 27.89 -28.42
C GLY B 253 23.49 29.01 -27.96
N ILE B 254 23.89 29.02 -26.68
CA ILE B 254 24.77 30.05 -26.15
C ILE B 254 26.20 29.57 -26.35
N VAL B 255 26.84 30.04 -27.41
CA VAL B 255 28.20 29.63 -27.72
C VAL B 255 29.22 30.50 -26.99
N TYR B 256 29.01 31.82 -26.99
CA TYR B 256 29.93 32.76 -26.37
C TYR B 256 29.21 33.55 -25.27
N ASP B 257 30.00 34.26 -24.47
CA ASP B 257 29.44 34.97 -23.32
C ASP B 257 28.58 36.15 -23.74
N TYR B 258 28.90 36.79 -24.88
CA TYR B 258 28.07 37.90 -25.34
C TYR B 258 26.75 37.44 -25.95
N HIS B 259 26.58 36.14 -26.15
CA HIS B 259 25.26 35.63 -26.54
C HIS B 259 24.28 35.68 -25.38
N MET B 260 24.78 35.66 -24.15
CA MET B 260 23.91 35.75 -22.98
C MET B 260 23.16 37.09 -22.96
N THR B 261 23.91 38.19 -23.06
CA THR B 261 23.27 39.51 -23.09
C THR B 261 22.37 39.65 -24.29
N LEU B 262 22.67 38.95 -25.38
CA LEU B 262 21.81 38.99 -26.57
C LEU B 262 20.48 38.32 -26.30
N ALA B 263 20.50 37.12 -25.70
CA ALA B 263 19.27 36.39 -25.44
C ALA B 263 18.39 37.14 -24.44
N LEU B 264 18.99 37.70 -23.39
CA LEU B 264 18.23 38.47 -22.42
C LEU B 264 17.55 39.67 -23.08
N ALA B 265 18.31 40.40 -23.90
CA ALA B 265 17.77 41.58 -24.57
C ALA B 265 16.70 41.23 -25.60
N MET B 266 16.69 39.99 -26.10
CA MET B 266 15.69 39.57 -27.08
C MET B 266 14.35 39.22 -26.45
N GLY B 267 14.30 39.02 -25.14
CA GLY B 267 13.05 38.70 -24.49
C GLY B 267 13.16 37.60 -23.46
N ALA B 268 14.26 36.86 -23.49
CA ALA B 268 14.47 35.80 -22.51
C ALA B 268 14.74 36.41 -21.13
N ASP B 269 14.10 35.83 -20.11
CA ASP B 269 14.33 36.28 -18.74
C ASP B 269 15.45 35.50 -18.05
N PHE B 270 15.68 34.27 -18.47
CA PHE B 270 16.86 33.53 -18.02
C PHE B 270 17.26 32.55 -19.11
N ILE B 271 18.47 32.01 -18.98
CA ILE B 271 19.11 31.22 -20.02
C ILE B 271 19.46 29.85 -19.45
N MET B 272 19.18 28.81 -20.23
CA MET B 272 19.52 27.44 -19.87
C MET B 272 20.70 26.99 -20.72
N LEU B 273 21.79 26.59 -20.06
CA LEU B 273 23.01 26.20 -20.73
C LEU B 273 23.37 24.77 -20.39
N GLY B 274 23.81 24.01 -21.40
CA GLY B 274 24.23 22.64 -21.19
C GLY B 274 25.73 22.48 -21.26
N ARG B 275 26.31 22.67 -22.46
CA ARG B 275 27.75 22.50 -22.63
C ARG B 275 28.54 23.50 -21.79
N TYR B 276 27.96 24.67 -21.50
CA TYR B 276 28.66 25.68 -20.73
C TYR B 276 29.03 25.17 -19.34
N PHE B 277 28.15 24.37 -18.73
CA PHE B 277 28.37 23.95 -17.35
C PHE B 277 29.13 22.62 -17.24
N SER B 278 29.02 21.74 -18.23
CA SER B 278 29.69 20.44 -18.15
C SER B 278 31.21 20.55 -18.19
N ARG B 279 31.75 21.72 -18.54
CA ARG B 279 33.19 21.92 -18.59
C ARG B 279 33.83 22.08 -17.22
N PHE B 280 33.04 22.17 -16.16
CA PHE B 280 33.55 22.54 -14.84
C PHE B 280 33.81 21.31 -13.98
N ASP B 281 34.51 21.54 -12.87
CA ASP B 281 34.76 20.47 -11.90
C ASP B 281 33.46 19.90 -11.38
N GLU B 282 32.52 20.76 -11.01
CA GLU B 282 31.25 20.34 -10.44
C GLU B 282 30.41 19.51 -11.40
N SER B 283 30.82 19.37 -12.65
CA SER B 283 30.07 18.55 -13.59
C SER B 283 30.31 17.07 -13.29
N PRO B 284 29.32 16.21 -13.48
CA PRO B 284 29.49 14.79 -13.17
C PRO B 284 30.25 14.00 -14.23
N THR B 285 30.68 14.62 -15.33
CA THR B 285 31.36 13.88 -16.38
C THR B 285 32.84 13.70 -16.05
N ASN B 286 33.44 12.70 -16.69
CA ASN B 286 34.84 12.38 -16.44
C ASN B 286 35.76 13.40 -17.10
N LYS B 287 36.79 13.82 -16.36
CA LYS B 287 37.83 14.67 -16.91
C LYS B 287 38.86 13.80 -17.62
N VAL B 288 39.24 14.21 -18.84
CA VAL B 288 40.02 13.37 -19.73
C VAL B 288 41.14 14.21 -20.33
N ASN B 289 42.34 13.65 -20.38
CA ASN B 289 43.47 14.28 -21.06
C ASN B 289 43.50 13.81 -22.51
N LEU B 290 43.35 14.75 -23.44
CA LEU B 290 43.22 14.45 -24.86
C LEU B 290 44.23 15.30 -25.62
N ASN B 291 45.32 14.67 -26.06
CA ASN B 291 46.38 15.34 -26.81
C ASN B 291 46.95 16.53 -26.02
N GLY B 292 47.17 16.32 -24.72
CA GLY B 292 47.71 17.35 -23.86
C GLY B 292 46.71 18.38 -23.38
N THR B 293 45.51 18.42 -23.94
CA THR B 293 44.48 19.36 -23.54
C THR B 293 43.45 18.64 -22.68
N TYR B 294 43.27 19.11 -21.44
CA TYR B 294 42.28 18.50 -20.55
C TYR B 294 40.88 18.77 -21.08
N MET B 295 40.11 17.71 -21.28
CA MET B 295 38.75 17.78 -21.77
C MET B 295 37.82 17.11 -20.77
N LYS B 296 36.51 17.20 -21.05
CA LYS B 296 35.50 16.53 -20.25
C LYS B 296 34.49 15.85 -21.16
N GLU B 297 34.04 14.67 -20.75
CA GLU B 297 33.06 13.93 -21.53
C GLU B 297 31.74 14.69 -21.61
N TYR B 298 30.93 14.33 -22.61
CA TYR B 298 29.67 15.01 -22.82
C TYR B 298 28.79 14.15 -23.73
N TRP B 299 27.49 14.20 -23.49
CA TRP B 299 26.51 13.51 -24.32
C TRP B 299 25.15 14.16 -24.08
N GLY B 300 24.29 14.05 -25.09
CA GLY B 300 22.96 14.61 -25.01
C GLY B 300 21.93 13.62 -24.48
N GLU B 301 20.78 14.16 -24.09
CA GLU B 301 19.69 13.32 -23.58
C GLU B 301 19.11 12.41 -24.66
N GLY B 302 19.44 12.63 -25.93
CA GLY B 302 19.03 11.73 -26.99
C GLY B 302 19.87 10.46 -27.10
N ALA B 303 21.01 10.42 -26.42
CA ALA B 303 21.85 9.23 -26.43
C ALA B 303 21.18 8.09 -25.69
N ASN B 304 21.59 6.86 -26.02
CA ASN B 304 20.93 5.68 -25.45
C ASN B 304 21.09 5.61 -23.94
N ARG B 305 22.24 6.04 -23.42
CA ARG B 305 22.46 6.01 -21.98
C ARG B 305 21.52 6.92 -21.22
N ALA B 306 20.94 7.93 -21.88
CA ALA B 306 20.02 8.88 -21.25
C ALA B 306 18.57 8.58 -21.59
N ARG B 307 18.27 8.38 -22.87
CA ARG B 307 16.90 8.07 -23.29
C ARG B 307 16.44 6.75 -22.70
N ASN B 308 17.33 5.74 -22.68
CA ASN B 308 16.99 4.43 -22.16
C ASN B 308 17.78 4.14 -20.88
N TRP B 309 17.65 5.03 -19.90
CA TRP B 309 18.33 4.85 -18.62
C TRP B 309 17.80 3.64 -17.86
N GLN B 310 16.58 3.19 -18.16
CA GLN B 310 16.02 2.03 -17.46
C GLN B 310 16.85 0.78 -17.71
N ARG B 311 17.44 0.66 -18.91
CA ARG B 311 18.27 -0.50 -19.22
C ARG B 311 19.52 -0.56 -18.36
N TYR B 312 19.97 0.58 -17.83
CA TYR B 312 21.18 0.65 -17.02
C TYR B 312 20.88 0.90 -15.55
N ASP B 313 19.65 0.62 -15.12
CA ASP B 313 19.21 0.81 -13.73
C ASP B 313 19.47 2.24 -13.24
N GLU B 324 31.46 5.52 -21.59
CA GLU B 324 31.49 4.53 -22.65
C GLU B 324 30.82 5.09 -23.91
N GLY B 325 29.55 5.47 -23.78
CA GLY B 325 28.83 6.13 -24.86
C GLY B 325 29.04 7.62 -24.83
N VAL B 326 30.22 8.07 -25.25
CA VAL B 326 30.56 9.49 -25.24
C VAL B 326 30.23 10.08 -26.60
N ASP B 327 29.33 11.06 -26.63
CA ASP B 327 28.96 11.69 -27.89
C ASP B 327 30.02 12.69 -28.35
N SER B 328 30.63 13.41 -27.42
CA SER B 328 31.59 14.45 -27.76
C SER B 328 32.35 14.83 -26.49
N TYR B 329 33.43 15.58 -26.69
CA TYR B 329 34.21 16.12 -25.58
C TYR B 329 34.14 17.65 -25.60
N VAL B 330 34.21 18.24 -24.41
CA VAL B 330 34.22 19.69 -24.26
C VAL B 330 35.47 20.07 -23.47
N PRO B 331 36.06 21.25 -23.71
CA PRO B 331 37.31 21.60 -23.02
C PRO B 331 37.07 21.89 -21.55
N TYR B 332 37.97 21.38 -20.71
CA TYR B 332 37.91 21.61 -19.28
C TYR B 332 38.21 23.07 -18.98
N ALA B 333 37.27 23.75 -18.33
CA ALA B 333 37.36 25.19 -18.14
C ALA B 333 37.69 25.62 -16.71
N GLY B 334 37.68 24.70 -15.75
CA GLY B 334 38.01 25.06 -14.38
C GLY B 334 36.82 25.04 -13.44
N SER B 335 36.78 25.97 -12.50
CA SER B 335 35.71 26.02 -11.52
C SER B 335 34.51 26.79 -12.05
N LEU B 336 33.33 26.37 -11.62
CA LEU B 336 32.11 27.09 -12.01
C LEU B 336 32.13 28.52 -11.47
N LYS B 337 32.67 28.70 -10.26
CA LYS B 337 32.70 30.02 -9.64
C LYS B 337 33.50 31.00 -10.49
N ASP B 338 34.67 30.59 -10.95
CA ASP B 338 35.55 31.51 -11.67
C ASP B 338 35.04 31.82 -13.07
N ASN B 339 34.39 30.86 -13.72
CA ASN B 339 33.89 31.09 -15.07
C ASN B 339 32.60 31.89 -15.07
N VAL B 340 31.68 31.58 -14.15
CA VAL B 340 30.44 32.35 -14.06
C VAL B 340 30.74 33.80 -13.69
N ALA B 341 31.74 34.02 -12.82
CA ALA B 341 32.13 35.37 -12.46
C ALA B 341 32.59 36.16 -13.68
N ILE B 342 33.29 35.50 -14.61
CA ILE B 342 33.76 36.17 -15.81
C ILE B 342 32.61 36.38 -16.80
N SER B 343 31.75 35.37 -16.97
CA SER B 343 30.67 35.49 -17.94
C SER B 343 29.68 36.58 -17.55
N LEU B 344 29.38 36.71 -16.25
CA LEU B 344 28.41 37.71 -15.82
C LEU B 344 29.02 39.11 -15.79
N SER B 345 30.32 39.22 -15.52
CA SER B 345 30.96 40.53 -15.54
C SER B 345 30.91 41.14 -16.94
N LYS B 346 31.04 40.32 -17.97
CA LYS B 346 30.85 40.81 -19.33
C LYS B 346 29.40 41.18 -19.58
N VAL B 347 28.47 40.40 -19.01
CA VAL B 347 27.04 40.72 -19.15
C VAL B 347 26.73 42.06 -18.49
N ARG B 348 27.23 42.25 -17.27
CA ARG B 348 27.01 43.52 -16.58
C ARG B 348 27.69 44.67 -17.29
N SER B 349 28.86 44.42 -17.88
CA SER B 349 29.56 45.47 -18.61
C SER B 349 28.82 45.88 -19.88
N THR B 350 28.27 44.91 -20.61
CA THR B 350 27.53 45.23 -21.82
C THR B 350 26.26 46.01 -21.51
N MET B 351 25.56 45.64 -20.44
CA MET B 351 24.34 46.35 -20.07
C MET B 351 24.63 47.78 -19.64
N CYS B 352 25.81 48.04 -19.07
CA CYS B 352 26.19 49.41 -18.74
C CYS B 352 26.34 50.25 -20.00
N ASN B 353 26.95 49.68 -21.05
CA ASN B 353 27.09 50.41 -22.30
C ASN B 353 25.73 50.69 -22.94
N CYS B 354 24.78 49.78 -22.78
CA CYS B 354 23.43 49.98 -23.29
C CYS B 354 22.58 50.86 -22.39
N GLY B 355 23.14 51.39 -21.31
CA GLY B 355 22.39 52.22 -20.40
C GLY B 355 21.30 51.49 -19.64
N ALA B 356 21.58 50.26 -19.21
CA ALA B 356 20.59 49.42 -18.53
C ALA B 356 21.17 48.94 -17.22
N LEU B 357 20.48 49.23 -16.12
CA LEU B 357 20.90 48.78 -14.80
C LEU B 357 20.24 47.47 -14.38
N ASN B 358 19.25 46.99 -15.15
CA ASN B 358 18.59 45.74 -14.84
C ASN B 358 18.16 45.08 -16.15
N ILE B 359 17.77 43.81 -16.04
CA ILE B 359 17.35 43.06 -17.22
C ILE B 359 16.10 43.65 -17.87
N PRO B 360 15.05 44.02 -17.13
CA PRO B 360 13.92 44.71 -17.77
C PRO B 360 14.33 45.99 -18.50
N GLU B 361 15.27 46.76 -17.94
CA GLU B 361 15.77 47.93 -18.65
C GLU B 361 16.47 47.53 -19.94
N LEU B 362 17.18 46.40 -19.93
CA LEU B 362 17.89 45.94 -21.12
C LEU B 362 16.91 45.58 -22.24
N GLN B 363 15.86 44.83 -21.91
CA GLN B 363 14.89 44.38 -22.91
C GLN B 363 14.11 45.51 -23.54
N GLN B 364 14.14 46.71 -22.95
CA GLN B 364 13.44 47.87 -23.49
C GLN B 364 14.35 48.81 -24.27
N LYS B 365 15.58 49.01 -23.82
CA LYS B 365 16.50 49.96 -24.44
C LYS B 365 17.41 49.33 -25.48
N ALA B 366 17.48 48.00 -25.54
CA ALA B 366 18.46 47.34 -26.40
C ALA B 366 18.15 47.58 -27.88
N LYS B 367 19.19 47.95 -28.63
CA LYS B 367 19.11 48.07 -30.08
C LYS B 367 19.81 46.87 -30.69
N ILE B 368 19.03 45.97 -31.29
CA ILE B 368 19.55 44.73 -31.86
C ILE B 368 19.50 44.85 -33.38
N THR B 369 20.64 44.67 -34.02
CA THR B 369 20.76 44.79 -35.47
C THR B 369 21.26 43.48 -36.06
N LEU B 370 20.95 43.27 -37.34
CA LEU B 370 21.45 42.12 -38.08
C LEU B 370 22.89 42.36 -38.50
N VAL B 371 23.68 41.29 -38.47
CA VAL B 371 25.11 41.36 -38.72
C VAL B 371 25.51 40.25 -39.67
N SER B 372 26.08 40.63 -40.81
CA SER B 372 26.57 39.69 -41.79
C SER B 372 28.01 39.26 -41.47
N ALA C 3 36.55 21.49 -29.05
CA ALA C 3 35.55 20.49 -28.72
C ALA C 3 35.46 19.45 -29.83
N PHE C 4 35.79 18.21 -29.50
CA PHE C 4 35.76 17.09 -30.45
C PHE C 4 34.43 16.35 -30.35
N TYR C 5 33.93 15.90 -31.49
CA TYR C 5 32.62 15.25 -31.57
C TYR C 5 32.74 14.00 -32.45
N PHE C 6 31.79 13.09 -32.29
CA PHE C 6 31.83 11.76 -32.89
C PHE C 6 30.69 11.59 -33.88
N GLU C 7 31.02 11.22 -35.11
CA GLU C 7 30.02 10.89 -36.11
C GLU C 7 30.57 9.83 -37.04
N GLU C 8 29.68 8.97 -37.54
CA GLU C 8 30.08 7.90 -38.44
C GLU C 8 29.84 8.30 -39.89
N PRO C 9 30.71 7.90 -40.81
CA PRO C 9 30.50 8.23 -42.23
C PRO C 9 29.22 7.60 -42.76
N SER C 10 28.34 8.47 -43.26
CA SER C 10 27.07 8.05 -43.84
C SER C 10 27.08 8.30 -45.35
N ARG C 11 26.41 7.41 -46.09
CA ARG C 11 26.40 7.47 -47.54
C ARG C 11 24.99 7.20 -48.06
N THR C 12 24.59 7.96 -49.08
CA THR C 12 23.27 7.84 -49.65
C THR C 12 23.22 6.65 -50.63
N PHE C 13 22.03 6.40 -51.17
CA PHE C 13 21.87 5.29 -52.12
C PHE C 13 22.52 5.60 -53.45
N SER C 14 22.56 6.87 -53.86
CA SER C 14 23.09 7.25 -55.16
C SER C 14 24.58 7.00 -55.30
N GLU C 15 25.28 6.71 -54.19
CA GLU C 15 26.71 6.46 -54.22
C GLU C 15 27.05 4.98 -54.35
N PHE C 16 26.06 4.13 -54.60
CA PHE C 16 26.27 2.70 -54.73
C PHE C 16 25.84 2.23 -56.11
N LEU C 17 26.37 1.07 -56.52
CA LEU C 17 26.12 0.54 -57.85
C LEU C 17 26.10 -0.99 -57.78
N LEU C 18 25.18 -1.59 -58.54
CA LEU C 18 25.11 -3.03 -58.65
C LEU C 18 25.91 -3.48 -59.87
N VAL C 19 26.94 -4.30 -59.63
CA VAL C 19 27.73 -4.84 -60.73
C VAL C 19 26.99 -6.01 -61.35
N PRO C 20 26.75 -6.00 -62.67
CA PRO C 20 26.02 -7.08 -63.36
C PRO C 20 26.77 -8.41 -63.36
N CYS C 27 17.62 -13.87 -69.08
CA CYS C 27 16.73 -13.60 -67.96
C CYS C 27 15.51 -12.81 -68.42
N VAL C 28 14.33 -13.29 -68.03
CA VAL C 28 13.05 -12.65 -68.38
C VAL C 28 12.56 -11.88 -67.15
N PRO C 29 12.38 -10.56 -67.25
CA PRO C 29 11.97 -9.79 -66.06
C PRO C 29 10.60 -10.17 -65.53
N THR C 30 9.71 -10.68 -66.39
CA THR C 30 8.37 -11.05 -65.94
C THR C 30 8.41 -12.20 -64.94
N ASN C 31 9.36 -13.12 -65.11
CA ASN C 31 9.46 -14.28 -64.22
C ASN C 31 10.07 -13.96 -62.86
N VAL C 32 10.38 -12.70 -62.58
CA VAL C 32 11.01 -12.32 -61.32
C VAL C 32 9.96 -12.28 -60.22
N SER C 33 10.28 -12.88 -59.07
CA SER C 33 9.38 -12.95 -57.93
C SER C 33 9.69 -11.78 -56.99
N LEU C 34 8.78 -10.82 -56.92
CA LEU C 34 8.90 -9.69 -56.00
C LEU C 34 8.28 -9.97 -54.64
N LYS C 35 7.99 -11.23 -54.33
CA LYS C 35 7.38 -11.58 -53.06
C LYS C 35 8.42 -11.52 -51.94
N THR C 36 7.95 -11.16 -50.74
CA THR C 36 8.84 -10.95 -49.61
C THR C 36 8.03 -11.06 -48.33
N PRO C 37 8.63 -11.56 -47.24
CA PRO C 37 7.93 -11.62 -45.96
C PRO C 37 8.03 -10.33 -45.17
N ILE C 38 7.12 -10.16 -44.21
CA ILE C 38 7.08 -8.96 -43.39
C ILE C 38 6.89 -9.31 -41.92
N VAL C 39 6.89 -10.60 -41.58
CA VAL C 39 6.81 -11.04 -40.20
C VAL C 39 7.89 -12.09 -39.96
N LYS C 40 8.34 -12.19 -38.71
CA LYS C 40 9.44 -13.09 -38.38
C LYS C 40 9.00 -14.55 -38.49
N PHE C 41 9.96 -15.40 -38.83
CA PHE C 41 9.72 -16.83 -38.99
C PHE C 41 10.99 -17.58 -38.63
N LYS C 42 10.82 -18.80 -38.14
CA LYS C 42 11.95 -19.62 -37.77
C LYS C 42 12.62 -20.20 -39.02
N LYS C 43 13.81 -20.76 -38.83
CA LYS C 43 14.60 -21.24 -39.95
C LYS C 43 13.92 -22.43 -40.61
N GLY C 44 13.69 -22.32 -41.92
CA GLY C 44 13.07 -23.36 -42.70
C GLY C 44 11.58 -23.22 -42.87
N GLU C 45 10.90 -22.56 -41.93
CA GLU C 45 9.45 -22.39 -41.98
C GLU C 45 9.09 -21.17 -42.82
N GLU C 46 7.84 -21.15 -43.27
CA GLU C 46 7.33 -20.04 -44.06
C GLU C 46 6.94 -18.88 -43.17
N SER C 47 6.52 -17.78 -43.81
CA SER C 47 6.11 -16.56 -43.11
C SER C 47 4.59 -16.48 -43.03
N ALA C 48 4.10 -15.81 -41.99
CA ALA C 48 2.66 -15.68 -41.80
C ALA C 48 2.06 -14.76 -42.86
N ILE C 49 2.72 -13.66 -43.17
CA ILE C 49 2.25 -12.70 -44.17
C ILE C 49 3.36 -12.55 -45.22
N THR C 50 3.02 -12.84 -46.47
CA THR C 50 3.95 -12.73 -47.59
C THR C 50 3.38 -11.76 -48.61
N MET C 51 3.92 -10.54 -48.63
CA MET C 51 3.54 -9.57 -49.64
C MET C 51 3.97 -10.05 -51.02
N ASN C 52 3.19 -9.65 -52.03
CA ASN C 52 3.54 -9.98 -53.41
C ASN C 52 4.55 -8.98 -53.99
N ILE C 53 4.54 -7.76 -53.47
CA ILE C 53 5.51 -6.72 -53.86
C ILE C 53 6.13 -6.16 -52.59
N PRO C 54 7.36 -5.64 -52.68
CA PRO C 54 8.06 -5.22 -51.47
C PRO C 54 7.84 -3.77 -51.08
N LEU C 55 6.64 -3.24 -51.32
CA LEU C 55 6.34 -1.84 -51.03
C LEU C 55 5.25 -1.74 -49.99
N VAL C 56 5.45 -0.86 -48.99
CA VAL C 56 4.43 -0.49 -48.04
C VAL C 56 4.39 1.03 -47.94
N SER C 57 3.22 1.56 -47.60
CA SER C 57 3.04 3.01 -47.49
C SER C 57 3.29 3.45 -46.05
N ALA C 58 3.70 4.71 -45.91
CA ALA C 58 4.15 5.23 -44.62
C ALA C 58 2.96 5.54 -43.70
N ILE C 59 3.18 5.37 -42.41
CA ILE C 59 2.18 5.64 -41.38
C ILE C 59 2.04 7.15 -41.24
N MET C 60 1.41 7.79 -42.22
CA MET C 60 1.39 9.25 -42.28
C MET C 60 0.01 9.74 -42.67
N GLN C 61 -0.34 10.93 -42.16
CA GLN C 61 -1.63 11.53 -42.46
C GLN C 61 -1.77 11.84 -43.94
N ALA C 62 -0.67 12.18 -44.60
CA ALA C 62 -0.67 12.57 -46.00
C ALA C 62 -0.47 11.39 -46.95
N VAL C 63 -0.47 10.16 -46.45
CA VAL C 63 -0.15 9.01 -47.27
C VAL C 63 -1.22 7.93 -47.17
N SER C 64 -1.29 7.26 -46.01
CA SER C 64 -2.01 6.00 -45.89
C SER C 64 -3.39 6.23 -45.28
N ASP C 65 -4.42 6.19 -46.12
CA ASP C 65 -5.79 6.13 -45.64
C ASP C 65 -6.48 4.90 -46.22
N ASP C 66 -7.81 4.88 -46.21
CA ASP C 66 -8.53 3.72 -46.72
C ASP C 66 -8.36 3.56 -48.23
N ASN C 67 -8.37 4.68 -48.96
CA ASN C 67 -8.19 4.59 -50.41
C ASN C 67 -6.78 4.13 -50.76
N MET C 68 -5.77 4.69 -50.10
CA MET C 68 -4.40 4.25 -50.32
C MET C 68 -4.23 2.79 -49.94
N GLY C 69 -4.88 2.35 -48.85
CA GLY C 69 -4.76 0.97 -48.42
C GLY C 69 -5.39 0.00 -49.41
N ILE C 70 -6.50 0.40 -50.03
CA ILE C 70 -7.15 -0.46 -51.02
C ILE C 70 -6.29 -0.59 -52.27
N ALA C 71 -5.84 0.54 -52.81
CA ALA C 71 -5.09 0.52 -54.07
C ALA C 71 -3.77 -0.22 -53.93
N LEU C 72 -3.06 0.00 -52.83
CA LEU C 72 -1.78 -0.67 -52.64
C LEU C 72 -1.97 -2.17 -52.40
N ALA C 73 -3.12 -2.57 -51.84
CA ALA C 73 -3.38 -3.98 -51.62
C ALA C 73 -3.71 -4.71 -52.92
N THR C 74 -4.38 -4.03 -53.86
CA THR C 74 -4.64 -4.65 -55.15
C THR C 74 -3.36 -4.93 -55.93
N GLU C 75 -2.28 -4.20 -55.63
CA GLU C 75 -1.00 -4.39 -56.30
C GLU C 75 -0.05 -5.29 -55.52
N GLY C 76 -0.49 -5.86 -54.40
CA GLY C 76 0.33 -6.79 -53.65
C GLY C 76 1.01 -6.22 -52.42
N GLY C 77 0.84 -4.94 -52.14
CA GLY C 77 1.47 -4.31 -51.00
C GLY C 77 0.49 -4.09 -49.85
N VAL C 78 1.03 -3.53 -48.76
CA VAL C 78 0.26 -3.25 -47.56
C VAL C 78 0.42 -1.77 -47.22
N SER C 79 -0.67 -1.13 -46.84
CA SER C 79 -0.62 0.21 -46.28
C SER C 79 -0.80 0.16 -44.78
N PHE C 80 -0.12 1.07 -44.08
CA PHE C 80 -0.20 1.18 -42.63
C PHE C 80 -0.97 2.47 -42.32
N ILE C 81 -2.25 2.32 -41.98
CA ILE C 81 -3.09 3.47 -41.68
C ILE C 81 -2.47 4.29 -40.57
N PHE C 82 -2.51 5.62 -40.73
CA PHE C 82 -1.85 6.49 -39.78
C PHE C 82 -2.59 6.53 -38.45
N GLY C 83 -1.83 6.57 -37.35
CA GLY C 83 -2.41 6.68 -36.04
C GLY C 83 -2.61 8.08 -35.53
N SER C 84 -2.18 9.08 -36.31
CA SER C 84 -2.36 10.48 -35.95
C SER C 84 -3.82 10.91 -36.10
N GLN C 85 -4.73 10.11 -35.54
CA GLN C 85 -6.16 10.35 -35.63
C GLN C 85 -6.83 9.66 -34.45
N SER C 86 -8.14 9.86 -34.31
CA SER C 86 -8.87 9.20 -33.24
C SER C 86 -8.82 7.69 -33.43
N ILE C 87 -8.95 6.96 -32.32
CA ILE C 87 -9.00 5.50 -32.39
C ILE C 87 -10.20 5.05 -33.21
N GLU C 88 -11.31 5.78 -33.11
CA GLU C 88 -12.49 5.44 -33.91
C GLU C 88 -12.23 5.69 -35.39
N SER C 89 -11.55 6.79 -35.72
CA SER C 89 -11.31 7.13 -37.12
C SER C 89 -10.35 6.15 -37.77
N GLU C 90 -9.31 5.73 -37.05
CA GLU C 90 -8.36 4.79 -37.61
C GLU C 90 -8.99 3.40 -37.75
N ALA C 91 -9.80 3.00 -36.78
CA ALA C 91 -10.49 1.71 -36.89
C ALA C 91 -11.47 1.69 -38.06
N ALA C 92 -12.09 2.84 -38.36
CA ALA C 92 -13.01 2.90 -39.49
C ALA C 92 -12.27 2.78 -40.81
N MET C 93 -11.09 3.42 -40.91
CA MET C 93 -10.29 3.29 -42.13
C MET C 93 -9.83 1.86 -42.34
N VAL C 94 -9.35 1.21 -41.26
CA VAL C 94 -8.94 -0.19 -41.36
C VAL C 94 -10.13 -1.06 -41.75
N SER C 95 -11.31 -0.76 -41.19
CA SER C 95 -12.49 -1.57 -41.49
C SER C 95 -12.97 -1.38 -42.93
N ARG C 96 -12.81 -0.17 -43.48
CA ARG C 96 -13.26 0.07 -44.85
C ARG C 96 -12.39 -0.67 -45.86
N VAL C 97 -11.10 -0.84 -45.56
CA VAL C 97 -10.24 -1.62 -46.45
C VAL C 97 -10.60 -3.09 -46.41
N LYS C 98 -10.84 -3.62 -45.20
CA LYS C 98 -11.15 -5.04 -45.05
C LYS C 98 -12.49 -5.37 -45.70
N ASN C 99 -13.53 -4.60 -45.39
CA ASN C 99 -14.87 -4.85 -45.89
C ASN C 99 -15.14 -4.20 -47.24
N HIS C 100 -14.14 -4.11 -48.10
CA HIS C 100 -14.29 -3.51 -49.42
C HIS C 100 -14.56 -4.52 -50.52
N LYS C 101 -14.31 -5.81 -50.27
CA LYS C 101 -14.45 -6.87 -51.26
C LYS C 101 -13.51 -6.64 -52.45
N LEU C 116 -0.12 -9.62 -57.99
CA LEU C 116 -1.57 -9.46 -57.96
C LEU C 116 -2.05 -9.03 -56.58
N GLU C 117 -3.36 -9.12 -56.35
CA GLU C 117 -3.93 -8.65 -55.10
C GLU C 117 -3.44 -9.49 -53.92
N LEU C 118 -3.26 -8.83 -52.78
CA LEU C 118 -2.82 -9.47 -51.54
C LEU C 118 -4.01 -9.55 -50.60
N LEU C 119 -4.56 -10.76 -50.44
CA LEU C 119 -5.71 -10.98 -49.60
C LEU C 119 -5.35 -11.94 -48.46
N ASP C 120 -6.19 -11.96 -47.43
CA ASP C 120 -5.95 -12.80 -46.27
C ASP C 120 -6.73 -14.11 -46.45
N SER C 121 -6.96 -14.85 -45.35
CA SER C 121 -7.69 -16.11 -45.44
C SER C 121 -9.15 -15.88 -45.83
N SER C 122 -9.75 -14.79 -45.36
CA SER C 122 -11.11 -14.44 -45.71
C SER C 122 -11.21 -13.80 -47.11
N LYS C 123 -10.09 -13.73 -47.84
CA LYS C 123 -10.04 -13.13 -49.17
C LYS C 123 -10.45 -11.66 -49.14
N ARG C 124 -10.04 -10.97 -48.08
CA ARG C 124 -10.17 -9.52 -47.97
C ARG C 124 -8.80 -8.88 -48.04
N TYR C 125 -8.77 -7.61 -48.45
CA TYR C 125 -7.50 -6.91 -48.63
C TYR C 125 -6.71 -6.89 -47.32
N VAL C 126 -5.42 -7.13 -47.43
CA VAL C 126 -4.52 -7.06 -46.27
C VAL C 126 -4.16 -5.60 -46.03
N VAL C 127 -4.34 -5.16 -44.79
CA VAL C 127 -4.07 -3.78 -44.41
C VAL C 127 -3.32 -3.76 -43.09
N GLY C 128 -2.49 -2.74 -42.91
CA GLY C 128 -1.80 -2.50 -41.66
C GLY C 128 -2.27 -1.22 -41.00
N ALA C 129 -1.93 -1.10 -39.71
CA ALA C 129 -2.30 0.06 -38.93
C ALA C 129 -1.16 0.44 -38.00
N GLY C 130 -1.02 1.74 -37.74
CA GLY C 130 0.01 2.25 -36.86
C GLY C 130 -0.52 2.48 -35.45
N ILE C 131 0.33 2.20 -34.47
CA ILE C 131 0.00 2.43 -33.07
C ILE C 131 1.11 3.24 -32.43
N ASN C 132 0.77 3.92 -31.34
CA ASN C 132 1.72 4.69 -30.57
C ASN C 132 1.93 4.04 -29.21
N THR C 133 2.90 4.57 -28.46
CA THR C 133 3.25 4.05 -27.15
C THR C 133 2.47 4.71 -26.02
N ARG C 134 1.28 5.23 -26.30
CA ARG C 134 0.47 5.93 -25.30
C ARG C 134 -0.87 5.26 -25.05
N ASP C 135 -1.72 5.13 -26.07
CA ASP C 135 -3.08 4.62 -25.91
C ASP C 135 -3.22 3.22 -26.50
N TYR C 136 -2.17 2.40 -26.39
CA TYR C 136 -2.20 1.08 -27.01
C TYR C 136 -3.21 0.15 -26.33
N GLU C 137 -3.51 0.39 -25.05
CA GLU C 137 -4.46 -0.45 -24.35
C GLU C 137 -5.89 -0.29 -24.86
N GLU C 138 -6.17 0.76 -25.63
CA GLU C 138 -7.45 0.93 -26.29
C GLU C 138 -7.36 0.91 -27.81
N ARG C 139 -6.24 1.37 -28.39
CA ARG C 139 -6.12 1.43 -29.84
C ARG C 139 -5.86 0.05 -30.43
N VAL C 140 -5.02 -0.76 -29.78
CA VAL C 140 -4.74 -2.10 -30.30
C VAL C 140 -5.98 -2.98 -30.37
N PRO C 141 -6.80 -3.08 -29.32
CA PRO C 141 -8.02 -3.90 -29.46
C PRO C 141 -8.97 -3.39 -30.53
N ALA C 142 -9.07 -2.07 -30.70
CA ALA C 142 -9.98 -1.52 -31.71
C ALA C 142 -9.51 -1.84 -33.11
N LEU C 143 -8.20 -1.80 -33.35
CA LEU C 143 -7.68 -2.11 -34.68
C LEU C 143 -7.70 -3.61 -34.95
N VAL C 144 -7.45 -4.43 -33.92
CA VAL C 144 -7.55 -5.87 -34.08
C VAL C 144 -8.99 -6.28 -34.35
N GLU C 145 -9.94 -5.66 -33.63
CA GLU C 145 -11.36 -5.93 -33.90
C GLU C 145 -11.75 -5.52 -35.31
N ALA C 146 -11.22 -4.40 -35.80
CA ALA C 146 -11.52 -3.93 -37.14
C ALA C 146 -10.94 -4.84 -38.23
N GLY C 147 -10.01 -5.72 -37.89
CA GLY C 147 -9.45 -6.65 -38.85
C GLY C 147 -8.06 -6.32 -39.35
N ALA C 148 -7.26 -5.59 -38.58
CA ALA C 148 -5.91 -5.26 -39.00
C ALA C 148 -5.05 -6.52 -39.05
N ASP C 149 -4.39 -6.74 -40.19
CA ASP C 149 -3.57 -7.93 -40.36
C ASP C 149 -2.20 -7.78 -39.72
N ILE C 150 -1.71 -6.55 -39.58
CA ILE C 150 -0.39 -6.31 -38.98
C ILE C 150 -0.38 -4.90 -38.43
N LEU C 151 0.33 -4.70 -37.32
CA LEU C 151 0.47 -3.40 -36.69
C LEU C 151 1.92 -2.95 -36.73
N CYS C 152 2.12 -1.66 -36.50
CA CYS C 152 3.46 -1.09 -36.48
C CYS C 152 3.50 0.08 -35.50
N ILE C 153 4.52 0.12 -34.67
CA ILE C 153 4.68 1.17 -33.67
C ILE C 153 5.38 2.36 -34.33
N ASP C 154 4.76 3.54 -34.22
CA ASP C 154 5.32 4.78 -34.74
C ASP C 154 5.80 5.62 -33.56
N SER C 155 7.11 5.73 -33.41
CA SER C 155 7.72 6.50 -32.34
C SER C 155 8.55 7.62 -32.93
N SER C 156 8.37 8.84 -32.40
CA SER C 156 9.17 9.98 -32.84
C SER C 156 10.54 10.02 -32.20
N GLU C 157 10.77 9.26 -31.12
CA GLU C 157 12.02 9.31 -30.38
C GLU C 157 12.95 8.15 -30.66
N GLY C 158 12.54 7.18 -31.46
CA GLY C 158 13.34 5.99 -31.68
C GLY C 158 12.98 4.88 -30.70
N TYR C 159 13.78 3.82 -30.74
CA TYR C 159 13.53 2.67 -29.88
C TYR C 159 13.70 3.06 -28.42
N SER C 160 12.69 2.74 -27.61
CA SER C 160 12.66 3.16 -26.22
C SER C 160 11.98 2.08 -25.39
N GLU C 161 12.00 2.29 -24.06
CA GLU C 161 11.31 1.39 -23.15
C GLU C 161 9.79 1.41 -23.38
N TRP C 162 9.26 2.47 -23.96
CA TRP C 162 7.83 2.54 -24.23
C TRP C 162 7.43 1.70 -25.43
N GLN C 163 8.36 1.48 -26.37
CA GLN C 163 8.12 0.48 -27.41
C GLN C 163 8.20 -0.94 -26.84
N LYS C 164 9.07 -1.15 -25.84
CA LYS C 164 9.15 -2.45 -25.20
C LYS C 164 7.87 -2.76 -24.41
N ARG C 165 7.38 -1.78 -23.66
CA ARG C 165 6.14 -1.97 -22.91
C ARG C 165 4.95 -2.15 -23.83
N THR C 166 4.98 -1.54 -25.02
CA THR C 166 3.92 -1.75 -26.00
C THR C 166 3.99 -3.15 -26.59
N LEU C 167 5.20 -3.62 -26.93
CA LEU C 167 5.35 -4.97 -27.45
C LEU C 167 5.10 -6.02 -26.37
N ASP C 168 5.34 -5.66 -25.11
CA ASP C 168 5.06 -6.61 -24.02
C ASP C 168 3.56 -6.77 -23.81
N TYR C 169 2.79 -5.68 -23.98
CA TYR C 169 1.35 -5.75 -23.83
C TYR C 169 0.72 -6.60 -24.92
N VAL C 170 1.17 -6.45 -26.17
CA VAL C 170 0.61 -7.20 -27.27
C VAL C 170 0.90 -8.69 -27.12
N ARG C 171 2.13 -9.03 -26.72
CA ARG C 171 2.49 -10.43 -26.53
C ARG C 171 1.80 -11.03 -25.30
N GLY C 172 1.29 -10.21 -24.40
CA GLY C 172 0.58 -10.70 -23.24
C GLY C 172 -0.87 -11.00 -23.52
N LYS C 173 -1.55 -10.09 -24.20
CA LYS C 173 -2.99 -10.26 -24.46
C LYS C 173 -3.25 -11.18 -25.64
N TYR C 174 -2.46 -11.08 -26.70
CA TYR C 174 -2.71 -11.84 -27.92
C TYR C 174 -1.60 -12.84 -28.25
N GLY C 175 -0.50 -12.86 -27.49
CA GLY C 175 0.59 -13.74 -27.83
C GLY C 175 1.20 -13.36 -29.16
N ASP C 176 1.17 -14.29 -30.12
CA ASP C 176 1.65 -14.04 -31.47
C ASP C 176 0.52 -13.96 -32.49
N THR C 177 -0.74 -13.89 -32.02
CA THR C 177 -1.86 -13.79 -32.93
C THR C 177 -1.86 -12.45 -33.67
N VAL C 178 -1.43 -11.39 -32.99
CA VAL C 178 -1.36 -10.05 -33.57
C VAL C 178 0.11 -9.73 -33.84
N LYS C 179 0.44 -9.48 -35.10
CA LYS C 179 1.80 -9.18 -35.50
C LYS C 179 2.05 -7.69 -35.43
N VAL C 180 3.15 -7.29 -34.79
CA VAL C 180 3.49 -5.88 -34.58
C VAL C 180 4.96 -5.67 -34.92
N GLY C 181 5.25 -4.60 -35.67
CA GLY C 181 6.60 -4.19 -35.94
C GLY C 181 6.95 -2.89 -35.21
N ALA C 182 8.25 -2.61 -35.14
CA ALA C 182 8.73 -1.47 -34.38
C ALA C 182 9.88 -0.79 -35.10
N GLY C 183 10.29 0.36 -34.58
CA GLY C 183 11.32 1.16 -35.19
C GLY C 183 11.21 2.60 -34.73
N ASN C 184 12.08 3.44 -35.28
CA ASN C 184 13.13 3.09 -36.24
C ASN C 184 14.46 2.87 -35.53
N VAL C 185 15.36 2.12 -36.17
CA VAL C 185 16.68 1.84 -35.64
C VAL C 185 17.72 2.12 -36.72
N VAL C 186 18.96 2.29 -36.29
CA VAL C 186 20.07 2.57 -37.20
C VAL C 186 21.31 1.80 -36.78
N ASP C 187 21.18 0.90 -35.79
CA ASP C 187 22.35 0.26 -35.18
C ASP C 187 22.02 -1.18 -34.83
N ARG C 188 23.05 -1.89 -34.33
CA ARG C 188 22.89 -3.27 -33.88
C ARG C 188 22.10 -3.33 -32.58
N ASP C 189 22.46 -2.48 -31.61
CA ASP C 189 21.78 -2.49 -30.32
C ASP C 189 20.28 -2.20 -30.47
N GLY C 190 19.94 -1.26 -31.36
CA GLY C 190 18.53 -0.97 -31.58
C GLY C 190 17.77 -2.14 -32.16
N PHE C 191 18.38 -2.86 -33.11
CA PHE C 191 17.72 -4.02 -33.69
C PHE C 191 17.51 -5.10 -32.66
N ARG C 192 18.54 -5.42 -31.89
CA ARG C 192 18.43 -6.49 -30.90
C ARG C 192 17.48 -6.12 -29.77
N TYR C 193 17.35 -4.83 -29.46
CA TYR C 193 16.44 -4.42 -28.40
C TYR C 193 14.99 -4.73 -28.77
N LEU C 194 14.58 -4.37 -29.97
CA LEU C 194 13.22 -4.67 -30.42
C LEU C 194 13.07 -6.15 -30.75
N ALA C 195 14.14 -6.81 -31.18
CA ALA C 195 14.07 -8.24 -31.44
C ALA C 195 13.89 -9.03 -30.16
N GLU C 196 14.70 -8.74 -29.13
CA GLU C 196 14.54 -9.38 -27.83
C GLU C 196 13.27 -8.93 -27.13
N ALA C 197 12.56 -7.94 -27.67
CA ALA C 197 11.26 -7.53 -27.17
C ALA C 197 10.11 -8.16 -27.93
N GLY C 198 10.39 -8.91 -29.00
CA GLY C 198 9.36 -9.67 -29.68
C GLY C 198 8.76 -8.99 -30.89
N ALA C 199 9.52 -8.12 -31.55
CA ALA C 199 9.04 -7.43 -32.73
C ALA C 199 9.01 -8.36 -33.93
N ASP C 200 7.96 -8.25 -34.74
CA ASP C 200 7.80 -9.09 -35.91
C ASP C 200 8.59 -8.57 -37.10
N PHE C 201 8.79 -7.26 -37.20
CA PHE C 201 9.73 -6.69 -38.16
C PHE C 201 10.31 -5.42 -37.55
N VAL C 202 11.47 -5.02 -38.05
CA VAL C 202 12.21 -3.89 -37.52
C VAL C 202 12.41 -2.86 -38.64
N LYS C 203 12.13 -1.60 -38.34
CA LYS C 203 12.24 -0.51 -39.30
C LYS C 203 13.57 0.22 -39.12
N VAL C 204 14.21 0.54 -40.25
CA VAL C 204 15.49 1.24 -40.27
C VAL C 204 15.23 2.68 -40.69
N GLY C 205 15.70 3.63 -39.88
CA GLY C 205 15.51 5.04 -40.18
C GLY C 205 16.39 5.51 -41.32
N VAL C 206 16.06 5.08 -42.53
CA VAL C 206 16.90 5.38 -43.70
C VAL C 206 16.65 6.79 -44.20
N GLY C 207 15.41 7.27 -44.14
CA GLY C 207 15.07 8.53 -44.77
C GLY C 207 15.91 9.70 -44.28
N GLY C 208 16.04 9.82 -42.97
CA GLY C 208 16.82 10.91 -42.40
C GLY C 208 18.10 10.44 -41.74
N GLY C 209 18.39 9.14 -41.86
CA GLY C 209 19.55 8.58 -41.19
C GLY C 209 19.48 8.65 -39.68
N SER C 210 18.28 8.78 -39.12
CA SER C 210 18.10 8.96 -37.69
C SER C 210 16.97 8.06 -37.21
N ILE C 211 17.02 7.70 -35.92
CA ILE C 211 15.97 6.91 -35.31
C ILE C 211 14.71 7.72 -35.05
N CYS C 212 14.78 9.03 -35.17
CA CYS C 212 13.71 9.92 -34.76
C CYS C 212 12.95 10.47 -35.96
N ILE C 213 11.69 10.84 -35.71
CA ILE C 213 10.84 11.50 -36.69
C ILE C 213 10.51 12.89 -36.13
N THR C 214 11.37 13.86 -36.43
CA THR C 214 11.25 15.21 -35.90
C THR C 214 10.50 16.08 -36.91
N ARG C 215 10.59 17.40 -36.76
CA ARG C 215 9.81 18.29 -37.61
C ARG C 215 10.37 18.32 -39.03
N GLU C 216 11.61 18.78 -39.19
CA GLU C 216 12.21 18.86 -40.52
C GLU C 216 12.43 17.46 -41.07
N GLN C 217 12.25 17.33 -42.38
CA GLN C 217 12.41 16.06 -43.07
C GLN C 217 13.48 16.19 -44.14
N LYS C 218 14.15 15.09 -44.44
CA LYS C 218 15.18 15.08 -45.47
C LYS C 218 14.54 15.25 -46.84
N GLY C 219 15.39 15.45 -47.85
CA GLY C 219 14.91 15.64 -49.19
C GLY C 219 14.35 14.37 -49.80
N ILE C 220 13.58 14.55 -50.87
CA ILE C 220 13.00 13.42 -51.59
C ILE C 220 14.13 12.63 -52.25
N GLY C 221 14.27 11.37 -51.85
CA GLY C 221 15.28 10.50 -52.43
C GLY C 221 16.68 10.72 -51.92
N ARG C 222 16.84 11.08 -50.65
CA ARG C 222 18.15 11.27 -50.03
C ARG C 222 18.31 10.34 -48.82
N GLY C 223 17.81 9.12 -48.93
CA GLY C 223 17.93 8.17 -47.84
C GLY C 223 19.37 7.71 -47.63
N GLN C 224 19.68 7.37 -46.39
CA GLN C 224 21.02 6.93 -46.00
C GLN C 224 21.05 5.40 -45.98
N ALA C 225 21.80 4.81 -46.91
CA ALA C 225 21.93 3.36 -46.96
C ALA C 225 22.82 2.81 -45.86
N THR C 226 23.58 3.67 -45.17
CA THR C 226 24.50 3.19 -44.15
C THR C 226 23.77 2.49 -43.02
N ALA C 227 22.67 3.09 -42.54
CA ALA C 227 21.90 2.48 -41.47
C ALA C 227 21.28 1.16 -41.92
N LEU C 228 20.89 1.06 -43.18
CA LEU C 228 20.32 -0.20 -43.68
C LEU C 228 21.36 -1.30 -43.71
N ILE C 229 22.60 -0.98 -44.10
CA ILE C 229 23.65 -1.99 -44.17
C ILE C 229 24.09 -2.40 -42.77
N ASP C 230 24.17 -1.43 -41.84
CA ASP C 230 24.60 -1.75 -40.49
C ASP C 230 23.58 -2.60 -39.75
N VAL C 231 22.29 -2.35 -39.98
CA VAL C 231 21.26 -3.14 -39.34
C VAL C 231 21.12 -4.51 -40.02
N ALA C 232 21.34 -4.57 -41.34
CA ALA C 232 21.30 -5.86 -42.02
C ALA C 232 22.37 -6.80 -41.49
N LYS C 233 23.55 -6.26 -41.15
CA LYS C 233 24.59 -7.08 -40.55
C LYS C 233 24.17 -7.59 -39.18
N ALA C 234 23.45 -6.77 -38.41
CA ALA C 234 22.96 -7.21 -37.11
C ALA C 234 21.85 -8.23 -37.25
N ARG C 235 21.01 -8.09 -38.28
CA ARG C 235 19.92 -9.04 -38.50
C ARG C 235 20.46 -10.39 -38.93
N ASP C 236 21.45 -10.40 -39.83
CA ASP C 236 22.04 -11.66 -40.28
C ASP C 236 22.77 -12.36 -39.14
N GLU C 237 23.37 -11.59 -38.22
CA GLU C 237 24.04 -12.20 -37.08
C GLU C 237 23.02 -12.74 -36.08
N TYR C 238 21.89 -12.06 -35.91
CA TYR C 238 20.85 -12.54 -35.02
C TYR C 238 20.16 -13.76 -35.59
N PHE C 239 20.07 -13.86 -36.92
CA PHE C 239 19.50 -15.05 -37.54
C PHE C 239 20.44 -16.24 -37.45
N GLU C 240 21.75 -15.98 -37.36
CA GLU C 240 22.71 -17.07 -37.28
C GLU C 240 22.74 -17.70 -35.89
N GLU C 241 22.32 -16.96 -34.86
CA GLU C 241 22.32 -17.46 -33.49
C GLU C 241 21.01 -18.17 -33.15
N THR C 242 19.89 -17.46 -33.29
CA THR C 242 18.60 -17.95 -32.83
C THR C 242 17.83 -18.72 -33.89
N GLY C 243 18.19 -18.58 -35.17
CA GLY C 243 17.40 -19.19 -36.21
C GLY C 243 16.10 -18.48 -36.49
N VAL C 244 15.95 -17.24 -36.02
CA VAL C 244 14.75 -16.43 -36.26
C VAL C 244 15.14 -15.30 -37.21
N TYR C 245 14.42 -15.20 -38.33
CA TYR C 245 14.68 -14.20 -39.35
C TYR C 245 13.71 -13.03 -39.15
N ILE C 246 14.24 -11.89 -38.75
CA ILE C 246 13.43 -10.69 -38.53
C ILE C 246 13.45 -9.87 -39.83
N PRO C 247 12.32 -9.70 -40.51
CA PRO C 247 12.31 -8.87 -41.72
C PRO C 247 12.66 -7.43 -41.41
N ILE C 248 13.47 -6.83 -42.29
CA ILE C 248 13.93 -5.46 -42.15
C ILE C 248 13.14 -4.58 -43.11
N CYS C 249 12.75 -3.39 -42.64
CA CYS C 249 12.04 -2.41 -43.44
C CYS C 249 12.91 -1.17 -43.60
N SER C 250 13.15 -0.76 -44.84
CA SER C 250 13.86 0.48 -45.14
C SER C 250 12.84 1.60 -45.19
N ASP C 251 12.90 2.51 -44.21
CA ASP C 251 11.87 3.53 -44.03
C ASP C 251 12.28 4.81 -44.75
N GLY C 252 11.67 5.06 -45.91
CA GLY C 252 11.77 6.35 -46.56
C GLY C 252 13.11 6.65 -47.20
N GLY C 253 13.17 7.81 -47.85
CA GLY C 253 14.37 8.26 -48.51
C GLY C 253 14.61 7.70 -49.89
N ILE C 254 13.61 7.05 -50.49
CA ILE C 254 13.74 6.40 -51.78
C ILE C 254 12.60 6.85 -52.68
N VAL C 255 12.92 7.19 -53.93
CA VAL C 255 11.92 7.53 -54.93
C VAL C 255 12.30 6.89 -56.25
N TYR C 256 13.61 6.73 -56.49
N TYR C 256 13.59 6.70 -56.47
CA TYR C 256 14.08 6.14 -57.74
CA TYR C 256 14.09 6.15 -57.73
C TYR C 256 14.00 4.62 -57.67
C TYR C 256 14.08 4.63 -57.68
N ASP C 257 13.72 4.02 -58.82
CA ASP C 257 13.58 2.56 -58.87
C ASP C 257 14.88 1.85 -58.54
N TYR C 258 16.02 2.41 -58.97
CA TYR C 258 17.30 1.78 -58.69
C TYR C 258 17.60 1.78 -57.20
N HIS C 259 17.13 2.79 -56.47
CA HIS C 259 17.31 2.80 -55.02
C HIS C 259 16.46 1.74 -54.35
N MET C 260 15.32 1.37 -54.95
CA MET C 260 14.53 0.27 -54.43
C MET C 260 15.27 -1.05 -54.57
N THR C 261 15.83 -1.32 -55.76
CA THR C 261 16.59 -2.54 -55.95
C THR C 261 17.87 -2.53 -55.11
N LEU C 262 18.47 -1.35 -54.92
CA LEU C 262 19.63 -1.26 -54.04
C LEU C 262 19.26 -1.59 -52.60
N ALA C 263 18.16 -1.03 -52.11
CA ALA C 263 17.73 -1.31 -50.75
C ALA C 263 17.42 -2.79 -50.56
N LEU C 264 16.67 -3.38 -51.50
CA LEU C 264 16.41 -4.81 -51.43
C LEU C 264 17.69 -5.62 -51.48
N ALA C 265 18.70 -5.14 -52.22
CA ALA C 265 19.95 -5.88 -52.33
C ALA C 265 20.76 -5.80 -51.04
N MET C 266 20.69 -4.67 -50.32
CA MET C 266 21.48 -4.49 -49.12
C MET C 266 20.92 -5.22 -47.91
N GLY C 267 19.74 -5.82 -48.01
CA GLY C 267 19.20 -6.58 -46.91
C GLY C 267 17.76 -6.24 -46.56
N ALA C 268 17.26 -5.14 -47.11
CA ALA C 268 15.88 -4.74 -46.84
C ALA C 268 14.93 -5.75 -47.45
N ASP C 269 13.99 -6.24 -46.64
CA ASP C 269 13.00 -7.18 -47.15
C ASP C 269 11.81 -6.47 -47.78
N PHE C 270 11.48 -5.28 -47.29
CA PHE C 270 10.45 -4.45 -47.91
C PHE C 270 10.73 -3.00 -47.55
N ILE C 271 10.22 -2.10 -48.39
CA ILE C 271 10.53 -0.67 -48.30
C ILE C 271 9.25 0.09 -48.00
N MET C 272 9.36 1.05 -47.08
CA MET C 272 8.25 1.96 -46.77
C MET C 272 8.55 3.33 -47.34
N LEU C 273 7.57 3.88 -48.05
CA LEU C 273 7.72 5.15 -48.75
C LEU C 273 6.60 6.09 -48.36
N GLY C 274 6.95 7.35 -48.15
CA GLY C 274 5.95 8.37 -47.85
C GLY C 274 5.65 9.25 -49.04
N ARG C 275 6.61 10.08 -49.43
CA ARG C 275 6.40 11.02 -50.53
C ARG C 275 6.27 10.33 -51.87
N TYR C 276 6.74 9.08 -51.99
CA TYR C 276 6.52 8.33 -53.23
C TYR C 276 5.04 8.09 -53.47
N PHE C 277 4.29 7.79 -52.42
CA PHE C 277 2.86 7.52 -52.55
C PHE C 277 2.00 8.77 -52.45
N SER C 278 2.49 9.84 -51.82
CA SER C 278 1.72 11.07 -51.73
C SER C 278 1.46 11.71 -53.07
N ARG C 279 2.29 11.43 -54.07
CA ARG C 279 2.10 12.01 -55.40
C ARG C 279 0.88 11.45 -56.12
N PHE C 280 0.37 10.31 -55.68
CA PHE C 280 -0.68 9.62 -56.41
C PHE C 280 -2.05 10.19 -56.07
N ASP C 281 -3.00 9.94 -56.96
CA ASP C 281 -4.36 10.42 -56.73
C ASP C 281 -5.02 9.73 -55.54
N GLU C 282 -4.57 8.51 -55.22
CA GLU C 282 -5.07 7.81 -54.04
C GLU C 282 -4.61 8.43 -52.74
N SER C 283 -3.76 9.46 -52.78
CA SER C 283 -3.34 10.13 -51.57
C SER C 283 -4.46 11.03 -51.05
N PRO C 284 -4.61 11.16 -49.73
CA PRO C 284 -5.70 11.97 -49.17
C PRO C 284 -5.47 13.47 -49.23
N THR C 285 -4.33 13.92 -49.75
CA THR C 285 -4.07 15.35 -49.79
C THR C 285 -4.75 16.01 -50.99
N ASN C 286 -4.83 17.34 -50.93
CA ASN C 286 -5.48 18.10 -51.99
C ASN C 286 -4.59 18.17 -53.23
N LYS C 287 -5.22 18.09 -54.40
CA LYS C 287 -4.54 18.30 -55.66
C LYS C 287 -4.68 19.77 -56.06
N VAL C 288 -3.60 20.34 -56.58
CA VAL C 288 -3.51 21.78 -56.81
C VAL C 288 -2.92 22.02 -58.19
N ASN C 289 -3.50 22.98 -58.92
CA ASN C 289 -2.97 23.41 -60.22
C ASN C 289 -2.02 24.58 -59.98
N LEU C 290 -0.72 24.31 -60.02
CA LEU C 290 0.30 25.31 -59.74
C LEU C 290 0.91 25.76 -61.06
N ASN C 291 0.41 26.87 -61.60
CA ASN C 291 0.93 27.48 -62.83
C ASN C 291 0.90 26.50 -64.00
N GLY C 292 -0.18 25.73 -64.09
CA GLY C 292 -0.36 24.78 -65.17
C GLY C 292 0.09 23.36 -64.86
N THR C 293 0.73 23.13 -63.71
CA THR C 293 1.23 21.82 -63.33
C THR C 293 0.50 21.36 -62.08
N TYR C 294 0.02 20.12 -62.10
CA TYR C 294 -0.72 19.58 -60.97
C TYR C 294 0.25 19.20 -59.84
N MET C 295 -0.02 19.70 -58.64
CA MET C 295 0.77 19.42 -57.46
C MET C 295 -0.16 18.94 -56.34
N LYS C 296 0.43 18.23 -55.38
CA LYS C 296 -0.30 17.74 -54.22
C LYS C 296 0.33 18.31 -52.96
N GLU C 297 -0.53 18.75 -52.04
CA GLU C 297 -0.05 19.24 -50.75
C GLU C 297 0.60 18.11 -49.96
N TYR C 298 1.48 18.49 -49.03
CA TYR C 298 2.19 17.49 -48.26
C TYR C 298 2.65 18.09 -46.94
N TRP C 299 2.71 17.22 -45.93
CA TRP C 299 3.24 17.58 -44.63
C TRP C 299 3.68 16.31 -43.93
N GLY C 300 4.75 16.42 -43.13
CA GLY C 300 5.24 15.27 -42.39
C GLY C 300 4.50 15.07 -41.08
N GLU C 301 4.79 13.93 -40.45
CA GLU C 301 4.20 13.64 -39.15
C GLU C 301 4.78 14.48 -38.02
N GLY C 302 5.88 15.20 -38.28
CA GLY C 302 6.40 16.15 -37.32
C GLY C 302 5.69 17.48 -37.30
N ALA C 303 4.75 17.70 -38.22
CA ALA C 303 3.99 18.94 -38.27
C ALA C 303 2.90 18.96 -37.21
N ASN C 304 2.51 20.17 -36.81
CA ASN C 304 1.57 20.31 -35.71
C ASN C 304 0.20 19.73 -36.03
N ARG C 305 -0.20 19.74 -37.29
CA ARG C 305 -1.50 19.17 -37.65
C ARG C 305 -1.51 17.67 -37.39
N ALA C 306 -0.39 16.99 -37.61
CA ALA C 306 -0.25 15.59 -37.27
C ALA C 306 0.19 15.38 -35.82
N ARG C 307 1.08 16.24 -35.32
CA ARG C 307 1.59 16.08 -33.96
C ARG C 307 0.57 16.48 -32.90
N ASN C 308 -0.20 17.53 -33.15
CA ASN C 308 -1.27 17.97 -32.26
C ASN C 308 -2.63 17.54 -32.77
N TRP C 309 -2.73 16.30 -33.29
CA TRP C 309 -3.98 15.84 -33.88
C TRP C 309 -5.13 15.81 -32.88
N GLN C 310 -4.83 15.74 -31.58
CA GLN C 310 -5.87 15.73 -30.56
C GLN C 310 -6.64 17.05 -30.49
N ARG C 311 -6.14 18.11 -31.14
CA ARG C 311 -6.83 19.38 -31.18
C ARG C 311 -7.67 19.58 -32.45
N TYR C 312 -7.53 18.70 -33.43
CA TYR C 312 -8.35 18.73 -34.64
C TYR C 312 -9.05 17.38 -34.80
N ASP C 313 -9.74 16.94 -33.75
CA ASP C 313 -10.23 15.56 -33.69
C ASP C 313 -11.38 15.33 -34.66
N LEU C 314 -12.22 16.33 -34.90
CA LEU C 314 -13.36 16.17 -35.80
C LEU C 314 -13.16 16.97 -37.08
N GLY C 315 -12.01 16.81 -37.71
CA GLY C 315 -11.73 17.49 -38.97
C GLY C 315 -11.43 18.97 -38.82
N GLY C 316 -10.75 19.36 -37.76
CA GLY C 316 -10.39 20.75 -37.57
C GLY C 316 -9.24 21.24 -38.41
N ASP C 317 -8.62 20.35 -39.19
CA ASP C 317 -7.44 20.72 -39.96
C ASP C 317 -7.77 21.37 -41.30
N LYS C 318 -9.02 21.30 -41.77
CA LYS C 318 -9.37 21.96 -43.02
C LYS C 318 -9.55 23.47 -42.86
N LYS C 319 -9.64 23.96 -41.63
CA LYS C 319 -9.60 25.41 -41.39
C LYS C 319 -8.20 25.98 -41.44
N LEU C 320 -7.18 25.14 -41.53
CA LEU C 320 -5.80 25.64 -41.56
C LEU C 320 -5.49 26.26 -42.92
N SER C 321 -4.61 27.26 -42.91
CA SER C 321 -4.22 27.94 -44.13
C SER C 321 -2.97 27.30 -44.72
N PHE C 322 -2.57 27.79 -45.90
CA PHE C 322 -1.39 27.27 -46.56
C PHE C 322 -0.15 27.44 -45.69
N GLU C 323 -0.02 28.60 -45.05
CA GLU C 323 1.14 28.85 -44.19
C GLU C 323 1.18 27.92 -43.00
N GLU C 324 0.02 27.47 -42.53
CA GLU C 324 -0.08 26.65 -41.34
C GLU C 324 -0.13 25.15 -41.63
N GLY C 325 -0.71 24.75 -42.75
CA GLY C 325 -0.99 23.35 -42.97
C GLY C 325 -0.14 22.66 -44.02
N VAL C 326 0.30 23.40 -45.04
CA VAL C 326 1.05 22.83 -46.15
C VAL C 326 2.54 23.02 -45.89
N ASP C 327 3.27 21.92 -45.76
CA ASP C 327 4.72 21.97 -45.61
C ASP C 327 5.44 21.89 -46.93
N SER C 328 4.87 21.20 -47.93
CA SER C 328 5.58 20.97 -49.17
C SER C 328 4.60 20.71 -50.30
N TYR C 329 5.04 21.00 -51.52
CA TYR C 329 4.32 20.66 -52.74
C TYR C 329 5.06 19.52 -53.43
N VAL C 330 4.40 18.39 -53.59
CA VAL C 330 4.98 17.27 -54.33
C VAL C 330 4.31 17.19 -55.69
N PRO C 331 5.02 16.79 -56.75
CA PRO C 331 4.41 16.75 -58.08
C PRO C 331 3.42 15.60 -58.21
N TYR C 332 2.25 15.89 -58.78
CA TYR C 332 1.25 14.86 -59.00
C TYR C 332 1.74 13.87 -60.06
N ALA C 333 1.66 12.58 -59.74
CA ALA C 333 2.21 11.53 -60.59
C ALA C 333 1.14 10.59 -61.15
N GLY C 334 -0.15 10.92 -60.98
CA GLY C 334 -1.20 10.10 -61.53
C GLY C 334 -1.70 9.02 -60.61
N SER C 335 -1.94 7.84 -61.16
CA SER C 335 -2.47 6.71 -60.40
C SER C 335 -1.34 5.93 -59.72
N LEU C 336 -1.73 5.21 -58.67
CA LEU C 336 -0.78 4.34 -57.99
C LEU C 336 -0.41 3.14 -58.87
N LYS C 337 -1.43 2.50 -59.45
CA LYS C 337 -1.20 1.29 -60.24
C LYS C 337 -0.33 1.59 -61.46
N ASP C 338 -0.54 2.74 -62.11
CA ASP C 338 0.28 3.09 -63.26
C ASP C 338 1.74 3.27 -62.86
N ASN C 339 1.99 3.95 -61.74
CA ASN C 339 3.36 4.26 -61.36
C ASN C 339 4.08 3.06 -60.74
N VAL C 340 3.38 2.29 -59.90
CA VAL C 340 4.04 1.16 -59.26
C VAL C 340 4.36 0.08 -60.29
N ALA C 341 3.54 -0.06 -61.33
CA ALA C 341 3.84 -1.01 -62.39
C ALA C 341 5.09 -0.57 -63.15
N ILE C 342 5.26 0.73 -63.36
CA ILE C 342 6.46 1.23 -64.02
C ILE C 342 7.68 1.04 -63.12
N SER C 343 7.53 1.32 -61.82
CA SER C 343 8.66 1.18 -60.91
C SER C 343 9.10 -0.28 -60.77
N LEU C 344 8.15 -1.18 -60.56
CA LEU C 344 8.50 -2.58 -60.33
C LEU C 344 8.97 -3.27 -61.60
N SER C 345 8.52 -2.79 -62.77
CA SER C 345 9.00 -3.38 -64.02
C SER C 345 10.50 -3.18 -64.20
N LYS C 346 11.03 -2.07 -63.70
CA LYS C 346 12.47 -1.81 -63.76
C LYS C 346 13.20 -2.43 -62.58
N VAL C 347 12.53 -2.60 -61.44
CA VAL C 347 13.11 -3.37 -60.35
C VAL C 347 13.30 -4.82 -60.77
N ARG C 348 12.33 -5.37 -61.49
CA ARG C 348 12.47 -6.74 -61.99
C ARG C 348 13.53 -6.84 -63.07
N SER C 349 13.70 -5.78 -63.88
CA SER C 349 14.72 -5.79 -64.92
C SER C 349 16.12 -5.62 -64.33
N THR C 350 16.26 -4.82 -63.26
CA THR C 350 17.54 -4.68 -62.60
C THR C 350 17.96 -5.99 -61.94
N MET C 351 17.00 -6.74 -61.41
CA MET C 351 17.32 -8.03 -60.81
C MET C 351 17.80 -9.03 -61.85
N CYS C 352 17.37 -8.88 -63.10
CA CYS C 352 17.84 -9.76 -64.16
C CYS C 352 19.33 -9.53 -64.44
N ASN C 353 19.76 -8.27 -64.44
CA ASN C 353 21.17 -7.98 -64.68
C ASN C 353 22.06 -8.50 -63.57
N CYS C 354 21.52 -8.63 -62.36
CA CYS C 354 22.25 -9.20 -61.23
C CYS C 354 22.17 -10.72 -61.19
N GLY C 355 21.35 -11.33 -62.04
CA GLY C 355 21.21 -12.77 -62.06
C GLY C 355 20.35 -13.35 -60.95
N ALA C 356 19.29 -12.63 -60.57
CA ALA C 356 18.43 -13.05 -59.48
C ALA C 356 16.98 -13.05 -59.94
N LEU C 357 16.27 -14.13 -59.63
CA LEU C 357 14.86 -14.25 -59.96
C LEU C 357 13.94 -13.93 -58.78
N ASN C 358 14.49 -13.80 -57.58
CA ASN C 358 13.71 -13.45 -56.40
C ASN C 358 14.54 -12.55 -55.51
N ILE C 359 13.91 -12.02 -54.46
CA ILE C 359 14.56 -11.10 -53.53
C ILE C 359 15.66 -11.83 -52.74
N PRO C 360 15.42 -13.03 -52.19
CA PRO C 360 16.51 -13.71 -51.48
C PRO C 360 17.74 -13.96 -52.36
N GLU C 361 17.55 -14.27 -53.63
CA GLU C 361 18.70 -14.47 -54.52
C GLU C 361 19.46 -13.17 -54.75
N LEU C 362 18.76 -12.04 -54.78
CA LEU C 362 19.43 -10.76 -54.93
C LEU C 362 20.38 -10.49 -53.77
N GLN C 363 19.91 -10.73 -52.54
CA GLN C 363 20.70 -10.42 -51.36
C GLN C 363 21.95 -11.30 -51.27
N GLN C 364 21.98 -12.42 -51.98
CA GLN C 364 23.14 -13.31 -51.94
C GLN C 364 24.05 -13.17 -53.15
N LYS C 365 23.54 -12.70 -54.28
CA LYS C 365 24.34 -12.57 -55.50
C LYS C 365 24.76 -11.14 -55.80
N ALA C 366 24.20 -10.15 -55.12
CA ALA C 366 24.43 -8.75 -55.49
C ALA C 366 25.88 -8.37 -55.25
N LYS C 367 26.53 -7.86 -56.30
CA LYS C 367 27.88 -7.29 -56.20
C LYS C 367 27.69 -5.78 -56.07
N ILE C 368 27.61 -5.32 -54.82
CA ILE C 368 27.39 -3.90 -54.53
C ILE C 368 28.74 -3.23 -54.38
N THR C 369 28.97 -2.19 -55.18
CA THR C 369 30.21 -1.43 -55.14
C THR C 369 29.90 0.04 -54.86
N LEU C 370 30.92 0.76 -54.42
CA LEU C 370 30.81 2.18 -54.12
C LEU C 370 31.24 2.98 -55.33
N VAL C 371 30.40 3.94 -55.73
CA VAL C 371 30.72 4.85 -56.82
C VAL C 371 31.39 6.08 -56.21
N SER C 372 32.70 6.21 -56.41
CA SER C 372 33.41 7.36 -55.85
C SER C 372 32.97 8.66 -56.50
N SER C 373 32.47 8.61 -57.74
CA SER C 373 32.06 9.79 -58.48
C SER C 373 31.37 9.37 -59.75
N THR C 374 30.52 10.27 -60.27
CA THR C 374 29.89 10.13 -61.57
C THR C 374 30.16 11.40 -62.37
N SER C 375 30.25 11.25 -63.68
CA SER C 375 30.57 12.39 -64.54
C SER C 375 29.86 12.25 -65.88
N ILE C 376 29.58 13.39 -66.49
CA ILE C 376 28.97 13.46 -67.81
C ILE C 376 30.07 13.47 -68.87
N VAL C 377 29.80 12.81 -69.99
CA VAL C 377 30.74 12.75 -71.09
C VAL C 377 30.17 13.37 -72.36
N MET D 2 5.53 -7.91 33.47
CA MET D 2 5.41 -9.33 33.79
C MET D 2 5.09 -10.14 32.54
N ALA D 3 6.11 -10.82 32.02
CA ALA D 3 5.98 -11.71 30.87
C ALA D 3 5.42 -10.96 29.65
N PHE D 4 6.18 -9.97 29.21
CA PHE D 4 5.89 -9.30 27.95
C PHE D 4 6.36 -10.17 26.79
N TYR D 5 5.51 -10.32 25.78
CA TYR D 5 5.78 -11.19 24.65
C TYR D 5 5.83 -10.37 23.36
N PHE D 6 6.79 -10.68 22.52
CA PHE D 6 6.92 -10.03 21.21
C PHE D 6 6.26 -10.87 20.12
N PRO D 9 1.16 -9.96 14.80
CA PRO D 9 -0.25 -9.69 14.47
C PRO D 9 -0.58 -10.16 13.06
N SER D 10 -1.49 -11.13 12.95
CA SER D 10 -1.81 -11.75 11.67
C SER D 10 -3.30 -11.62 11.38
N ARG D 11 -3.61 -11.55 10.09
CA ARG D 11 -4.98 -11.46 9.60
C ARG D 11 -5.24 -12.61 8.63
N THR D 12 -6.50 -13.04 8.58
CA THR D 12 -6.89 -14.16 7.74
C THR D 12 -7.37 -13.68 6.38
N PHE D 13 -7.58 -14.65 5.48
CA PHE D 13 -8.14 -14.34 4.17
C PHE D 13 -9.54 -13.76 4.26
N SER D 14 -10.27 -14.05 5.33
CA SER D 14 -11.63 -13.55 5.49
C SER D 14 -11.67 -12.03 5.66
N GLU D 15 -10.55 -11.42 6.03
CA GLU D 15 -10.50 -9.99 6.34
C GLU D 15 -10.04 -9.14 5.15
N PHE D 16 -9.88 -9.75 3.97
CA PHE D 16 -9.42 -9.03 2.78
C PHE D 16 -10.46 -9.09 1.68
N LEU D 17 -10.48 -8.05 0.85
CA LEU D 17 -11.41 -7.93 -0.25
C LEU D 17 -10.68 -7.40 -1.48
N LEU D 18 -11.03 -7.94 -2.65
CA LEU D 18 -10.45 -7.49 -3.91
C LEU D 18 -11.30 -6.35 -4.46
N VAL D 19 -10.72 -5.15 -4.52
CA VAL D 19 -11.42 -3.98 -5.05
C VAL D 19 -11.43 -4.06 -6.57
N PRO D 20 -12.61 -4.01 -7.20
CA PRO D 20 -12.66 -4.06 -8.66
C PRO D 20 -12.26 -2.74 -9.29
N GLY D 21 -11.86 -2.82 -10.55
CA GLY D 21 -11.45 -1.64 -11.30
C GLY D 21 -12.59 -1.02 -12.08
N VAL D 28 -13.97 -12.04 -20.41
CA VAL D 28 -14.45 -13.41 -20.56
C VAL D 28 -13.64 -14.35 -19.68
N PRO D 29 -14.32 -14.99 -18.72
CA PRO D 29 -13.61 -15.93 -17.84
C PRO D 29 -12.92 -17.06 -18.57
N THR D 30 -13.42 -17.45 -19.75
CA THR D 30 -12.74 -18.49 -20.53
C THR D 30 -11.38 -18.01 -21.04
N ASN D 31 -11.26 -16.71 -21.33
CA ASN D 31 -9.99 -16.15 -21.77
C ASN D 31 -8.94 -16.14 -20.66
N VAL D 32 -9.37 -16.24 -19.39
CA VAL D 32 -8.43 -16.17 -18.27
C VAL D 32 -7.55 -17.41 -18.29
N SER D 33 -6.25 -17.21 -18.13
CA SER D 33 -5.27 -18.30 -18.09
C SER D 33 -4.85 -18.54 -16.64
N LEU D 34 -5.13 -19.74 -16.15
CA LEU D 34 -4.70 -20.15 -14.81
C LEU D 34 -3.36 -20.87 -14.82
N LYS D 35 -2.55 -20.66 -15.86
CA LYS D 35 -1.23 -21.27 -15.91
C LYS D 35 -0.25 -20.51 -15.03
N THR D 36 0.61 -21.27 -14.34
CA THR D 36 1.51 -20.71 -13.35
C THR D 36 2.74 -21.61 -13.25
N PRO D 37 3.91 -21.05 -12.94
CA PRO D 37 5.12 -21.86 -12.81
C PRO D 37 5.28 -22.47 -11.43
N ILE D 38 6.10 -23.52 -11.38
CA ILE D 38 6.47 -24.18 -10.13
C ILE D 38 7.93 -23.95 -9.79
N VAL D 39 8.81 -24.02 -10.79
CA VAL D 39 10.25 -24.03 -10.56
C VAL D 39 10.80 -22.63 -10.77
N LYS D 40 12.00 -22.41 -10.22
CA LYS D 40 12.68 -21.13 -10.36
C LYS D 40 13.10 -20.87 -11.80
N PHE D 41 13.24 -19.60 -12.13
CA PHE D 41 13.70 -19.20 -13.46
C PHE D 41 14.25 -17.78 -13.38
N LYS D 42 15.12 -17.46 -14.33
CA LYS D 42 15.70 -16.14 -14.42
C LYS D 42 14.82 -15.23 -15.26
N LYS D 43 15.00 -13.92 -15.08
CA LYS D 43 14.17 -12.93 -15.74
C LYS D 43 14.28 -13.02 -17.26
N GLY D 44 13.22 -13.50 -17.91
CA GLY D 44 13.21 -13.59 -19.35
C GLY D 44 12.89 -14.97 -19.88
N GLU D 45 13.47 -16.00 -19.26
CA GLU D 45 13.30 -17.36 -19.72
C GLU D 45 11.97 -17.93 -19.25
N GLU D 46 11.64 -19.13 -19.73
CA GLU D 46 10.44 -19.83 -19.33
C GLU D 46 10.74 -20.79 -18.17
N SER D 47 9.67 -21.28 -17.56
CA SER D 47 9.78 -22.20 -16.43
C SER D 47 9.85 -23.64 -16.93
N ALA D 48 10.66 -24.44 -16.24
CA ALA D 48 10.83 -25.83 -16.65
C ALA D 48 9.53 -26.62 -16.51
N ILE D 49 8.78 -26.36 -15.44
CA ILE D 49 7.50 -27.01 -15.20
C ILE D 49 6.44 -25.92 -14.99
N THR D 50 5.43 -25.91 -15.85
CA THR D 50 4.37 -24.92 -15.79
C THR D 50 3.03 -25.62 -15.63
N MET D 51 2.26 -25.18 -14.64
CA MET D 51 0.95 -25.77 -14.37
C MET D 51 -0.09 -25.24 -15.36
N ASN D 52 -1.17 -26.00 -15.50
CA ASN D 52 -2.36 -25.52 -16.20
C ASN D 52 -3.37 -24.92 -15.25
N ILE D 53 -3.41 -25.40 -14.01
CA ILE D 53 -4.21 -24.81 -12.94
C ILE D 53 -3.31 -24.66 -11.72
N PRO D 54 -3.57 -23.69 -10.81
CA PRO D 54 -2.63 -23.38 -9.72
C PRO D 54 -2.93 -24.11 -8.41
N LEU D 55 -3.23 -25.41 -8.50
CA LEU D 55 -3.60 -26.21 -7.35
C LEU D 55 -2.71 -27.44 -7.25
N VAL D 56 -2.20 -27.71 -6.05
CA VAL D 56 -1.53 -28.96 -5.73
C VAL D 56 -2.17 -29.54 -4.48
N SER D 57 -2.10 -30.86 -4.34
CA SER D 57 -2.55 -31.53 -3.13
C SER D 57 -1.39 -31.64 -2.15
N ALA D 58 -1.72 -31.69 -0.87
CA ALA D 58 -0.72 -31.65 0.18
C ALA D 58 0.04 -32.98 0.26
N ILE D 59 1.14 -32.95 1.00
CA ILE D 59 1.97 -34.12 1.22
C ILE D 59 1.45 -34.86 2.45
N MET D 60 0.28 -35.46 2.33
CA MET D 60 -0.39 -36.06 3.48
C MET D 60 -0.92 -37.44 3.11
N GLN D 61 -0.94 -38.33 4.12
CA GLN D 61 -1.44 -39.68 3.91
C GLN D 61 -2.88 -39.69 3.42
N ALA D 62 -3.68 -38.72 3.86
CA ALA D 62 -5.12 -38.73 3.64
C ALA D 62 -5.55 -37.92 2.42
N VAL D 63 -4.61 -37.46 1.58
CA VAL D 63 -4.99 -36.60 0.47
C VAL D 63 -4.36 -37.05 -0.85
N SER D 64 -3.13 -37.58 -0.81
CA SER D 64 -2.33 -37.75 -2.03
C SER D 64 -1.85 -39.20 -2.16
N ASP D 65 -2.69 -40.04 -2.73
CA ASP D 65 -2.29 -41.39 -3.12
C ASP D 65 -1.96 -41.39 -4.61
N ASP D 66 -2.01 -42.56 -5.25
CA ASP D 66 -1.80 -42.62 -6.69
C ASP D 66 -3.06 -42.25 -7.45
N ASN D 67 -4.24 -42.47 -6.87
CA ASN D 67 -5.48 -42.05 -7.52
C ASN D 67 -5.60 -40.53 -7.57
N MET D 68 -5.21 -39.86 -6.49
CA MET D 68 -5.24 -38.39 -6.49
C MET D 68 -4.24 -37.82 -7.47
N GLY D 69 -3.09 -38.47 -7.63
CA GLY D 69 -2.09 -37.97 -8.57
C GLY D 69 -2.59 -37.98 -10.01
N ILE D 70 -3.29 -39.05 -10.40
CA ILE D 70 -3.84 -39.13 -11.75
C ILE D 70 -4.96 -38.11 -11.94
N ALA D 71 -5.88 -38.04 -10.97
CA ALA D 71 -7.05 -37.17 -11.12
C ALA D 71 -6.64 -35.70 -11.20
N LEU D 72 -5.75 -35.27 -10.31
CA LEU D 72 -5.29 -33.88 -10.33
C LEU D 72 -4.44 -33.59 -11.57
N ALA D 73 -3.87 -34.62 -12.20
CA ALA D 73 -3.09 -34.42 -13.41
C ALA D 73 -3.96 -34.20 -14.63
N THR D 74 -5.15 -34.81 -14.67
CA THR D 74 -6.05 -34.60 -15.81
C THR D 74 -6.56 -33.16 -15.83
N GLU D 75 -6.78 -32.56 -14.66
CA GLU D 75 -7.31 -31.21 -14.56
C GLU D 75 -6.24 -30.14 -14.66
N GLY D 76 -4.96 -30.51 -14.61
CA GLY D 76 -3.88 -29.57 -14.80
C GLY D 76 -3.00 -29.31 -13.59
N GLY D 77 -3.16 -30.08 -12.51
CA GLY D 77 -2.36 -29.91 -11.31
C GLY D 77 -1.43 -31.09 -11.09
N VAL D 78 -0.60 -30.96 -10.06
CA VAL D 78 0.35 -31.98 -9.67
C VAL D 78 0.12 -32.33 -8.21
N SER D 79 0.14 -33.63 -7.90
CA SER D 79 -0.01 -34.11 -6.55
C SER D 79 1.35 -34.53 -6.00
N PHE D 80 1.66 -34.09 -4.79
CA PHE D 80 2.90 -34.47 -4.11
C PHE D 80 2.61 -35.70 -3.26
N ILE D 81 3.10 -36.86 -3.71
CA ILE D 81 2.86 -38.10 -2.99
C ILE D 81 3.45 -38.00 -1.58
N PHE D 82 2.69 -38.47 -0.59
CA PHE D 82 3.11 -38.33 0.79
C PHE D 82 4.31 -39.22 1.09
N GLY D 83 5.26 -38.67 1.83
CA GLY D 83 6.49 -39.35 2.20
C GLY D 83 6.45 -40.09 3.52
N SER D 84 5.29 -40.15 4.17
CA SER D 84 5.13 -40.90 5.41
C SER D 84 4.79 -42.37 5.12
N GLN D 85 5.59 -42.98 4.26
CA GLN D 85 5.45 -44.38 3.89
C GLN D 85 6.82 -44.91 3.53
N SER D 86 6.91 -46.21 3.26
CA SER D 86 8.19 -46.80 2.89
C SER D 86 8.66 -46.24 1.55
N ILE D 87 9.97 -46.27 1.34
CA ILE D 87 10.54 -45.71 0.12
C ILE D 87 10.07 -46.48 -1.10
N GLU D 88 9.80 -47.78 -0.95
CA GLU D 88 9.26 -48.56 -2.06
C GLU D 88 7.77 -48.28 -2.29
N SER D 89 7.02 -48.04 -1.21
CA SER D 89 5.60 -47.77 -1.34
C SER D 89 5.37 -46.45 -2.07
N GLU D 90 6.11 -45.41 -1.68
CA GLU D 90 5.97 -44.10 -2.34
C GLU D 90 6.45 -44.18 -3.78
N ALA D 91 7.56 -44.88 -4.02
CA ALA D 91 8.07 -45.02 -5.38
C ALA D 91 7.06 -45.75 -6.26
N ALA D 92 6.38 -46.76 -5.72
CA ALA D 92 5.34 -47.45 -6.47
C ALA D 92 4.14 -46.54 -6.75
N MET D 93 3.83 -45.63 -5.83
CA MET D 93 2.77 -44.67 -6.08
C MET D 93 3.17 -43.67 -7.16
N VAL D 94 4.39 -43.14 -7.06
CA VAL D 94 4.89 -42.25 -8.10
C VAL D 94 4.99 -42.99 -9.43
N SER D 95 5.28 -44.29 -9.39
CA SER D 95 5.40 -45.06 -10.62
C SER D 95 4.05 -45.25 -11.30
N ARG D 96 2.99 -45.50 -10.51
CA ARG D 96 1.69 -45.75 -11.10
C ARG D 96 1.14 -44.52 -11.80
N VAL D 97 1.30 -43.34 -11.20
CA VAL D 97 0.83 -42.12 -11.83
C VAL D 97 1.65 -41.83 -13.09
N LYS D 98 2.95 -42.06 -13.04
CA LYS D 98 3.81 -41.84 -14.19
C LYS D 98 3.76 -42.96 -15.22
N ASN D 99 2.93 -43.98 -14.99
CA ASN D 99 2.71 -45.03 -15.97
C ASN D 99 1.26 -45.12 -16.45
N HIS D 100 0.33 -44.43 -15.78
CA HIS D 100 -1.05 -44.39 -16.24
C HIS D 100 -1.13 -43.59 -17.54
N LYS D 101 -1.80 -44.15 -18.54
CA LYS D 101 -1.88 -43.52 -19.85
C LYS D 101 -2.57 -42.16 -19.77
N SER D 102 -2.10 -41.21 -20.57
CA SER D 102 -2.69 -39.88 -20.65
C SER D 102 -4.18 -39.95 -21.00
N LYS D 115 -8.02 -32.34 -21.87
CA LYS D 115 -8.19 -30.95 -22.31
C LYS D 115 -7.22 -30.01 -21.61
N LEU D 116 -6.90 -30.32 -20.36
CA LEU D 116 -5.98 -29.50 -19.56
C LEU D 116 -4.95 -30.37 -18.85
N GLU D 117 -4.75 -31.61 -19.31
CA GLU D 117 -3.86 -32.54 -18.63
C GLU D 117 -2.43 -32.02 -18.63
N LEU D 118 -1.75 -32.18 -17.50
CA LEU D 118 -0.36 -31.78 -17.34
C LEU D 118 0.53 -32.97 -17.63
N LEU D 119 1.20 -32.95 -18.77
CA LEU D 119 2.02 -34.07 -19.23
C LEU D 119 3.47 -33.62 -19.40
N ASP D 120 4.38 -34.58 -19.29
CA ASP D 120 5.79 -34.33 -19.52
C ASP D 120 6.11 -34.52 -21.01
N SER D 121 7.39 -34.52 -21.36
CA SER D 121 7.77 -34.74 -22.77
C SER D 121 7.39 -36.14 -23.23
N SER D 122 7.44 -37.13 -22.34
CA SER D 122 7.04 -38.50 -22.65
C SER D 122 5.53 -38.66 -22.70
N LYS D 123 4.78 -37.57 -22.58
CA LYS D 123 3.31 -37.58 -22.57
C LYS D 123 2.75 -38.44 -21.45
N ARG D 124 3.46 -38.48 -20.32
CA ARG D 124 3.01 -39.14 -19.12
C ARG D 124 2.56 -38.09 -18.09
N TYR D 125 1.69 -38.53 -17.17
CA TYR D 125 1.16 -37.62 -16.16
C TYR D 125 2.27 -37.07 -15.28
N VAL D 126 2.27 -35.76 -15.10
CA VAL D 126 3.24 -35.11 -14.22
C VAL D 126 2.78 -35.29 -12.78
N VAL D 127 3.68 -35.75 -11.92
CA VAL D 127 3.38 -36.00 -10.52
C VAL D 127 4.58 -35.58 -9.67
N GLY D 128 4.30 -35.26 -8.40
CA GLY D 128 5.31 -34.88 -7.45
C GLY D 128 5.37 -35.86 -6.29
N ALA D 129 6.45 -35.75 -5.50
CA ALA D 129 6.64 -36.63 -4.37
C ALA D 129 7.35 -35.87 -3.25
N GLY D 130 7.01 -36.22 -2.01
CA GLY D 130 7.60 -35.59 -0.85
C GLY D 130 8.78 -36.38 -0.30
N ILE D 131 9.76 -35.65 0.23
CA ILE D 131 10.93 -36.25 0.86
C ILE D 131 11.11 -35.60 2.24
N ASN D 132 11.95 -36.24 3.05
CA ASN D 132 12.27 -35.75 4.38
C ASN D 132 13.78 -35.60 4.50
N THR D 133 14.20 -34.89 5.56
CA THR D 133 15.60 -34.62 5.84
C THR D 133 16.29 -35.77 6.58
N ARG D 134 15.89 -37.02 6.33
CA ARG D 134 16.44 -38.15 7.07
C ARG D 134 16.99 -39.23 6.16
N ASP D 135 16.17 -39.74 5.25
CA ASP D 135 16.54 -40.84 4.36
C ASP D 135 16.70 -40.39 2.91
N TYR D 136 17.02 -39.11 2.70
CA TYR D 136 17.06 -38.57 1.34
C TYR D 136 18.14 -39.23 0.48
N GLU D 137 19.24 -39.67 1.09
CA GLU D 137 20.30 -40.30 0.31
C GLU D 137 19.85 -41.62 -0.32
N GLU D 138 18.83 -42.27 0.21
CA GLU D 138 18.28 -43.47 -0.38
C GLU D 138 16.87 -43.28 -0.94
N ARG D 139 16.17 -42.22 -0.54
CA ARG D 139 14.80 -41.98 -0.98
C ARG D 139 14.72 -41.11 -2.22
N VAL D 140 15.59 -40.10 -2.33
CA VAL D 140 15.61 -39.27 -3.54
C VAL D 140 15.93 -40.09 -4.78
N PRO D 141 16.93 -40.98 -4.80
CA PRO D 141 17.15 -41.78 -6.02
C PRO D 141 15.94 -42.60 -6.43
N ALA D 142 15.28 -43.26 -5.48
CA ALA D 142 14.15 -44.13 -5.83
C ALA D 142 12.99 -43.34 -6.42
N LEU D 143 12.82 -42.08 -6.01
CA LEU D 143 11.73 -41.27 -6.55
C LEU D 143 12.07 -40.74 -7.94
N VAL D 144 13.30 -40.26 -8.14
CA VAL D 144 13.72 -39.86 -9.48
C VAL D 144 13.75 -41.06 -10.40
N GLU D 145 14.20 -42.21 -9.89
CA GLU D 145 14.22 -43.44 -10.68
C GLU D 145 12.82 -43.87 -11.08
N ALA D 146 11.82 -43.51 -10.28
CA ALA D 146 10.43 -43.82 -10.59
C ALA D 146 9.77 -42.79 -11.48
N GLY D 147 10.42 -41.67 -11.73
CA GLY D 147 9.90 -40.66 -12.64
C GLY D 147 9.24 -39.46 -11.99
N ALA D 148 9.59 -39.13 -10.75
CA ALA D 148 9.00 -37.96 -10.10
C ALA D 148 9.55 -36.69 -10.73
N ASP D 149 8.66 -35.83 -11.23
CA ASP D 149 9.08 -34.60 -11.88
C ASP D 149 9.61 -33.60 -10.86
N ILE D 150 8.81 -33.31 -9.84
CA ILE D 150 9.15 -32.33 -8.82
C ILE D 150 9.15 -33.01 -7.46
N LEU D 151 10.07 -32.59 -6.59
CA LEU D 151 10.11 -33.07 -5.22
C LEU D 151 9.90 -31.89 -4.27
N CYS D 152 9.53 -32.21 -3.04
CA CYS D 152 9.32 -31.18 -2.03
C CYS D 152 9.62 -31.75 -0.66
N ILE D 153 10.39 -31.00 0.13
CA ILE D 153 10.80 -31.44 1.46
C ILE D 153 9.66 -31.18 2.44
N ASP D 154 9.22 -32.22 3.12
CA ASP D 154 8.14 -32.13 4.11
C ASP D 154 8.79 -32.06 5.49
N SER D 155 8.89 -30.85 6.03
CA SER D 155 9.56 -30.61 7.30
C SER D 155 8.53 -30.36 8.41
N SER D 156 8.87 -30.82 9.61
CA SER D 156 8.02 -30.63 10.78
C SER D 156 8.45 -29.46 11.66
N GLU D 157 9.72 -29.04 11.59
CA GLU D 157 10.24 -27.96 12.40
C GLU D 157 10.32 -26.63 11.64
N GLY D 158 10.04 -26.63 10.35
CA GLY D 158 10.23 -25.46 9.53
C GLY D 158 11.55 -25.50 8.77
N TYR D 159 11.98 -24.31 8.35
CA TYR D 159 13.26 -24.21 7.66
C TYR D 159 14.40 -24.40 8.66
N SER D 160 15.33 -25.29 8.33
CA SER D 160 16.41 -25.64 9.23
C SER D 160 17.63 -26.03 8.43
N GLU D 161 18.71 -26.37 9.14
CA GLU D 161 19.94 -26.81 8.47
C GLU D 161 19.72 -28.12 7.74
N TRP D 162 19.00 -29.06 8.36
CA TRP D 162 18.75 -30.36 7.74
C TRP D 162 17.99 -30.24 6.42
N GLN D 163 17.21 -29.16 6.24
CA GLN D 163 16.61 -28.89 4.95
C GLN D 163 17.64 -28.36 3.95
N LYS D 164 18.63 -27.61 4.44
CA LYS D 164 19.69 -27.12 3.55
C LYS D 164 20.59 -28.26 3.09
N ARG D 165 20.98 -29.16 4.00
CA ARG D 165 21.83 -30.28 3.60
C ARG D 165 21.10 -31.24 2.67
N THR D 166 19.78 -31.39 2.87
CA THR D 166 19.00 -32.16 1.90
C THR D 166 19.03 -31.50 0.53
N LEU D 167 18.95 -30.17 0.49
CA LEU D 167 19.04 -29.46 -0.79
C LEU D 167 20.45 -29.55 -1.36
N ASP D 168 21.47 -29.47 -0.50
CA ASP D 168 22.85 -29.60 -0.99
C ASP D 168 23.10 -30.98 -1.58
N TYR D 169 22.40 -32.00 -1.09
CA TYR D 169 22.58 -33.35 -1.60
C TYR D 169 22.08 -33.46 -3.05
N VAL D 170 20.84 -33.03 -3.30
CA VAL D 170 20.26 -33.17 -4.63
C VAL D 170 21.05 -32.32 -5.65
N ARG D 171 21.43 -31.10 -5.25
CA ARG D 171 22.19 -30.26 -6.16
C ARG D 171 23.60 -30.79 -6.40
N GLY D 172 24.15 -31.54 -5.45
CA GLY D 172 25.47 -32.11 -5.65
C GLY D 172 25.47 -33.36 -6.48
N LYS D 173 24.37 -34.11 -6.47
CA LYS D 173 24.26 -35.37 -7.19
C LYS D 173 23.54 -35.24 -8.52
N TYR D 174 22.47 -34.44 -8.58
CA TYR D 174 21.68 -34.27 -9.79
C TYR D 174 21.84 -32.89 -10.41
N GLY D 175 22.66 -32.02 -9.83
CA GLY D 175 22.79 -30.67 -10.35
C GLY D 175 21.47 -29.94 -10.24
N ASP D 176 20.96 -29.46 -11.37
CA ASP D 176 19.65 -28.83 -11.45
C ASP D 176 18.67 -29.66 -12.28
N THR D 177 18.98 -30.94 -12.51
CA THR D 177 18.09 -31.80 -13.29
C THR D 177 16.82 -32.12 -12.51
N VAL D 178 16.96 -32.39 -11.21
CA VAL D 178 15.83 -32.71 -10.34
C VAL D 178 15.42 -31.45 -9.59
N LYS D 179 14.12 -31.14 -9.62
CA LYS D 179 13.58 -29.93 -9.00
C LYS D 179 12.98 -30.26 -7.64
N VAL D 180 13.40 -29.52 -6.62
CA VAL D 180 13.01 -29.78 -5.24
C VAL D 180 12.55 -28.47 -4.60
N GLY D 181 11.39 -28.51 -3.93
CA GLY D 181 10.89 -27.38 -3.19
C GLY D 181 11.04 -27.58 -1.70
N ALA D 182 10.94 -26.49 -0.94
CA ALA D 182 11.24 -26.49 0.47
C ALA D 182 10.24 -25.60 1.21
N GLY D 183 10.20 -25.78 2.52
CA GLY D 183 9.28 -25.05 3.37
C GLY D 183 9.17 -25.74 4.71
N ASN D 184 8.37 -25.13 5.60
CA ASN D 184 7.62 -23.90 5.38
C ASN D 184 8.37 -22.68 5.91
N VAL D 185 8.06 -21.51 5.33
CA VAL D 185 8.59 -20.23 5.80
C VAL D 185 7.43 -19.29 6.05
N VAL D 186 7.68 -18.26 6.86
CA VAL D 186 6.67 -17.25 7.16
C VAL D 186 7.29 -15.87 7.06
N ASP D 187 8.62 -15.80 7.03
CA ASP D 187 9.34 -14.54 7.17
C ASP D 187 10.33 -14.37 6.02
N ARG D 188 10.95 -13.18 5.99
CA ARG D 188 11.95 -12.87 4.98
C ARG D 188 13.20 -13.73 5.16
N ASP D 189 13.65 -13.91 6.41
CA ASP D 189 14.85 -14.71 6.66
C ASP D 189 14.63 -16.16 6.25
N GLY D 190 13.41 -16.68 6.45
CA GLY D 190 13.14 -18.06 6.06
C GLY D 190 13.19 -18.25 4.57
N PHE D 191 12.64 -17.31 3.80
CA PHE D 191 12.67 -17.40 2.34
C PHE D 191 14.11 -17.33 1.83
N ARG D 192 14.86 -16.30 2.26
CA ARG D 192 16.21 -16.11 1.75
C ARG D 192 17.13 -17.27 2.12
N TYR D 193 16.89 -17.90 3.28
CA TYR D 193 17.71 -19.04 3.67
C TYR D 193 17.52 -20.19 2.70
N LEU D 194 16.27 -20.51 2.37
CA LEU D 194 16.03 -21.61 1.44
C LEU D 194 16.30 -21.18 0.01
N ALA D 195 16.22 -19.87 -0.28
CA ALA D 195 16.54 -19.37 -1.60
C ALA D 195 18.02 -19.55 -1.91
N GLU D 196 18.88 -19.03 -1.03
CA GLU D 196 20.33 -19.20 -1.21
C GLU D 196 20.75 -20.66 -1.16
N ALA D 197 19.95 -21.53 -0.55
CA ALA D 197 20.24 -22.95 -0.49
C ALA D 197 19.86 -23.69 -1.76
N GLY D 198 19.28 -23.00 -2.74
CA GLY D 198 18.99 -23.62 -4.02
C GLY D 198 17.65 -24.29 -4.14
N ALA D 199 16.65 -23.84 -3.37
CA ALA D 199 15.30 -24.40 -3.48
C ALA D 199 14.63 -23.92 -4.75
N ASP D 200 13.87 -24.81 -5.39
CA ASP D 200 13.21 -24.45 -6.65
C ASP D 200 11.93 -23.68 -6.41
N PHE D 201 11.19 -24.01 -5.36
CA PHE D 201 10.10 -23.17 -4.90
C PHE D 201 10.08 -23.16 -3.38
N VAL D 202 9.44 -22.13 -2.83
CA VAL D 202 9.37 -21.92 -1.38
C VAL D 202 7.92 -22.02 -0.95
N LYS D 203 7.67 -22.77 0.11
CA LYS D 203 6.33 -23.02 0.62
C LYS D 203 6.09 -22.19 1.88
N VAL D 204 4.93 -21.56 1.95
CA VAL D 204 4.60 -20.63 3.03
C VAL D 204 3.56 -21.27 3.94
N GLY D 205 3.81 -21.23 5.24
CA GLY D 205 2.89 -21.78 6.22
C GLY D 205 1.65 -20.93 6.44
N VAL D 206 0.73 -20.97 5.48
CA VAL D 206 -0.47 -20.14 5.55
C VAL D 206 -1.55 -20.80 6.41
N GLY D 207 -1.65 -22.12 6.34
CA GLY D 207 -2.75 -22.80 7.03
C GLY D 207 -2.72 -22.61 8.53
N GLY D 208 -1.56 -22.81 9.14
CA GLY D 208 -1.41 -22.65 10.57
C GLY D 208 -0.77 -21.33 10.98
N GLY D 209 -0.29 -20.56 10.01
CA GLY D 209 0.39 -19.32 10.33
C GLY D 209 1.65 -19.49 11.12
N SER D 210 2.29 -20.65 11.03
CA SER D 210 3.49 -20.94 11.79
C SER D 210 4.48 -21.67 10.89
N ILE D 211 5.68 -21.90 11.43
CA ILE D 211 6.73 -22.57 10.66
C ILE D 211 6.63 -24.09 10.74
N CYS D 212 5.92 -24.63 11.74
CA CYS D 212 5.92 -26.05 12.04
C CYS D 212 4.63 -26.72 11.57
N ILE D 213 4.62 -28.05 11.66
CA ILE D 213 3.48 -28.88 11.28
C ILE D 213 3.32 -29.90 12.41
N THR D 214 2.56 -29.51 13.43
CA THR D 214 2.48 -30.29 14.66
C THR D 214 1.18 -31.08 14.68
N ARG D 215 0.74 -31.49 15.87
CA ARG D 215 -0.42 -32.35 16.00
C ARG D 215 -1.72 -31.59 15.77
N GLU D 216 -1.96 -30.54 16.55
CA GLU D 216 -3.21 -29.79 16.46
C GLU D 216 -3.19 -28.93 15.20
N GLN D 217 -4.06 -29.28 14.25
CA GLN D 217 -4.21 -28.51 13.02
C GLN D 217 -5.28 -27.44 13.20
N LYS D 218 -5.20 -26.39 12.39
CA LYS D 218 -6.14 -25.28 12.49
C LYS D 218 -7.46 -25.66 11.81
N GLY D 219 -8.36 -24.68 11.68
CA GLY D 219 -9.66 -24.93 11.10
C GLY D 219 -9.67 -24.87 9.58
N ILE D 220 -10.64 -25.54 8.99
CA ILE D 220 -10.76 -25.58 7.54
C ILE D 220 -11.12 -24.20 7.02
N GLY D 221 -10.30 -23.67 6.12
CA GLY D 221 -10.52 -22.35 5.58
C GLY D 221 -10.09 -21.21 6.47
N ARG D 222 -9.31 -21.48 7.52
CA ARG D 222 -8.87 -20.43 8.43
C ARG D 222 -7.38 -20.16 8.28
N GLY D 223 -6.93 -19.94 7.05
CA GLY D 223 -5.53 -19.66 6.80
C GLY D 223 -5.15 -18.22 7.07
N GLN D 224 -3.87 -18.00 7.35
CA GLN D 224 -3.33 -16.69 7.67
C GLN D 224 -2.65 -16.12 6.43
N ALA D 225 -3.17 -15.01 5.91
CA ALA D 225 -2.61 -14.39 4.72
C ALA D 225 -1.40 -13.51 5.03
N THR D 226 -1.13 -13.23 6.31
CA THR D 226 -0.03 -12.33 6.65
C THR D 226 1.32 -12.93 6.26
N ALA D 227 1.49 -14.25 6.47
CA ALA D 227 2.73 -14.89 6.09
C ALA D 227 2.93 -14.91 4.58
N LEU D 228 1.83 -14.95 3.81
CA LEU D 228 1.95 -14.96 2.36
C LEU D 228 2.37 -13.59 1.83
N ILE D 229 1.88 -12.52 2.46
CA ILE D 229 2.22 -11.18 2.01
C ILE D 229 3.68 -10.86 2.33
N ASP D 230 4.14 -11.25 3.52
CA ASP D 230 5.50 -10.91 3.95
C ASP D 230 6.54 -11.65 3.12
N VAL D 231 6.28 -12.92 2.78
CA VAL D 231 7.23 -13.68 1.98
C VAL D 231 7.22 -13.20 0.53
N ALA D 232 6.04 -12.81 0.02
CA ALA D 232 5.99 -12.28 -1.35
C ALA D 232 6.77 -10.97 -1.44
N LYS D 233 6.76 -10.16 -0.39
CA LYS D 233 7.59 -8.97 -0.35
C LYS D 233 9.08 -9.34 -0.39
N ALA D 234 9.45 -10.41 0.30
CA ALA D 234 10.84 -10.86 0.28
C ALA D 234 11.20 -11.58 -1.01
N ARG D 235 10.23 -12.23 -1.65
CA ARG D 235 10.50 -12.88 -2.93
C ARG D 235 10.71 -11.85 -4.04
N ASP D 236 9.95 -10.74 -3.99
CA ASP D 236 10.12 -9.71 -5.00
C ASP D 236 11.42 -8.94 -4.81
N GLU D 237 11.85 -8.76 -3.56
CA GLU D 237 13.16 -8.15 -3.31
C GLU D 237 14.28 -9.05 -3.83
N TYR D 238 14.22 -10.34 -3.49
CA TYR D 238 15.22 -11.28 -3.98
C TYR D 238 15.23 -11.38 -5.49
N PHE D 239 14.07 -11.18 -6.13
CA PHE D 239 14.01 -11.22 -7.59
C PHE D 239 14.64 -9.97 -8.20
N GLU D 240 14.44 -8.81 -7.58
CA GLU D 240 15.00 -7.58 -8.12
C GLU D 240 16.49 -7.47 -7.88
N GLU D 241 17.04 -8.24 -6.94
CA GLU D 241 18.46 -8.19 -6.63
C GLU D 241 19.28 -9.28 -7.34
N THR D 242 18.64 -10.39 -7.73
CA THR D 242 19.34 -11.46 -8.42
C THR D 242 18.76 -11.79 -9.80
N GLY D 243 17.52 -11.38 -10.08
CA GLY D 243 16.90 -11.74 -11.34
C GLY D 243 16.48 -13.18 -11.43
N VAL D 244 16.22 -13.83 -10.29
CA VAL D 244 15.83 -15.24 -10.25
C VAL D 244 14.49 -15.30 -9.53
N TYR D 245 13.45 -15.70 -10.25
CA TYR D 245 12.10 -15.77 -9.70
C TYR D 245 11.90 -17.12 -9.03
N ILE D 246 11.59 -17.10 -7.73
CA ILE D 246 11.32 -18.31 -6.98
C ILE D 246 9.81 -18.38 -6.72
N PRO D 247 9.09 -19.31 -7.34
CA PRO D 247 7.64 -19.38 -7.14
C PRO D 247 7.29 -19.64 -5.67
N ILE D 248 6.18 -19.03 -5.24
CA ILE D 248 5.72 -19.11 -3.87
C ILE D 248 4.47 -19.97 -3.81
N CYS D 249 4.42 -20.85 -2.81
CA CYS D 249 3.29 -21.75 -2.60
C CYS D 249 2.58 -21.40 -1.30
N SER D 250 1.26 -21.17 -1.40
CA SER D 250 0.42 -20.96 -0.22
C SER D 250 -0.07 -22.31 0.27
N ASP D 251 0.43 -22.75 1.42
CA ASP D 251 0.21 -24.11 1.90
C ASP D 251 -0.92 -24.12 2.91
N GLY D 252 -2.12 -24.47 2.45
CA GLY D 252 -3.23 -24.79 3.34
C GLY D 252 -4.06 -23.59 3.74
N GLY D 253 -5.10 -23.89 4.52
CA GLY D 253 -5.98 -22.86 5.05
C GLY D 253 -6.97 -22.29 4.08
N ILE D 254 -7.22 -22.96 2.95
CA ILE D 254 -8.08 -22.43 1.90
C ILE D 254 -8.99 -23.54 1.41
N VAL D 255 -10.29 -23.24 1.32
CA VAL D 255 -11.26 -24.12 0.67
C VAL D 255 -12.22 -23.26 -0.15
N TYR D 256 -12.30 -21.98 0.22
CA TYR D 256 -13.16 -21.04 -0.49
C TYR D 256 -12.47 -20.54 -1.76
N ASP D 257 -13.22 -20.46 -2.85
CA ASP D 257 -12.64 -20.05 -4.12
C ASP D 257 -12.13 -18.61 -4.07
N TYR D 258 -12.78 -17.75 -3.27
CA TYR D 258 -12.32 -16.37 -3.16
C TYR D 258 -10.98 -16.27 -2.46
N HIS D 259 -10.72 -17.19 -1.51
CA HIS D 259 -9.41 -17.22 -0.86
C HIS D 259 -8.32 -17.70 -1.81
N MET D 260 -8.69 -18.51 -2.81
CA MET D 260 -7.74 -18.89 -3.85
C MET D 260 -7.32 -17.67 -4.66
N THR D 261 -8.29 -16.86 -5.08
CA THR D 261 -7.97 -15.67 -5.86
C THR D 261 -7.21 -14.65 -5.03
N LEU D 262 -7.54 -14.54 -3.74
CA LEU D 262 -6.81 -13.61 -2.87
C LEU D 262 -5.37 -14.07 -2.67
N ALA D 263 -5.17 -15.37 -2.48
CA ALA D 263 -3.81 -15.90 -2.33
C ALA D 263 -3.00 -15.69 -3.61
N LEU D 264 -3.60 -15.98 -4.76
CA LEU D 264 -2.92 -15.75 -6.03
C LEU D 264 -2.60 -14.28 -6.21
N ALA D 265 -3.51 -13.39 -5.80
CA ALA D 265 -3.27 -11.95 -5.95
C ALA D 265 -2.21 -11.45 -4.98
N MET D 266 -2.10 -12.09 -3.81
CA MET D 266 -1.14 -11.66 -2.80
C MET D 266 0.29 -12.09 -3.10
N GLY D 267 0.51 -12.86 -4.16
CA GLY D 267 1.86 -13.25 -4.53
C GLY D 267 2.03 -14.73 -4.75
N ALA D 268 1.16 -15.54 -4.15
CA ALA D 268 1.26 -16.99 -4.31
C ALA D 268 1.04 -17.38 -5.77
N ASP D 269 1.95 -18.19 -6.31
CA ASP D 269 1.85 -18.64 -7.69
C ASP D 269 1.01 -19.90 -7.81
N PHE D 270 1.06 -20.79 -6.82
CA PHE D 270 0.16 -21.93 -6.75
C PHE D 270 -0.14 -22.21 -5.29
N ILE D 271 -1.18 -23.00 -5.06
CA ILE D 271 -1.73 -23.20 -3.73
C ILE D 271 -1.71 -24.68 -3.38
N MET D 272 -1.31 -24.99 -2.15
CA MET D 272 -1.29 -26.35 -1.64
C MET D 272 -2.45 -26.54 -0.68
N LEU D 273 -3.29 -27.53 -0.96
CA LEU D 273 -4.50 -27.77 -0.18
C LEU D 273 -4.55 -29.23 0.26
N GLY D 274 -4.96 -29.43 1.51
CA GLY D 274 -5.12 -30.77 2.04
C GLY D 274 -6.57 -31.18 2.21
N ARG D 275 -7.27 -30.51 3.13
CA ARG D 275 -8.67 -30.86 3.39
C ARG D 275 -9.57 -30.58 2.19
N TYR D 276 -9.17 -29.67 1.30
CA TYR D 276 -9.95 -29.43 0.09
C TYR D 276 -10.04 -30.67 -0.78
N PHE D 277 -8.93 -31.38 -0.93
CA PHE D 277 -8.89 -32.58 -1.76
C PHE D 277 -9.29 -33.84 -1.02
N SER D 278 -9.14 -33.88 0.30
CA SER D 278 -9.53 -35.06 1.07
C SER D 278 -11.03 -35.32 1.06
N ARG D 279 -11.83 -34.37 0.57
CA ARG D 279 -13.27 -34.50 0.49
C ARG D 279 -13.75 -35.22 -0.76
N PHE D 280 -12.86 -35.48 -1.72
CA PHE D 280 -13.25 -36.02 -3.01
C PHE D 280 -13.12 -37.54 -3.03
N ASP D 281 -13.75 -38.16 -4.03
CA ASP D 281 -13.75 -39.62 -4.14
C ASP D 281 -12.33 -40.16 -4.28
N GLU D 282 -11.46 -39.42 -4.95
CA GLU D 282 -10.08 -39.85 -5.16
C GLU D 282 -9.23 -39.77 -3.90
N SER D 283 -9.80 -39.34 -2.78
CA SER D 283 -9.08 -39.34 -1.52
C SER D 283 -8.84 -40.76 -1.04
N PRO D 284 -7.70 -41.01 -0.40
CA PRO D 284 -7.40 -42.38 0.07
C PRO D 284 -8.21 -42.81 1.28
N THR D 285 -8.96 -41.90 1.91
CA THR D 285 -9.67 -42.23 3.13
C THR D 285 -10.98 -42.95 2.83
N ASN D 286 -11.61 -43.46 3.89
CA ASN D 286 -12.86 -44.20 3.75
C ASN D 286 -14.05 -43.26 3.72
N LYS D 287 -15.06 -43.63 2.94
CA LYS D 287 -16.32 -42.91 2.91
C LYS D 287 -17.29 -43.54 3.92
N VAL D 288 -17.86 -42.70 4.78
CA VAL D 288 -18.77 -43.16 5.81
C VAL D 288 -20.09 -42.42 5.67
N ASN D 289 -21.15 -43.03 6.20
CA ASN D 289 -22.48 -42.44 6.24
C ASN D 289 -22.76 -41.95 7.65
N LEU D 290 -22.69 -40.64 7.86
CA LEU D 290 -22.92 -40.03 9.17
C LEU D 290 -24.34 -39.48 9.20
N ASN D 291 -25.29 -40.37 9.53
CA ASN D 291 -26.69 -40.01 9.72
C ASN D 291 -27.27 -39.38 8.46
N GLY D 292 -27.32 -40.17 7.38
CA GLY D 292 -27.88 -39.72 6.12
C GLY D 292 -27.00 -38.80 5.31
N THR D 293 -25.85 -38.40 5.81
CA THR D 293 -24.92 -37.53 5.10
C THR D 293 -23.60 -38.25 4.92
N TYR D 294 -23.15 -38.37 3.68
CA TYR D 294 -21.88 -39.04 3.42
C TYR D 294 -20.71 -38.15 3.83
N MET D 295 -19.77 -38.72 4.58
CA MET D 295 -18.62 -38.01 5.10
C MET D 295 -17.35 -38.78 4.77
N LYS D 296 -16.22 -38.10 4.88
CA LYS D 296 -14.91 -38.68 4.63
C LYS D 296 -14.05 -38.58 5.88
N GLU D 297 -13.38 -39.68 6.21
CA GLU D 297 -12.45 -39.67 7.34
C GLU D 297 -11.23 -38.82 7.00
N TYR D 298 -10.51 -38.42 8.05
CA TYR D 298 -9.40 -37.50 7.85
C TYR D 298 -8.47 -37.54 9.05
N TRP D 299 -7.18 -37.29 8.78
CA TRP D 299 -6.18 -37.16 9.83
C TRP D 299 -5.00 -36.41 9.25
N GLY D 300 -4.35 -35.59 10.08
CA GLY D 300 -3.22 -34.81 9.64
C GLY D 300 -1.90 -35.55 9.81
N GLU D 301 -0.86 -34.96 9.21
CA GLU D 301 0.47 -35.55 9.31
C GLU D 301 1.03 -35.50 10.73
N GLY D 302 0.45 -34.68 11.60
CA GLY D 302 0.84 -34.69 13.00
C GLY D 302 0.31 -35.86 13.79
N ALA D 303 -0.63 -36.62 13.23
CA ALA D 303 -1.14 -37.81 13.90
C ALA D 303 -0.07 -38.88 13.95
N ASN D 304 -0.19 -39.76 14.96
CA ASN D 304 0.82 -40.78 15.17
C ASN D 304 0.87 -41.78 14.01
N ARG D 305 -0.26 -41.98 13.32
CA ARG D 305 -0.26 -42.89 12.18
C ARG D 305 0.59 -42.38 11.02
N ALA D 306 0.86 -41.08 10.98
CA ALA D 306 1.74 -40.52 9.95
C ALA D 306 3.17 -40.39 10.43
N ARG D 307 3.38 -39.89 11.65
CA ARG D 307 4.73 -39.69 12.17
C ARG D 307 5.38 -41.00 12.62
N ASN D 308 4.59 -42.01 12.98
CA ASN D 308 5.11 -43.32 13.35
C ASN D 308 4.81 -44.36 12.27
N TRP D 309 4.92 -43.96 11.00
CA TRP D 309 4.63 -44.88 9.91
C TRP D 309 5.63 -46.04 9.85
N GLN D 310 6.79 -45.90 10.49
CA GLN D 310 7.78 -46.98 10.48
C GLN D 310 7.39 -48.11 11.43
N ARG D 311 6.69 -47.79 12.52
CA ARG D 311 6.26 -48.84 13.44
C ARG D 311 5.17 -49.72 12.81
N TYR D 312 4.38 -49.16 11.91
CA TYR D 312 3.25 -49.88 11.32
C TYR D 312 3.67 -50.59 10.04
N GLY D 325 -7.18 -43.43 15.21
CA GLY D 325 -7.33 -43.63 13.78
C GLY D 325 -7.80 -42.41 13.04
N VAL D 326 -9.02 -41.97 13.33
CA VAL D 326 -9.64 -40.84 12.65
C VAL D 326 -9.52 -39.60 13.53
N ASP D 327 -8.93 -38.54 12.99
CA ASP D 327 -8.85 -37.27 13.69
C ASP D 327 -10.04 -36.36 13.39
N SER D 328 -10.65 -36.48 12.21
CA SER D 328 -11.72 -35.58 11.83
C SER D 328 -12.58 -36.22 10.74
N TYR D 329 -13.83 -35.77 10.66
CA TYR D 329 -14.75 -36.12 9.59
C TYR D 329 -14.94 -34.88 8.72
N VAL D 330 -14.45 -34.94 7.48
CA VAL D 330 -14.61 -33.83 6.54
C VAL D 330 -15.79 -34.14 5.63
N PRO D 331 -16.52 -33.14 5.16
CA PRO D 331 -17.72 -33.41 4.35
C PRO D 331 -17.35 -33.95 2.98
N TYR D 332 -18.01 -35.04 2.58
CA TYR D 332 -17.78 -35.61 1.27
C TYR D 332 -18.37 -34.71 0.18
N ALA D 333 -17.56 -34.42 -0.84
CA ALA D 333 -17.95 -33.47 -1.87
C ALA D 333 -18.05 -34.07 -3.27
N GLY D 334 -17.80 -35.37 -3.44
CA GLY D 334 -17.91 -35.97 -4.75
C GLY D 334 -16.58 -36.27 -5.43
N SER D 335 -16.42 -35.83 -6.68
CA SER D 335 -15.22 -36.09 -7.45
C SER D 335 -14.36 -34.83 -7.53
N LEU D 336 -13.10 -35.03 -7.93
CA LEU D 336 -12.18 -33.91 -8.05
C LEU D 336 -12.54 -33.04 -9.26
N LYS D 337 -12.81 -33.68 -10.41
CA LYS D 337 -13.07 -32.92 -11.62
C LYS D 337 -14.28 -32.00 -11.47
N ASP D 338 -15.35 -32.49 -10.84
CA ASP D 338 -16.56 -31.69 -10.73
C ASP D 338 -16.34 -30.47 -9.82
N ASN D 339 -15.66 -30.65 -8.70
CA ASN D 339 -15.52 -29.56 -7.74
C ASN D 339 -14.41 -28.59 -8.14
N VAL D 340 -13.29 -29.10 -8.67
CA VAL D 340 -12.20 -28.23 -9.08
C VAL D 340 -12.63 -27.35 -10.24
N ALA D 341 -13.42 -27.88 -11.16
CA ALA D 341 -13.96 -27.06 -12.25
C ALA D 341 -14.89 -25.97 -11.71
N ILE D 342 -15.59 -26.24 -10.61
CA ILE D 342 -16.45 -25.23 -10.01
C ILE D 342 -15.61 -24.13 -9.37
N SER D 343 -14.58 -24.52 -8.62
CA SER D 343 -13.74 -23.54 -7.94
C SER D 343 -13.00 -22.65 -8.94
N LEU D 344 -12.44 -23.26 -9.98
CA LEU D 344 -11.64 -22.48 -10.94
C LEU D 344 -12.53 -21.62 -11.84
N SER D 345 -13.75 -22.07 -12.13
CA SER D 345 -14.66 -21.23 -12.92
C SER D 345 -15.01 -19.95 -12.18
N LYS D 346 -15.11 -20.00 -10.85
CA LYS D 346 -15.32 -18.79 -10.07
C LYS D 346 -14.03 -18.00 -9.90
N VAL D 347 -12.88 -18.66 -9.87
CA VAL D 347 -11.60 -17.95 -9.82
C VAL D 347 -11.39 -17.15 -11.09
N ARG D 348 -11.65 -17.77 -12.25
CA ARG D 348 -11.56 -17.03 -13.51
C ARG D 348 -12.57 -15.90 -13.56
N SER D 349 -13.78 -16.13 -13.04
CA SER D 349 -14.79 -15.07 -13.02
C SER D 349 -14.38 -13.94 -12.08
N THR D 350 -13.72 -14.28 -10.96
CA THR D 350 -13.26 -13.24 -10.05
C THR D 350 -12.10 -12.45 -10.66
N MET D 351 -11.23 -13.14 -11.42
CA MET D 351 -10.10 -12.45 -12.03
C MET D 351 -10.54 -11.50 -13.14
N CYS D 352 -11.69 -11.77 -13.77
CA CYS D 352 -12.23 -10.85 -14.76
C CYS D 352 -12.71 -9.56 -14.10
N ASN D 353 -13.34 -9.68 -12.92
CA ASN D 353 -13.84 -8.49 -12.23
C ASN D 353 -12.72 -7.57 -11.76
N CYS D 354 -11.49 -8.08 -11.67
CA CYS D 354 -10.34 -7.26 -11.34
C CYS D 354 -9.66 -6.66 -12.56
N GLY D 355 -9.87 -7.24 -13.74
CA GLY D 355 -9.21 -6.77 -14.94
C GLY D 355 -7.95 -7.51 -15.30
N ALA D 356 -7.82 -8.76 -14.87
CA ALA D 356 -6.62 -9.56 -15.09
C ALA D 356 -6.99 -10.80 -15.89
N LEU D 357 -6.16 -11.12 -16.89
CA LEU D 357 -6.37 -12.27 -17.75
C LEU D 357 -5.45 -13.43 -17.44
N ASN D 358 -4.46 -13.24 -16.55
CA ASN D 358 -3.60 -14.32 -16.12
C ASN D 358 -3.11 -14.01 -14.72
N ILE D 359 -2.50 -15.02 -14.08
CA ILE D 359 -2.06 -14.88 -12.69
C ILE D 359 -1.02 -13.77 -12.54
N PRO D 360 0.00 -13.66 -13.39
CA PRO D 360 0.92 -12.51 -13.27
C PRO D 360 0.22 -11.15 -13.28
N GLU D 361 -0.77 -10.96 -14.16
CA GLU D 361 -1.47 -9.69 -14.22
C GLU D 361 -2.27 -9.43 -12.94
N LEU D 362 -2.80 -10.49 -12.32
CA LEU D 362 -3.54 -10.31 -11.08
C LEU D 362 -2.63 -9.81 -9.96
N GLN D 363 -1.40 -10.31 -9.92
CA GLN D 363 -0.45 -9.90 -8.89
C GLN D 363 0.00 -8.45 -9.05
N GLN D 364 -0.26 -7.83 -10.20
CA GLN D 364 0.15 -6.46 -10.46
C GLN D 364 -0.99 -5.47 -10.47
N LYS D 365 -2.20 -5.88 -10.84
CA LYS D 365 -3.32 -4.97 -10.98
C LYS D 365 -4.31 -5.02 -9.84
N ALA D 366 -4.35 -6.11 -9.07
CA ALA D 366 -5.35 -6.27 -8.03
C ALA D 366 -5.16 -5.25 -6.93
N LYS D 367 -6.25 -4.63 -6.51
CA LYS D 367 -6.27 -3.70 -5.38
C LYS D 367 -6.84 -4.45 -4.18
N ILE D 368 -5.98 -4.81 -3.23
CA ILE D 368 -6.38 -5.58 -2.06
C ILE D 368 -6.53 -4.64 -0.89
N THR D 369 -7.71 -4.65 -0.26
CA THR D 369 -8.01 -3.80 0.88
C THR D 369 -8.41 -4.65 2.07
N LEU D 370 -8.32 -4.05 3.25
CA LEU D 370 -8.71 -4.71 4.50
C LEU D 370 -10.17 -4.44 4.80
N VAL D 371 -10.90 -5.50 5.12
CA VAL D 371 -12.29 -5.38 5.53
C VAL D 371 -12.33 -5.29 7.05
N SER D 372 -12.69 -4.12 7.58
CA SER D 372 -12.79 -3.94 9.02
C SER D 372 -13.83 -4.88 9.62
N SER D 373 -14.96 -5.03 8.93
CA SER D 373 -16.02 -5.95 9.37
C SER D 373 -16.99 -6.15 8.20
N THR D 374 -17.77 -7.21 8.30
CA THR D 374 -18.87 -7.46 7.39
C THR D 374 -20.15 -7.56 8.20
N SER D 375 -21.20 -6.85 7.78
CA SER D 375 -22.49 -6.90 8.44
C SER D 375 -23.54 -7.45 7.47
N ILE D 376 -24.57 -8.05 8.03
CA ILE D 376 -25.67 -8.64 7.27
C ILE D 376 -26.89 -7.73 7.41
N VAL D 377 -27.51 -7.40 6.28
CA VAL D 377 -28.68 -6.54 6.28
C VAL D 377 -29.96 -7.37 6.40
N ALA E 1 -22.39 -28.04 4.84
CA ALA E 1 -21.04 -28.57 4.83
C ALA E 1 -20.39 -28.49 6.21
N MET E 2 -20.64 -29.51 7.02
CA MET E 2 -20.13 -29.54 8.40
C MET E 2 -18.94 -30.49 8.49
N ALA E 3 -17.89 -30.03 9.17
CA ALA E 3 -16.73 -30.85 9.49
C ALA E 3 -16.66 -31.05 11.00
N PHE E 4 -16.36 -32.27 11.42
CA PHE E 4 -16.29 -32.63 12.83
C PHE E 4 -14.87 -32.95 13.22
N TYR E 5 -14.47 -32.54 14.43
CA TYR E 5 -13.14 -32.80 14.96
C TYR E 5 -13.28 -33.49 16.32
N PHE E 6 -12.30 -34.34 16.63
CA PHE E 6 -12.35 -35.15 17.84
C PHE E 6 -11.05 -35.00 18.64
N GLU E 7 -10.74 -33.75 18.99
CA GLU E 7 -9.62 -33.53 19.90
C GLU E 7 -9.99 -33.98 21.31
N GLU E 8 -8.99 -34.43 22.06
CA GLU E 8 -9.29 -34.95 23.38
C GLU E 8 -9.24 -33.85 24.43
N PRO E 9 -10.04 -33.98 25.48
CA PRO E 9 -10.04 -32.97 26.55
C PRO E 9 -8.68 -32.91 27.24
N SER E 10 -8.13 -31.70 27.33
CA SER E 10 -6.86 -31.46 27.99
C SER E 10 -7.01 -30.28 28.93
N ARG E 11 -6.50 -30.42 30.15
CA ARG E 11 -6.63 -29.41 31.19
C ARG E 11 -5.25 -28.95 31.66
N THR E 12 -5.19 -27.73 32.18
CA THR E 12 -3.94 -27.18 32.69
C THR E 12 -3.82 -27.42 34.19
N PHE E 13 -2.65 -27.08 34.73
CA PHE E 13 -2.43 -27.21 36.17
C PHE E 13 -3.40 -26.37 36.98
N SER E 14 -3.83 -25.22 36.44
CA SER E 14 -4.67 -24.30 37.18
C SER E 14 -6.07 -24.84 37.43
N GLU E 15 -6.47 -25.92 36.76
CA GLU E 15 -7.80 -26.49 36.89
C GLU E 15 -7.87 -27.56 37.97
N PHE E 16 -6.83 -27.71 38.79
CA PHE E 16 -6.79 -28.74 39.82
C PHE E 16 -6.39 -28.13 41.15
N LEU E 17 -6.69 -28.86 42.23
CA LEU E 17 -6.43 -28.40 43.59
C LEU E 17 -5.95 -29.57 44.43
N LEU E 18 -4.95 -29.32 45.26
CA LEU E 18 -4.44 -30.31 46.20
C LEU E 18 -5.10 -30.04 47.55
N VAL E 19 -6.11 -30.83 47.88
CA VAL E 19 -6.87 -30.65 49.12
C VAL E 19 -6.05 -31.20 50.28
N PRO E 20 -5.85 -30.44 51.34
CA PRO E 20 -5.15 -30.98 52.51
C PRO E 20 -6.08 -31.86 53.34
N GLY E 21 -5.45 -32.77 54.10
CA GLY E 21 -6.17 -33.70 54.94
C GLY E 21 -6.34 -33.23 56.36
N VAL E 28 6.18 -30.95 60.84
CA VAL E 28 6.93 -29.73 60.59
C VAL E 28 7.60 -29.81 59.21
N PRO E 29 7.46 -28.74 58.42
CA PRO E 29 8.01 -28.74 57.05
C PRO E 29 9.47 -29.15 56.95
N THR E 30 10.28 -28.91 57.98
CA THR E 30 11.70 -29.22 57.88
C THR E 30 11.96 -30.72 57.78
N ASN E 31 11.08 -31.54 58.36
CA ASN E 31 11.23 -32.99 58.30
C ASN E 31 10.72 -33.58 56.99
N VAL E 32 10.39 -32.75 56.00
CA VAL E 32 9.91 -33.21 54.71
C VAL E 32 11.09 -33.39 53.77
N SER E 33 11.21 -34.57 53.18
CA SER E 33 12.29 -34.90 52.25
C SER E 33 11.83 -34.65 50.83
N LEU E 34 12.66 -33.98 50.04
CA LEU E 34 12.37 -33.72 48.64
C LEU E 34 13.26 -34.52 47.69
N LYS E 35 13.95 -35.54 48.20
CA LYS E 35 14.72 -36.43 47.34
C LYS E 35 13.79 -37.17 46.38
N THR E 36 14.29 -37.45 45.19
CA THR E 36 13.48 -38.09 44.16
C THR E 36 14.40 -38.81 43.18
N PRO E 37 13.96 -39.92 42.60
CA PRO E 37 14.80 -40.64 41.63
C PRO E 37 14.65 -40.06 40.23
N ILE E 38 15.72 -40.18 39.44
CA ILE E 38 15.69 -39.69 38.06
C ILE E 38 16.12 -40.76 37.06
N VAL E 39 16.53 -41.93 37.53
CA VAL E 39 16.79 -43.05 36.62
C VAL E 39 16.00 -44.26 37.08
N LYS E 40 15.61 -45.08 36.11
CA LYS E 40 14.75 -46.23 36.38
C LYS E 40 15.40 -47.19 37.37
N PHE E 41 14.58 -47.79 38.21
CA PHE E 41 15.03 -48.75 39.20
C PHE E 41 14.00 -49.85 39.33
N LYS E 42 14.47 -51.05 39.66
CA LYS E 42 13.57 -52.17 39.85
C LYS E 42 12.84 -52.04 41.18
N LYS E 43 11.79 -52.85 41.33
CA LYS E 43 10.95 -52.81 42.53
C LYS E 43 11.78 -53.12 43.77
N GLY E 44 11.84 -52.16 44.69
CA GLY E 44 12.58 -52.32 45.92
C GLY E 44 14.02 -51.86 45.87
N GLU E 45 14.59 -51.69 44.69
CA GLU E 45 15.97 -51.26 44.57
C GLU E 45 16.09 -49.76 44.83
N GLU E 46 17.32 -49.27 44.80
CA GLU E 46 17.62 -47.85 44.95
C GLU E 46 18.07 -47.28 43.61
N SER E 47 17.66 -46.05 43.33
CA SER E 47 17.97 -45.44 42.04
C SER E 47 19.44 -45.09 41.93
N ALA E 48 19.99 -45.25 40.72
CA ALA E 48 21.40 -44.97 40.50
C ALA E 48 21.73 -43.50 40.71
N ILE E 49 20.80 -42.60 40.41
CA ILE E 49 20.99 -41.16 40.61
C ILE E 49 19.77 -40.63 41.32
N THR E 50 19.97 -40.00 42.48
CA THR E 50 18.88 -39.44 43.28
C THR E 50 19.19 -37.99 43.56
N MET E 51 18.34 -37.09 43.06
CA MET E 51 18.49 -35.67 43.36
C MET E 51 17.89 -35.36 44.72
N ASN E 52 18.39 -34.28 45.33
CA ASN E 52 17.90 -33.86 46.63
C ASN E 52 16.65 -33.00 46.54
N ILE E 53 16.44 -32.33 45.42
CA ILE E 53 15.21 -31.55 45.20
C ILE E 53 14.65 -31.94 43.84
N PRO E 54 13.34 -31.88 43.63
CA PRO E 54 12.76 -32.37 42.36
C PRO E 54 12.74 -31.33 41.26
N LEU E 55 13.79 -30.50 41.17
CA LEU E 55 13.86 -29.44 40.18
C LEU E 55 15.00 -29.70 39.21
N VAL E 56 14.73 -29.52 37.92
CA VAL E 56 15.75 -29.55 36.88
C VAL E 56 15.49 -28.39 35.92
N SER E 57 16.57 -27.82 35.39
CA SER E 57 16.46 -26.70 34.47
C SER E 57 16.31 -27.20 33.04
N ALA E 58 15.66 -26.39 32.22
CA ALA E 58 15.29 -26.80 30.87
C ALA E 58 16.49 -26.81 29.94
N ILE E 59 16.43 -27.68 28.92
CA ILE E 59 17.48 -27.81 27.93
C ILE E 59 17.38 -26.66 26.94
N MET E 60 17.72 -25.46 27.37
CA MET E 60 17.50 -24.26 26.57
C MET E 60 18.70 -23.33 26.64
N GLN E 61 18.96 -22.64 25.52
CA GLN E 61 20.03 -21.65 25.49
C GLN E 61 19.82 -20.56 26.52
N ALA E 62 18.57 -20.22 26.80
CA ALA E 62 18.22 -19.12 27.69
C ALA E 62 18.12 -19.54 29.14
N VAL E 63 18.48 -20.80 29.46
CA VAL E 63 18.25 -21.32 30.81
C VAL E 63 19.50 -21.97 31.37
N SER E 64 19.94 -23.08 30.75
CA SER E 64 20.92 -23.98 31.35
C SER E 64 22.27 -23.84 30.67
N ASP E 65 23.17 -23.10 31.31
CA ASP E 65 24.58 -23.08 30.95
C ASP E 65 25.39 -23.59 32.13
N ASP E 66 26.71 -23.44 32.07
CA ASP E 66 27.55 -23.91 33.15
C ASP E 66 27.30 -23.11 34.43
N ASN E 67 26.93 -21.84 34.32
CA ASN E 67 26.58 -21.06 35.50
C ASN E 67 25.30 -21.57 36.15
N MET E 68 24.30 -21.90 35.33
CA MET E 68 23.05 -22.45 35.85
C MET E 68 23.25 -23.83 36.44
N GLY E 69 24.16 -24.62 35.86
CA GLY E 69 24.39 -25.96 36.38
C GLY E 69 25.05 -25.96 37.74
N ILE E 70 26.06 -25.10 37.92
CA ILE E 70 26.74 -25.02 39.21
C ILE E 70 25.78 -24.55 40.30
N ALA E 71 24.95 -23.55 39.99
CA ALA E 71 24.06 -22.98 41.00
C ALA E 71 22.94 -23.95 41.36
N LEU E 72 22.37 -24.63 40.36
CA LEU E 72 21.26 -25.54 40.65
C LEU E 72 21.73 -26.80 41.35
N ALA E 73 22.93 -27.30 41.01
CA ALA E 73 23.46 -28.47 41.70
C ALA E 73 23.74 -28.17 43.16
N THR E 74 24.13 -26.93 43.47
CA THR E 74 24.39 -26.56 44.87
C THR E 74 23.12 -26.56 45.70
N GLU E 75 21.95 -26.48 45.07
CA GLU E 75 20.68 -26.50 45.80
C GLU E 75 20.00 -27.86 45.77
N GLY E 76 20.56 -28.85 45.07
CA GLY E 76 20.01 -30.19 45.05
C GLY E 76 19.48 -30.68 43.71
N GLY E 77 19.45 -29.86 42.66
CA GLY E 77 18.93 -30.26 41.38
C GLY E 77 20.01 -30.53 40.35
N VAL E 78 19.56 -30.73 39.12
CA VAL E 78 20.43 -30.99 37.98
C VAL E 78 20.02 -30.09 36.82
N SER E 79 21.01 -29.48 36.17
CA SER E 79 20.77 -28.71 34.96
C SER E 79 21.15 -29.56 33.75
N PHE E 80 20.28 -29.55 32.74
CA PHE E 80 20.55 -30.21 31.47
C PHE E 80 21.06 -29.14 30.51
N ILE E 81 22.39 -29.10 30.34
CA ILE E 81 23.01 -28.11 29.46
C ILE E 81 22.43 -28.24 28.06
N PHE E 82 22.12 -27.10 27.45
CA PHE E 82 21.46 -27.10 26.15
C PHE E 82 22.37 -27.65 25.07
N GLY E 83 21.77 -28.34 24.11
CA GLY E 83 22.49 -28.95 23.02
C GLY E 83 22.40 -28.22 21.70
N SER E 84 21.73 -27.07 21.66
CA SER E 84 21.65 -26.25 20.46
C SER E 84 22.91 -25.39 20.32
N GLN E 85 24.05 -26.09 20.29
CA GLN E 85 25.36 -25.48 20.15
C GLN E 85 26.31 -26.54 19.63
N SER E 86 27.57 -26.16 19.48
CA SER E 86 28.57 -27.11 18.98
C SER E 86 28.82 -28.20 20.02
N ILE E 87 29.27 -29.35 19.54
CA ILE E 87 29.58 -30.47 20.43
C ILE E 87 30.71 -30.08 21.37
N GLU E 88 31.73 -29.38 20.86
CA GLU E 88 32.84 -28.96 21.70
C GLU E 88 32.38 -27.96 22.76
N SER E 89 31.45 -27.06 22.40
CA SER E 89 30.96 -26.10 23.37
C SER E 89 30.11 -26.77 24.45
N GLU E 90 29.33 -27.79 24.07
CA GLU E 90 28.57 -28.54 25.06
C GLU E 90 29.50 -29.24 26.04
N ALA E 91 30.46 -30.01 25.52
CA ALA E 91 31.41 -30.72 26.38
C ALA E 91 32.20 -29.76 27.24
N ALA E 92 32.51 -28.56 26.73
CA ALA E 92 33.22 -27.57 27.52
C ALA E 92 32.35 -27.06 28.67
N MET E 93 31.09 -26.74 28.36
CA MET E 93 30.17 -26.29 29.41
C MET E 93 30.01 -27.35 30.49
N VAL E 94 29.83 -28.61 30.08
CA VAL E 94 29.69 -29.70 31.04
C VAL E 94 30.96 -29.85 31.88
N SER E 95 32.13 -29.75 31.22
CA SER E 95 33.38 -29.87 31.94
C SER E 95 33.58 -28.73 32.94
N ARG E 96 33.05 -27.54 32.63
CA ARG E 96 33.16 -26.43 33.57
C ARG E 96 32.35 -26.68 34.83
N VAL E 97 31.23 -27.40 34.73
CA VAL E 97 30.43 -27.70 35.91
C VAL E 97 31.14 -28.74 36.78
N LYS E 98 31.71 -29.77 36.15
CA LYS E 98 32.31 -30.86 36.91
C LYS E 98 33.55 -30.40 37.67
N ASN E 99 34.41 -29.61 37.03
CA ASN E 99 35.66 -29.16 37.64
C ASN E 99 35.47 -27.80 38.32
N HIS E 100 34.64 -27.80 39.36
CA HIS E 100 34.36 -26.58 40.10
C HIS E 100 34.34 -26.88 41.59
N LYS E 101 34.62 -25.85 42.40
CA LYS E 101 34.65 -26.00 43.84
C LYS E 101 33.25 -26.29 44.37
N SER E 102 33.17 -27.23 45.31
CA SER E 102 31.90 -27.59 45.93
C SER E 102 31.98 -27.50 47.45
N ASN E 114 24.67 -24.67 50.60
CA ASN E 114 25.23 -25.82 49.89
C ASN E 114 25.16 -27.08 50.76
N LYS E 115 24.12 -27.17 51.58
CA LYS E 115 23.91 -28.36 52.41
C LYS E 115 23.31 -29.51 51.60
N LEU E 116 22.36 -29.21 50.73
CA LEU E 116 21.73 -30.20 49.87
C LEU E 116 22.43 -30.34 48.53
N GLU E 117 23.69 -29.93 48.43
CA GLU E 117 24.41 -29.98 47.16
C GLU E 117 24.49 -31.40 46.64
N LEU E 118 24.30 -31.55 45.33
CA LEU E 118 24.29 -32.86 44.67
C LEU E 118 25.66 -33.11 44.05
N LEU E 119 26.34 -34.15 44.53
CA LEU E 119 27.68 -34.50 44.08
C LEU E 119 27.70 -35.94 43.59
N ASP E 120 28.76 -36.29 42.86
CA ASP E 120 28.93 -37.63 42.32
C ASP E 120 29.93 -38.42 43.15
N SER E 121 30.54 -39.44 42.54
CA SER E 121 31.52 -40.26 43.24
C SER E 121 32.84 -39.53 43.42
N SER E 122 33.20 -38.66 42.48
CA SER E 122 34.44 -37.90 42.54
C SER E 122 34.25 -36.50 43.13
N LYS E 123 33.22 -36.33 43.98
CA LYS E 123 32.93 -35.07 44.66
C LYS E 123 32.68 -33.92 43.70
N ARG E 124 32.34 -34.22 42.45
CA ARG E 124 32.07 -33.20 41.44
C ARG E 124 30.57 -32.98 41.30
N TYR E 125 30.21 -31.77 40.86
CA TYR E 125 28.81 -31.41 40.72
C TYR E 125 28.12 -32.29 39.68
N VAL E 126 26.95 -32.81 40.03
CA VAL E 126 26.15 -33.58 39.09
C VAL E 126 25.53 -32.65 38.06
N VAL E 127 25.68 -32.97 36.78
CA VAL E 127 25.14 -32.15 35.70
C VAL E 127 24.65 -33.06 34.59
N GLY E 128 23.58 -32.61 33.92
CA GLY E 128 23.04 -33.29 32.76
C GLY E 128 23.35 -32.51 31.48
N ALA E 129 23.09 -33.17 30.36
CA ALA E 129 23.35 -32.59 29.06
C ALA E 129 22.32 -33.07 28.07
N GLY E 130 21.87 -32.16 27.20
CA GLY E 130 20.91 -32.51 26.17
C GLY E 130 21.58 -32.99 24.89
N ILE E 131 20.90 -33.91 24.20
CA ILE E 131 21.35 -34.43 22.92
C ILE E 131 20.18 -34.38 21.94
N ASN E 132 20.53 -34.35 20.66
CA ASN E 132 19.55 -34.38 19.59
C ASN E 132 19.56 -35.74 18.90
N THR E 133 18.61 -35.94 17.99
CA THR E 133 18.45 -37.20 17.28
C THR E 133 19.23 -37.25 15.98
N ARG E 134 20.22 -36.37 15.82
CA ARG E 134 20.98 -36.26 14.57
C ARG E 134 22.44 -36.65 14.78
N ASP E 135 23.24 -35.79 15.41
CA ASP E 135 24.67 -36.04 15.56
C ASP E 135 25.02 -36.75 16.87
N TYR E 136 24.18 -37.68 17.32
CA TYR E 136 24.42 -38.33 18.61
C TYR E 136 25.65 -39.22 18.58
N GLU E 137 26.04 -39.72 17.40
CA GLU E 137 27.22 -40.58 17.32
C GLU E 137 28.48 -39.84 17.74
N GLU E 138 28.56 -38.54 17.48
CA GLU E 138 29.70 -37.73 17.90
C GLU E 138 29.45 -36.99 19.21
N ARG E 139 28.22 -36.57 19.47
CA ARG E 139 27.96 -35.74 20.64
C ARG E 139 27.96 -36.55 21.94
N VAL E 140 27.42 -37.77 21.91
CA VAL E 140 27.35 -38.58 23.12
C VAL E 140 28.73 -38.93 23.67
N PRO E 141 29.69 -39.43 22.86
CA PRO E 141 31.02 -39.71 23.45
C PRO E 141 31.70 -38.48 24.03
N ALA E 142 31.54 -37.32 23.41
CA ALA E 142 32.16 -36.11 23.94
C ALA E 142 31.53 -35.70 25.27
N LEU E 143 30.21 -35.88 25.41
CA LEU E 143 29.56 -35.53 26.66
C LEU E 143 29.93 -36.51 27.77
N VAL E 144 30.01 -37.81 27.43
CA VAL E 144 30.46 -38.79 28.41
C VAL E 144 31.91 -38.55 28.79
N GLU E 145 32.77 -38.26 27.81
CA GLU E 145 34.15 -37.92 28.10
C GLU E 145 34.25 -36.69 28.98
N ALA E 146 33.34 -35.73 28.80
CA ALA E 146 33.32 -34.53 29.63
C ALA E 146 32.79 -34.80 31.04
N GLY E 147 32.18 -35.95 31.28
CA GLY E 147 31.71 -36.30 32.60
C GLY E 147 30.25 -36.03 32.88
N ALA E 148 29.41 -35.92 31.85
CA ALA E 148 27.99 -35.71 32.06
C ALA E 148 27.39 -36.91 32.79
N ASP E 149 26.71 -36.64 33.90
CA ASP E 149 26.16 -37.71 34.72
C ASP E 149 24.92 -38.34 34.08
N ILE E 150 24.18 -37.58 33.29
CA ILE E 150 22.97 -38.11 32.66
C ILE E 150 22.72 -37.31 31.39
N LEU E 151 22.12 -37.98 30.40
CA LEU E 151 21.77 -37.35 29.15
C LEU E 151 20.25 -37.29 29.02
N CYS E 152 19.78 -36.44 28.11
CA CYS E 152 18.35 -36.33 27.84
C CYS E 152 18.15 -35.93 26.39
N ILE E 153 17.41 -36.76 25.65
CA ILE E 153 17.11 -36.48 24.25
C ILE E 153 16.11 -35.32 24.21
N ASP E 154 16.57 -34.15 23.79
CA ASP E 154 15.74 -32.95 23.73
C ASP E 154 14.95 -32.99 22.42
N SER E 155 13.73 -33.53 22.49
CA SER E 155 12.88 -33.68 21.31
C SER E 155 11.44 -33.41 21.73
N SER E 156 10.52 -33.60 20.79
CA SER E 156 9.09 -33.39 21.03
C SER E 156 8.34 -34.71 20.85
N GLU E 157 7.01 -34.63 20.83
CA GLU E 157 6.18 -35.83 20.81
C GLU E 157 6.14 -36.48 19.44
N GLY E 158 6.31 -35.71 18.37
CA GLY E 158 6.23 -36.26 17.03
C GLY E 158 7.48 -36.93 16.52
N TYR E 159 8.61 -36.77 17.21
CA TYR E 159 9.89 -37.34 16.78
C TYR E 159 10.23 -38.62 17.54
N SER E 160 9.22 -39.45 17.84
CA SER E 160 9.45 -40.62 18.68
C SER E 160 10.39 -41.62 18.02
N GLU E 161 10.23 -41.85 16.72
CA GLU E 161 11.01 -42.88 16.05
C GLU E 161 12.50 -42.56 16.09
N TRP E 162 12.87 -41.30 15.85
CA TRP E 162 14.27 -40.91 15.93
C TRP E 162 14.76 -40.78 17.37
N GLN E 163 13.85 -40.72 18.35
CA GLN E 163 14.27 -40.80 19.74
C GLN E 163 14.70 -42.22 20.10
N LYS E 164 13.96 -43.23 19.65
CA LYS E 164 14.33 -44.61 19.96
C LYS E 164 15.68 -44.97 19.35
N ARG E 165 15.92 -44.56 18.10
CA ARG E 165 17.19 -44.88 17.46
C ARG E 165 18.36 -44.17 18.16
N THR E 166 18.10 -43.04 18.80
CA THR E 166 19.13 -42.44 19.65
C THR E 166 19.34 -43.28 20.91
N LEU E 167 18.24 -43.73 21.52
CA LEU E 167 18.35 -44.62 22.68
C LEU E 167 19.01 -45.94 22.30
N ASP E 168 18.70 -46.45 21.10
CA ASP E 168 19.30 -47.70 20.66
C ASP E 168 20.80 -47.57 20.49
N TYR E 169 21.27 -46.41 20.02
CA TYR E 169 22.71 -46.19 19.90
C TYR E 169 23.38 -46.19 21.27
N VAL E 170 22.76 -45.52 22.26
CA VAL E 170 23.35 -45.45 23.59
C VAL E 170 23.40 -46.83 24.22
N ARG E 171 22.34 -47.62 24.05
CA ARG E 171 22.30 -48.95 24.65
C ARG E 171 23.24 -49.91 23.94
N GLY E 172 23.27 -49.88 22.61
CA GLY E 172 24.12 -50.77 21.85
C GLY E 172 25.61 -50.53 22.04
N LYS E 173 25.99 -49.32 22.45
CA LYS E 173 27.39 -48.98 22.66
C LYS E 173 27.78 -48.92 24.13
N TYR E 174 26.95 -48.32 24.98
CA TYR E 174 27.28 -48.14 26.38
C TYR E 174 26.53 -49.06 27.32
N GLY E 175 25.61 -49.87 26.82
CA GLY E 175 24.80 -50.70 27.70
C GLY E 175 23.96 -49.81 28.60
N ASP E 176 24.11 -49.99 29.91
CA ASP E 176 23.42 -49.16 30.89
C ASP E 176 24.38 -48.28 31.69
N THR E 177 25.65 -48.21 31.30
CA THR E 177 26.60 -47.36 32.00
C THR E 177 26.35 -45.89 31.78
N VAL E 178 25.69 -45.53 30.67
CA VAL E 178 25.35 -44.15 30.37
C VAL E 178 23.85 -43.98 30.56
N LYS E 179 23.47 -43.10 31.49
CA LYS E 179 22.07 -42.83 31.76
C LYS E 179 21.56 -41.75 30.82
N VAL E 180 20.43 -42.03 30.16
CA VAL E 180 19.87 -41.14 29.15
C VAL E 180 18.36 -41.13 29.27
N GLY E 181 17.78 -39.93 29.38
CA GLY E 181 16.34 -39.77 29.33
C GLY E 181 15.88 -39.40 27.94
N ALA E 182 14.57 -39.50 27.73
CA ALA E 182 13.97 -39.22 26.43
C ALA E 182 12.65 -38.49 26.62
N GLY E 183 12.25 -37.78 25.58
CA GLY E 183 11.01 -37.03 25.61
C GLY E 183 11.00 -36.01 24.48
N ASN E 184 9.87 -35.32 24.39
CA ASN E 184 8.72 -35.45 25.28
C ASN E 184 7.65 -36.36 24.68
N VAL E 185 6.73 -36.82 25.54
CA VAL E 185 5.58 -37.62 25.14
C VAL E 185 4.38 -37.18 25.97
N VAL E 186 3.19 -37.61 25.55
CA VAL E 186 1.96 -37.12 26.15
C VAL E 186 0.98 -38.25 26.43
N ASP E 187 1.22 -39.43 25.85
CA ASP E 187 0.25 -40.52 25.93
C ASP E 187 0.94 -41.83 26.29
N ARG E 188 0.10 -42.84 26.57
CA ARG E 188 0.61 -44.17 26.92
C ARG E 188 1.46 -44.74 25.79
N ASP E 189 0.94 -44.69 24.56
CA ASP E 189 1.70 -45.19 23.42
C ASP E 189 3.07 -44.55 23.32
N GLY E 190 3.15 -43.23 23.59
CA GLY E 190 4.44 -42.57 23.57
C GLY E 190 5.34 -42.99 24.70
N PHE E 191 4.77 -43.18 25.89
CA PHE E 191 5.57 -43.60 27.04
C PHE E 191 6.17 -44.98 26.85
N ARG E 192 5.33 -45.94 26.42
CA ARG E 192 5.80 -47.32 26.28
C ARG E 192 6.88 -47.44 25.20
N TYR E 193 6.74 -46.68 24.12
CA TYR E 193 7.70 -46.76 23.02
C TYR E 193 9.11 -46.36 23.49
N LEU E 194 9.20 -45.30 24.30
CA LEU E 194 10.49 -44.90 24.84
C LEU E 194 10.93 -45.80 25.99
N ALA E 195 9.97 -46.36 26.75
CA ALA E 195 10.31 -47.22 27.87
C ALA E 195 11.00 -48.49 27.41
N GLU E 196 10.45 -49.14 26.37
CA GLU E 196 11.02 -50.38 25.87
C GLU E 196 12.31 -50.16 25.09
N ALA E 197 12.66 -48.92 24.76
CA ALA E 197 13.95 -48.62 24.16
C ALA E 197 15.05 -48.42 25.19
N GLY E 198 14.70 -48.39 26.48
CA GLY E 198 15.68 -48.28 27.54
C GLY E 198 15.81 -46.92 28.17
N ALA E 199 14.83 -46.04 28.01
CA ALA E 199 14.90 -44.70 28.59
C ALA E 199 14.94 -44.78 30.11
N ASP E 200 15.92 -44.09 30.71
CA ASP E 200 16.04 -44.11 32.17
C ASP E 200 14.97 -43.27 32.84
N PHE E 201 14.49 -42.23 32.17
CA PHE E 201 13.32 -41.48 32.63
C PHE E 201 12.60 -40.94 31.40
N VAL E 202 11.33 -40.63 31.59
CA VAL E 202 10.46 -40.17 30.51
C VAL E 202 10.02 -38.75 30.83
N LYS E 203 10.21 -37.84 29.87
CA LYS E 203 9.85 -36.44 30.01
C LYS E 203 8.50 -36.19 29.36
N VAL E 204 7.61 -35.49 30.06
CA VAL E 204 6.24 -35.28 29.63
C VAL E 204 6.02 -33.80 29.37
N GLY E 205 5.54 -33.48 28.17
CA GLY E 205 5.25 -32.12 27.79
C GLY E 205 4.66 -32.04 26.40
N VAL E 206 3.77 -31.07 26.17
CA VAL E 206 3.18 -30.91 24.84
C VAL E 206 4.15 -30.33 23.83
N GLY E 207 5.27 -29.76 24.28
CA GLY E 207 6.27 -29.26 23.36
C GLY E 207 7.62 -29.95 23.50
N GLY E 208 8.68 -29.16 23.60
CA GLY E 208 10.02 -29.69 23.71
C GLY E 208 10.78 -29.61 22.40
N GLY E 209 12.11 -29.56 22.51
CA GLY E 209 12.93 -29.50 21.31
C GLY E 209 12.81 -28.15 20.61
N SER E 210 13.05 -28.18 19.30
CA SER E 210 13.06 -26.98 18.48
C SER E 210 11.75 -26.78 17.72
N ILE E 211 10.69 -27.48 18.12
CA ILE E 211 9.41 -27.39 17.42
C ILE E 211 8.69 -26.13 17.89
N CYS E 212 7.65 -25.72 17.17
CA CYS E 212 6.88 -24.55 17.58
C CYS E 212 5.88 -24.91 18.66
N ILE E 213 5.53 -23.90 19.48
CA ILE E 213 4.49 -24.03 20.49
C ILE E 213 3.66 -22.75 20.50
N THR E 214 2.44 -22.87 20.99
CA THR E 214 1.54 -21.72 21.06
C THR E 214 1.30 -21.29 22.52
N GLY E 223 -2.56 -28.48 28.33
CA GLY E 223 -2.87 -29.86 28.61
C GLY E 223 -1.76 -30.58 29.35
N GLN E 224 -0.89 -29.80 30.00
CA GLN E 224 0.22 -30.38 30.73
C GLN E 224 -0.25 -31.27 31.88
N ALA E 225 -1.36 -30.89 32.53
CA ALA E 225 -1.91 -31.73 33.57
C ALA E 225 -2.46 -33.03 33.00
N THR E 226 -3.24 -32.93 31.91
CA THR E 226 -3.78 -34.13 31.29
C THR E 226 -2.66 -35.01 30.73
N ALA E 227 -1.63 -34.39 30.14
CA ALA E 227 -0.50 -35.17 29.63
C ALA E 227 0.24 -35.86 30.79
N LEU E 228 0.42 -35.16 31.90
CA LEU E 228 1.09 -35.77 33.05
C LEU E 228 0.23 -36.88 33.64
N ILE E 229 -1.08 -36.66 33.73
CA ILE E 229 -1.97 -37.69 34.27
C ILE E 229 -1.99 -38.91 33.35
N ASP E 230 -2.04 -38.68 32.04
CA ASP E 230 -2.11 -39.80 31.09
C ASP E 230 -0.84 -40.65 31.13
N VAL E 231 0.32 -40.02 31.28
CA VAL E 231 1.58 -40.75 31.29
C VAL E 231 1.84 -41.38 32.66
N ALA E 232 1.43 -40.71 33.74
CA ALA E 232 1.61 -41.29 35.07
C ALA E 232 0.88 -42.62 35.22
N LYS E 233 -0.29 -42.74 34.60
CA LYS E 233 -1.05 -43.98 34.66
C LYS E 233 -0.40 -45.07 33.82
N ALA E 234 0.16 -44.72 32.66
CA ALA E 234 0.87 -45.70 31.84
C ALA E 234 2.15 -46.16 32.53
N ARG E 235 2.83 -45.24 33.22
CA ARG E 235 4.02 -45.60 33.99
C ARG E 235 3.66 -46.56 35.12
N ASP E 236 2.54 -46.31 35.81
CA ASP E 236 2.16 -47.17 36.92
C ASP E 236 1.72 -48.55 36.44
N GLU E 237 1.05 -48.62 35.29
CA GLU E 237 0.74 -49.92 34.71
C GLU E 237 2.01 -50.63 34.26
N TYR E 238 2.94 -49.88 33.64
CA TYR E 238 4.22 -50.46 33.26
C TYR E 238 5.00 -50.96 34.47
N PHE E 239 4.80 -50.34 35.63
CA PHE E 239 5.46 -50.78 36.84
C PHE E 239 4.88 -52.09 37.36
N GLU E 240 3.58 -52.30 37.18
CA GLU E 240 2.97 -53.59 37.55
C GLU E 240 3.36 -54.66 36.54
N GLU E 241 3.46 -54.27 35.26
CA GLU E 241 3.72 -55.24 34.20
C GLU E 241 5.14 -55.76 34.25
N THR E 242 6.10 -54.87 34.48
CA THR E 242 7.51 -55.23 34.38
C THR E 242 8.26 -55.21 35.71
N GLY E 243 7.74 -54.52 36.73
CA GLY E 243 8.48 -54.30 37.95
C GLY E 243 9.49 -53.17 37.88
N VAL E 244 9.58 -52.46 36.75
CA VAL E 244 10.52 -51.36 36.57
C VAL E 244 9.77 -50.05 36.76
N TYR E 245 10.25 -49.21 37.67
CA TYR E 245 9.70 -47.89 37.89
C TYR E 245 10.51 -46.89 37.08
N ILE E 246 9.86 -46.18 36.17
CA ILE E 246 10.51 -45.22 35.30
C ILE E 246 10.12 -43.82 35.76
N PRO E 247 11.07 -43.02 36.26
CA PRO E 247 10.73 -41.66 36.71
C PRO E 247 10.18 -40.81 35.57
N ILE E 248 9.26 -39.92 35.93
CA ILE E 248 8.59 -39.04 34.99
C ILE E 248 9.02 -37.61 35.29
N CYS E 249 9.39 -36.87 34.25
CA CYS E 249 9.73 -35.46 34.37
C CYS E 249 8.62 -34.64 33.71
N SER E 250 7.94 -33.82 34.50
CA SER E 250 6.93 -32.90 33.98
C SER E 250 7.64 -31.68 33.42
N ASP E 251 7.58 -31.51 32.09
CA ASP E 251 8.33 -30.48 31.39
C ASP E 251 7.41 -29.30 31.06
N GLY E 252 7.63 -28.17 31.70
CA GLY E 252 6.93 -26.95 31.40
C GLY E 252 5.54 -26.88 31.98
N GLY E 253 5.03 -25.66 32.08
CA GLY E 253 3.68 -25.42 32.56
C GLY E 253 3.57 -24.96 34.00
N ILE E 254 4.68 -24.87 34.72
CA ILE E 254 4.68 -24.43 36.11
C ILE E 254 4.74 -22.92 36.14
N VAL E 255 3.65 -22.28 36.56
CA VAL E 255 3.58 -20.83 36.65
C VAL E 255 3.75 -20.36 38.09
N TYR E 256 3.09 -21.02 39.04
CA TYR E 256 3.18 -20.68 40.44
C TYR E 256 3.81 -21.83 41.22
N ASP E 257 4.24 -21.53 42.45
CA ASP E 257 4.95 -22.51 43.25
C ASP E 257 4.04 -23.65 43.69
N TYR E 258 2.74 -23.39 43.86
CA TYR E 258 1.84 -24.48 44.22
C TYR E 258 1.57 -25.42 43.06
N HIS E 259 1.96 -25.05 41.84
CA HIS E 259 1.92 -25.99 40.73
C HIS E 259 3.00 -27.07 40.86
N MET E 260 4.10 -26.76 41.54
CA MET E 260 5.15 -27.75 41.76
C MET E 260 4.62 -28.92 42.59
N THR E 261 4.09 -28.61 43.78
CA THR E 261 3.52 -29.64 44.64
C THR E 261 2.42 -30.41 43.91
N LEU E 262 1.65 -29.70 43.07
CA LEU E 262 0.58 -30.35 42.32
C LEU E 262 1.15 -31.34 41.31
N ALA E 263 2.11 -30.89 40.49
CA ALA E 263 2.70 -31.77 39.49
C ALA E 263 3.27 -33.03 40.10
N LEU E 264 3.98 -32.90 41.23
CA LEU E 264 4.47 -34.07 41.93
C LEU E 264 3.33 -34.99 42.36
N ALA E 265 2.26 -34.41 42.93
CA ALA E 265 1.13 -35.20 43.41
C ALA E 265 0.43 -35.96 42.29
N MET E 266 0.51 -35.49 41.04
CA MET E 266 -0.14 -36.17 39.93
C MET E 266 0.67 -37.35 39.41
N GLY E 267 1.95 -37.44 39.78
CA GLY E 267 2.76 -38.57 39.38
C GLY E 267 4.12 -38.20 38.84
N ALA E 268 4.41 -36.91 38.77
CA ALA E 268 5.72 -36.44 38.34
C ALA E 268 6.75 -36.68 39.42
N ASP E 269 7.88 -37.27 39.06
CA ASP E 269 8.96 -37.50 40.01
C ASP E 269 9.89 -36.30 40.13
N PHE E 270 10.02 -35.51 39.07
CA PHE E 270 10.72 -34.24 39.13
C PHE E 270 10.18 -33.34 38.03
N ILE E 271 10.56 -32.07 38.08
CA ILE E 271 9.94 -31.04 37.27
C ILE E 271 11.01 -30.28 36.52
N MET E 272 10.80 -30.10 35.21
CA MET E 272 11.68 -29.29 34.38
C MET E 272 11.03 -27.94 34.12
N LEU E 273 11.76 -26.87 34.41
CA LEU E 273 11.26 -25.51 34.26
C LEU E 273 12.24 -24.69 33.44
N GLY E 274 11.70 -23.83 32.59
CA GLY E 274 12.51 -22.97 31.75
C GLY E 274 12.41 -21.51 32.12
N ARG E 275 11.21 -20.93 31.97
CA ARG E 275 11.01 -19.53 32.32
C ARG E 275 11.31 -19.27 33.79
N TYR E 276 11.02 -20.23 34.66
CA TYR E 276 11.28 -20.06 36.10
C TYR E 276 12.76 -19.79 36.35
N PHE E 277 13.64 -20.45 35.62
CA PHE E 277 15.08 -20.32 35.85
C PHE E 277 15.73 -19.18 35.08
N SER E 278 15.13 -18.73 33.97
CA SER E 278 15.70 -17.62 33.24
C SER E 278 15.59 -16.30 34.00
N ARG E 279 14.72 -16.24 35.01
CA ARG E 279 14.52 -15.03 35.80
C ARG E 279 15.69 -14.72 36.73
N PHE E 280 16.66 -15.61 36.84
CA PHE E 280 17.68 -15.52 37.87
C PHE E 280 18.97 -14.89 37.34
N ASP E 281 19.86 -14.55 38.29
CA ASP E 281 21.17 -14.01 37.93
C ASP E 281 21.98 -15.01 37.12
N GLU E 282 22.01 -16.27 37.58
CA GLU E 282 22.78 -17.31 36.91
C GLU E 282 22.26 -17.66 35.52
N SER E 283 21.14 -17.07 35.10
CA SER E 283 20.66 -17.28 33.74
C SER E 283 21.62 -16.61 32.74
N PRO E 284 21.88 -17.26 31.60
CA PRO E 284 22.83 -16.69 30.63
C PRO E 284 22.26 -15.58 29.76
N THR E 285 21.08 -15.05 30.08
CA THR E 285 20.43 -14.04 29.28
C THR E 285 20.71 -12.64 29.81
N ASN E 286 20.52 -11.64 28.95
CA ASN E 286 20.77 -10.26 29.31
C ASN E 286 19.69 -9.73 30.25
N LYS E 287 20.09 -8.85 31.15
CA LYS E 287 19.17 -8.16 32.04
C LYS E 287 18.93 -6.76 31.50
N VAL E 288 17.66 -6.40 31.33
CA VAL E 288 17.29 -5.11 30.78
C VAL E 288 16.37 -4.40 31.75
N ASN E 289 16.25 -3.08 31.58
CA ASN E 289 15.34 -2.24 32.34
C ASN E 289 14.17 -1.89 31.45
N LEU E 290 13.00 -2.43 31.75
CA LEU E 290 11.79 -2.24 30.94
C LEU E 290 10.80 -1.41 31.75
N ASN E 291 10.85 -0.10 31.56
CA ASN E 291 9.92 0.84 32.19
C ASN E 291 10.01 0.76 33.71
N GLY E 292 11.24 0.88 34.23
CA GLY E 292 11.49 0.87 35.65
C GLY E 292 11.66 -0.50 36.27
N THR E 293 11.17 -1.55 35.62
CA THR E 293 11.24 -2.90 36.15
C THR E 293 12.34 -3.68 35.43
N TYR E 294 13.29 -4.21 36.17
CA TYR E 294 14.35 -5.03 35.59
C TYR E 294 13.76 -6.33 35.05
N MET E 295 14.12 -6.67 33.81
CA MET E 295 13.63 -7.86 33.15
C MET E 295 14.82 -8.67 32.62
N LYS E 296 14.53 -9.87 32.15
CA LYS E 296 15.53 -10.75 31.55
C LYS E 296 15.03 -11.23 30.21
N GLU E 297 15.91 -11.21 29.21
CA GLU E 297 15.54 -11.67 27.88
C GLU E 297 15.24 -13.17 27.91
N TYR E 298 14.35 -13.60 27.01
CA TYR E 298 13.94 -14.98 26.98
C TYR E 298 13.55 -15.36 25.56
N TRP E 299 13.86 -16.60 25.17
CA TRP E 299 13.46 -17.12 23.88
C TRP E 299 13.40 -18.64 23.98
N GLY E 300 12.57 -19.24 23.14
CA GLY E 300 12.44 -20.68 23.11
C GLY E 300 13.39 -21.33 22.12
N GLU E 301 13.52 -22.65 22.25
CA GLU E 301 14.36 -23.41 21.33
C GLU E 301 13.79 -23.46 19.91
N GLY E 302 12.52 -23.09 19.72
CA GLY E 302 11.97 -22.98 18.40
C GLY E 302 12.36 -21.73 17.64
N ALA E 303 13.01 -20.78 18.31
CA ALA E 303 13.49 -19.59 17.63
C ALA E 303 14.64 -19.93 16.69
N ASN E 304 14.87 -19.04 15.72
CA ASN E 304 15.90 -19.28 14.72
C ASN E 304 17.28 -19.36 15.36
N ARG E 305 17.53 -18.54 16.39
CA ARG E 305 18.84 -18.52 17.03
C ARG E 305 19.18 -19.83 17.73
N ALA E 306 18.17 -20.61 18.11
CA ALA E 306 18.39 -21.90 18.75
C ALA E 306 18.16 -23.07 17.80
N ARG E 307 17.07 -23.03 17.03
CA ARG E 307 16.80 -24.11 16.08
C ARG E 307 17.89 -24.17 15.01
N ASN E 308 18.42 -23.03 14.60
CA ASN E 308 19.47 -23.00 13.60
C ASN E 308 20.74 -22.37 14.18
N TRP E 309 21.24 -22.94 15.27
CA TRP E 309 22.45 -22.44 15.91
C TRP E 309 23.67 -22.55 15.00
N GLN E 310 23.63 -23.45 14.02
CA GLN E 310 24.77 -23.60 13.12
C GLN E 310 25.03 -22.34 12.31
N ARG E 311 23.97 -21.55 12.04
CA ARG E 311 24.14 -20.33 11.26
C ARG E 311 24.93 -19.27 12.01
N TYR E 312 25.11 -19.41 13.32
CA TYR E 312 25.76 -18.40 14.13
C TYR E 312 26.98 -18.91 14.87
N ASP E 313 27.32 -20.20 14.72
CA ASP E 313 28.56 -20.78 15.25
C ASP E 313 28.70 -22.24 14.81
N GLY E 325 16.52 -11.30 18.51
CA GLY E 325 16.33 -12.70 18.82
C GLY E 325 15.57 -12.94 20.11
N VAL E 326 15.01 -11.87 20.66
CA VAL E 326 14.29 -11.92 21.92
C VAL E 326 12.83 -12.24 21.63
N ASP E 327 12.37 -13.41 22.07
CA ASP E 327 10.96 -13.76 21.91
C ASP E 327 10.10 -13.15 23.01
N SER E 328 10.63 -13.02 24.23
CA SER E 328 9.84 -12.61 25.37
C SER E 328 10.76 -11.99 26.41
N TYR E 329 10.14 -11.36 27.41
CA TYR E 329 10.85 -10.81 28.56
C TYR E 329 10.21 -11.38 29.83
N VAL E 330 11.04 -11.84 30.75
CA VAL E 330 10.56 -12.38 32.01
C VAL E 330 11.01 -11.46 33.14
N PRO E 331 10.24 -11.34 34.23
CA PRO E 331 10.63 -10.43 35.32
C PRO E 331 11.86 -10.95 36.06
N TYR E 332 12.85 -10.09 36.22
CA TYR E 332 14.06 -10.46 36.93
C TYR E 332 13.73 -10.77 38.39
N ALA E 333 14.04 -12.00 38.81
CA ALA E 333 13.69 -12.46 40.15
C ALA E 333 14.84 -12.40 41.15
N GLY E 334 16.08 -12.26 40.69
CA GLY E 334 17.20 -12.20 41.60
C GLY E 334 18.02 -13.47 41.69
N SER E 335 18.29 -13.93 42.92
CA SER E 335 19.16 -15.08 43.15
C SER E 335 18.37 -16.37 43.07
N LEU E 336 18.97 -17.38 42.42
CA LEU E 336 18.35 -18.70 42.37
C LEU E 336 18.21 -19.29 43.77
N LYS E 337 19.23 -19.12 44.61
CA LYS E 337 19.20 -19.70 45.95
C LYS E 337 18.04 -19.15 46.76
N ASP E 338 17.76 -17.85 46.65
CA ASP E 338 16.70 -17.25 47.45
C ASP E 338 15.32 -17.63 46.93
N ASN E 339 15.18 -17.74 45.60
CA ASN E 339 13.88 -18.08 45.04
C ASN E 339 13.55 -19.56 45.20
N VAL E 340 14.53 -20.43 45.00
CA VAL E 340 14.30 -21.87 45.12
C VAL E 340 13.92 -22.22 46.56
N ALA E 341 14.57 -21.59 47.53
CA ALA E 341 14.22 -21.83 48.93
C ALA E 341 12.80 -21.41 49.22
N ILE E 342 12.36 -20.28 48.68
CA ILE E 342 10.97 -19.84 48.84
C ILE E 342 10.03 -20.84 48.17
N SER E 343 10.40 -21.32 46.99
CA SER E 343 9.53 -22.26 46.27
C SER E 343 9.47 -23.61 46.99
N LEU E 344 10.63 -24.15 47.37
CA LEU E 344 10.64 -25.46 48.01
C LEU E 344 10.03 -25.42 49.40
N SER E 345 10.12 -24.27 50.08
CA SER E 345 9.46 -24.15 51.39
C SER E 345 7.95 -24.28 51.24
N LYS E 346 7.38 -23.67 50.21
CA LYS E 346 5.95 -23.82 49.95
C LYS E 346 5.60 -25.29 49.68
N VAL E 347 6.48 -26.01 48.99
CA VAL E 347 6.22 -27.40 48.65
C VAL E 347 6.26 -28.27 49.91
N ARG E 348 7.30 -28.11 50.73
CA ARG E 348 7.40 -28.90 51.95
C ARG E 348 6.23 -28.62 52.89
N SER E 349 5.80 -27.36 52.97
CA SER E 349 4.68 -27.01 53.84
C SER E 349 3.37 -27.60 53.32
N THR E 350 3.15 -27.57 52.01
CA THR E 350 1.93 -28.14 51.44
C THR E 350 1.90 -29.65 51.65
N MET E 351 3.03 -30.32 51.44
CA MET E 351 3.10 -31.76 51.68
C MET E 351 2.87 -32.09 53.15
N CYS E 352 3.29 -31.22 54.05
CA CYS E 352 3.10 -31.47 55.48
C CYS E 352 1.62 -31.44 55.83
N ASN E 353 0.85 -30.53 55.22
CA ASN E 353 -0.59 -30.51 55.43
C ASN E 353 -1.27 -31.73 54.81
N CYS E 354 -0.71 -32.27 53.73
CA CYS E 354 -1.23 -33.47 53.10
C CYS E 354 -0.79 -34.75 53.80
N GLY E 355 -0.12 -34.63 54.95
CA GLY E 355 0.30 -35.80 55.69
C GLY E 355 1.41 -36.60 55.06
N ALA E 356 2.29 -35.95 54.30
CA ALA E 356 3.35 -36.62 53.58
C ALA E 356 4.69 -36.01 53.94
N LEU E 357 5.67 -36.87 54.25
CA LEU E 357 7.02 -36.42 54.55
C LEU E 357 7.98 -36.61 53.38
N ASN E 358 7.55 -37.27 52.32
CA ASN E 358 8.37 -37.43 51.13
C ASN E 358 7.47 -37.45 49.90
N ILE E 359 8.09 -37.33 48.73
CA ILE E 359 7.36 -37.23 47.47
C ILE E 359 6.59 -38.52 47.19
N PRO E 360 7.18 -39.72 47.35
CA PRO E 360 6.35 -40.94 47.18
C PRO E 360 5.16 -40.99 48.12
N GLU E 361 5.31 -40.50 49.35
CA GLU E 361 4.16 -40.44 50.25
C GLU E 361 3.14 -39.41 49.77
N LEU E 362 3.59 -38.32 49.15
CA LEU E 362 2.66 -37.33 48.62
C LEU E 362 1.79 -37.92 47.53
N GLN E 363 2.42 -38.61 46.57
CA GLN E 363 1.68 -39.17 45.43
C GLN E 363 0.67 -40.24 45.87
N GLN E 364 0.83 -40.79 47.06
CA GLN E 364 -0.04 -41.87 47.53
C GLN E 364 -1.24 -41.33 48.32
N LYS E 365 -1.05 -40.25 49.08
CA LYS E 365 -2.09 -39.72 49.95
C LYS E 365 -2.71 -38.44 49.41
N ALA E 366 -2.31 -37.98 48.23
CA ALA E 366 -2.78 -36.70 47.72
C ALA E 366 -4.21 -36.82 47.21
N LYS E 367 -5.07 -35.91 47.67
CA LYS E 367 -6.42 -35.76 47.13
C LYS E 367 -6.38 -34.62 46.11
N ILE E 368 -6.62 -34.94 44.85
CA ILE E 368 -6.59 -33.96 43.77
C ILE E 368 -8.01 -33.83 43.22
N THR E 369 -8.61 -32.68 43.41
CA THR E 369 -9.95 -32.37 42.92
C THR E 369 -9.86 -31.36 41.77
N LEU E 370 -10.97 -31.24 41.04
CA LEU E 370 -11.08 -30.31 39.93
C LEU E 370 -11.55 -28.95 40.44
N VAL E 371 -10.65 -27.98 40.49
CA VAL E 371 -11.03 -26.59 40.69
C VAL E 371 -11.64 -26.05 39.40
N SER E 372 -12.73 -25.30 39.52
CA SER E 372 -13.43 -24.82 38.34
C SER E 372 -13.85 -23.35 38.41
N SER E 373 -13.46 -22.61 39.44
CA SER E 373 -13.71 -21.16 39.47
C SER E 373 -12.72 -20.52 40.44
N THR E 374 -11.95 -19.54 39.94
CA THR E 374 -11.01 -18.73 40.72
C THR E 374 -10.51 -19.39 42.00
N MET F 2 -10.74 2.08 40.52
CA MET F 2 -10.38 3.41 40.98
C MET F 2 -10.95 4.49 40.07
N ALA F 3 -11.80 4.08 39.14
CA ALA F 3 -12.47 5.00 38.21
C ALA F 3 -13.86 4.48 37.93
N PHE F 4 -14.83 5.39 37.88
CA PHE F 4 -16.24 5.04 37.72
C PHE F 4 -16.88 5.94 36.68
N TYR F 5 -17.77 5.36 35.88
CA TYR F 5 -18.48 6.07 34.82
C TYR F 5 -19.98 5.96 35.04
N PHE F 6 -20.73 6.79 34.33
CA PHE F 6 -22.19 6.76 34.40
C PHE F 6 -22.79 6.81 33.01
N PRO F 9 -27.23 3.04 30.41
CA PRO F 9 -27.63 1.79 29.76
C PRO F 9 -28.57 2.01 28.59
N SER F 10 -28.39 1.24 27.52
CA SER F 10 -29.20 1.39 26.32
C SER F 10 -29.54 0.02 25.75
N ARG F 11 -30.59 -0.02 24.95
CA ARG F 11 -31.05 -1.24 24.30
C ARG F 11 -31.31 -0.95 22.83
N THR F 12 -31.24 -2.01 22.02
CA THR F 12 -31.48 -1.91 20.59
C THR F 12 -32.91 -2.36 20.26
N PHE F 13 -33.33 -2.08 19.03
CA PHE F 13 -34.66 -2.48 18.58
C PHE F 13 -34.82 -3.99 18.53
N SER F 14 -33.72 -4.73 18.45
CA SER F 14 -33.77 -6.19 18.43
C SER F 14 -34.25 -6.78 19.76
N GLU F 15 -34.26 -6.00 20.84
CA GLU F 15 -34.64 -6.49 22.15
C GLU F 15 -36.11 -6.27 22.47
N PHE F 16 -36.86 -5.62 21.59
CA PHE F 16 -38.25 -5.31 21.84
C PHE F 16 -39.16 -6.10 20.91
N LEU F 17 -40.43 -6.19 21.31
CA LEU F 17 -41.41 -6.98 20.59
C LEU F 17 -42.79 -6.42 20.85
N LEU F 18 -43.65 -6.45 19.84
CA LEU F 18 -45.04 -6.01 19.97
C LEU F 18 -45.91 -7.23 20.28
N VAL F 19 -46.63 -7.16 21.40
CA VAL F 19 -47.56 -8.22 21.76
C VAL F 19 -48.83 -8.05 20.93
N PRO F 20 -49.31 -9.08 20.24
CA PRO F 20 -50.49 -8.93 19.38
C PRO F 20 -51.75 -8.64 20.18
N GLY F 21 -52.65 -7.88 19.55
CA GLY F 21 -53.86 -7.48 20.22
C GLY F 21 -54.83 -8.62 20.42
N TYR F 22 -55.81 -8.39 21.30
CA TYR F 22 -56.75 -9.43 21.66
C TYR F 22 -57.82 -9.63 20.60
N SER F 23 -57.93 -8.70 19.65
CA SER F 23 -59.05 -8.71 18.72
C SER F 23 -59.01 -9.94 17.82
N SER F 24 -60.18 -10.53 17.60
CA SER F 24 -60.34 -11.60 16.64
C SER F 24 -60.87 -11.11 15.30
N ALA F 25 -61.26 -9.84 15.21
CA ALA F 25 -61.76 -9.29 13.96
C ALA F 25 -60.63 -9.21 12.93
N GLU F 26 -60.97 -9.54 11.69
CA GLU F 26 -59.98 -9.54 10.62
C GLU F 26 -59.62 -8.10 10.23
N CYS F 27 -58.32 -7.86 10.08
CA CYS F 27 -57.80 -6.54 9.73
C CYS F 27 -57.15 -6.62 8.36
N VAL F 28 -57.54 -5.71 7.47
CA VAL F 28 -57.00 -5.66 6.11
C VAL F 28 -55.81 -4.71 6.10
N PRO F 29 -54.60 -5.18 5.80
CA PRO F 29 -53.43 -4.29 5.84
C PRO F 29 -53.53 -3.11 4.87
N THR F 30 -54.27 -3.26 3.77
CA THR F 30 -54.38 -2.16 2.81
C THR F 30 -55.16 -0.98 3.36
N ASN F 31 -56.01 -1.19 4.36
CA ASN F 31 -56.76 -0.11 4.98
C ASN F 31 -55.95 0.63 6.04
N VAL F 32 -54.71 0.23 6.29
CA VAL F 32 -53.87 0.88 7.28
C VAL F 32 -53.31 2.16 6.68
N SER F 33 -53.53 3.28 7.37
CA SER F 33 -53.04 4.57 6.89
C SER F 33 -51.70 4.87 7.55
N LEU F 34 -50.70 5.19 6.72
CA LEU F 34 -49.36 5.51 7.20
C LEU F 34 -49.08 7.01 7.18
N LYS F 35 -50.11 7.85 7.21
CA LYS F 35 -49.89 9.29 7.25
C LYS F 35 -49.41 9.72 8.63
N THR F 36 -48.60 10.77 8.66
CA THR F 36 -47.99 11.22 9.91
C THR F 36 -47.65 12.70 9.79
N PRO F 37 -47.66 13.43 10.90
CA PRO F 37 -47.23 14.84 10.86
C PRO F 37 -45.72 14.95 10.93
N ILE F 38 -45.20 16.07 10.40
CA ILE F 38 -43.76 16.27 10.34
C ILE F 38 -43.39 17.62 10.93
N VAL F 39 -44.40 18.48 11.17
CA VAL F 39 -44.16 19.78 11.80
C VAL F 39 -45.11 19.91 12.99
N LYS F 40 -44.72 20.78 13.92
CA LYS F 40 -45.46 20.91 15.17
C LYS F 40 -46.83 21.54 14.93
N PHE F 41 -47.80 21.16 15.78
CA PHE F 41 -49.15 21.67 15.69
C PHE F 41 -49.76 21.73 17.08
N LYS F 42 -50.78 22.57 17.22
CA LYS F 42 -51.46 22.72 18.50
C LYS F 42 -52.49 21.60 18.71
N LYS F 43 -52.95 21.47 19.95
CA LYS F 43 -53.82 20.36 20.30
C LYS F 43 -55.14 20.44 19.53
N GLY F 44 -55.43 19.39 18.77
CA GLY F 44 -56.67 19.29 18.03
C GLY F 44 -56.61 19.82 16.61
N GLU F 45 -55.53 20.46 16.21
CA GLU F 45 -55.40 21.04 14.89
C GLU F 45 -54.60 20.12 13.97
N GLU F 46 -54.63 20.44 12.67
CA GLU F 46 -53.96 19.63 11.67
C GLU F 46 -52.57 20.19 11.39
N SER F 47 -51.61 19.29 11.19
CA SER F 47 -50.24 19.69 10.91
C SER F 47 -50.15 20.41 9.57
N ALA F 48 -49.17 21.32 9.47
CA ALA F 48 -48.99 22.07 8.24
C ALA F 48 -48.46 21.19 7.11
N ILE F 49 -47.71 20.14 7.45
CA ILE F 49 -47.19 19.20 6.46
C ILE F 49 -47.47 17.78 6.97
N THR F 50 -48.12 16.97 6.13
CA THR F 50 -48.43 15.59 6.47
C THR F 50 -47.91 14.68 5.37
N MET F 51 -46.98 13.80 5.72
CA MET F 51 -46.47 12.83 4.76
C MET F 51 -47.44 11.67 4.59
N ASN F 52 -47.38 11.04 3.42
CA ASN F 52 -48.19 9.85 3.17
C ASN F 52 -47.53 8.59 3.70
N ILE F 53 -46.22 8.59 3.88
CA ILE F 53 -45.51 7.47 4.51
C ILE F 53 -44.55 8.06 5.54
N PRO F 54 -44.19 7.27 6.56
CA PRO F 54 -43.35 7.81 7.64
C PRO F 54 -41.85 7.67 7.40
N LEU F 55 -41.41 7.82 6.15
CA LEU F 55 -40.00 7.64 5.79
C LEU F 55 -39.43 8.92 5.21
N VAL F 56 -38.26 9.32 5.70
CA VAL F 56 -37.49 10.40 5.09
C VAL F 56 -36.06 9.89 4.88
N SER F 57 -35.38 10.49 3.91
CA SER F 57 -34.00 10.13 3.61
C SER F 57 -33.05 11.07 4.36
N ALA F 58 -31.88 10.54 4.69
CA ALA F 58 -30.94 11.28 5.54
C ALA F 58 -30.29 12.42 4.78
N ILE F 59 -29.76 13.38 5.55
CA ILE F 59 -29.10 14.56 5.01
C ILE F 59 -27.65 14.21 4.69
N MET F 60 -27.46 13.38 3.66
CA MET F 60 -26.14 12.81 3.38
C MET F 60 -25.85 12.90 1.89
N GLN F 61 -24.56 13.08 1.57
CA GLN F 61 -24.13 13.15 0.18
C GLN F 61 -24.44 11.86 -0.57
N ALA F 62 -24.38 10.73 0.12
CA ALA F 62 -24.53 9.43 -0.51
C ALA F 62 -25.98 8.93 -0.52
N VAL F 63 -26.95 9.80 -0.20
CA VAL F 63 -28.34 9.37 -0.07
C VAL F 63 -29.28 10.31 -0.81
N SER F 64 -29.32 11.58 -0.40
CA SER F 64 -30.40 12.49 -0.76
C SER F 64 -29.92 13.50 -1.80
N ASP F 65 -30.00 13.12 -3.07
CA ASP F 65 -29.80 14.06 -4.16
C ASP F 65 -31.16 14.37 -4.77
N ASP F 66 -31.16 15.04 -5.94
CA ASP F 66 -32.42 15.42 -6.57
C ASP F 66 -33.20 14.19 -7.05
N ASN F 67 -32.50 13.18 -7.58
CA ASN F 67 -33.18 11.98 -8.04
C ASN F 67 -33.84 11.24 -6.88
N MET F 68 -33.14 11.14 -5.75
CA MET F 68 -33.73 10.53 -4.57
C MET F 68 -34.94 11.32 -4.09
N GLY F 69 -34.87 12.65 -4.20
CA GLY F 69 -35.98 13.48 -3.77
C GLY F 69 -37.25 13.27 -4.57
N ILE F 70 -37.13 13.01 -5.87
CA ILE F 70 -38.31 12.79 -6.71
C ILE F 70 -38.87 11.39 -6.48
N ALA F 71 -38.00 10.40 -6.29
CA ALA F 71 -38.46 9.04 -6.08
C ALA F 71 -39.19 8.89 -4.74
N LEU F 72 -38.63 9.47 -3.68
CA LEU F 72 -39.25 9.34 -2.36
C LEU F 72 -40.54 10.14 -2.26
N ALA F 73 -40.61 11.30 -2.94
CA ALA F 73 -41.84 12.06 -2.95
C ALA F 73 -42.95 11.34 -3.72
N THR F 74 -42.59 10.59 -4.75
CA THR F 74 -43.59 9.81 -5.49
C THR F 74 -44.24 8.77 -4.60
N GLU F 75 -43.50 8.25 -3.61
CA GLU F 75 -44.02 7.26 -2.69
C GLU F 75 -44.64 7.87 -1.44
N GLY F 76 -44.66 9.20 -1.33
CA GLY F 76 -45.30 9.86 -0.22
C GLY F 76 -44.37 10.36 0.87
N GLY F 77 -43.06 10.19 0.71
CA GLY F 77 -42.09 10.63 1.69
C GLY F 77 -41.46 11.97 1.32
N VAL F 78 -40.46 12.34 2.11
CA VAL F 78 -39.72 13.58 1.93
C VAL F 78 -38.23 13.26 1.97
N SER F 79 -37.48 13.81 1.02
CA SER F 79 -36.02 13.73 1.05
C SER F 79 -35.45 15.06 1.52
N PHE F 80 -34.45 15.00 2.39
CA PHE F 80 -33.74 16.19 2.86
C PHE F 80 -32.43 16.28 2.09
N ILE F 81 -32.41 17.13 1.06
CA ILE F 81 -31.22 17.32 0.25
C ILE F 81 -30.05 17.69 1.16
N PHE F 82 -28.90 17.06 0.91
CA PHE F 82 -27.76 17.24 1.80
C PHE F 82 -27.19 18.66 1.66
N GLY F 83 -26.66 19.16 2.77
CA GLY F 83 -26.18 20.53 2.82
C GLY F 83 -24.67 20.64 2.90
N SER F 84 -23.97 19.51 2.80
CA SER F 84 -22.51 19.51 2.75
C SER F 84 -22.07 19.75 1.30
N GLN F 85 -22.38 20.97 0.83
CA GLN F 85 -22.14 21.38 -0.54
C GLN F 85 -22.39 22.88 -0.61
N SER F 86 -22.10 23.46 -1.77
CA SER F 86 -22.31 24.88 -1.96
C SER F 86 -23.80 25.23 -1.87
N ILE F 87 -24.08 26.47 -1.43
CA ILE F 87 -25.45 26.94 -1.33
C ILE F 87 -26.12 26.93 -2.69
N GLU F 88 -25.37 27.20 -3.75
CA GLU F 88 -25.95 27.25 -5.09
C GLU F 88 -26.32 25.84 -5.58
N SER F 89 -25.44 24.86 -5.36
CA SER F 89 -25.73 23.50 -5.81
C SER F 89 -26.88 22.89 -5.03
N GLU F 90 -27.06 23.30 -3.78
CA GLU F 90 -28.18 22.77 -2.98
C GLU F 90 -29.50 23.36 -3.44
N ALA F 91 -29.54 24.67 -3.71
CA ALA F 91 -30.75 25.28 -4.21
C ALA F 91 -31.10 24.77 -5.60
N ALA F 92 -30.09 24.41 -6.40
CA ALA F 92 -30.36 23.84 -7.72
C ALA F 92 -30.99 22.45 -7.60
N MET F 93 -30.51 21.65 -6.66
CA MET F 93 -31.12 20.33 -6.44
C MET F 93 -32.51 20.46 -5.86
N VAL F 94 -32.73 21.42 -4.97
CA VAL F 94 -34.07 21.64 -4.42
C VAL F 94 -35.02 22.09 -5.54
N SER F 95 -34.58 23.04 -6.36
CA SER F 95 -35.42 23.51 -7.45
C SER F 95 -35.67 22.43 -8.49
N ARG F 96 -34.71 21.52 -8.70
CA ARG F 96 -34.91 20.47 -9.70
C ARG F 96 -35.98 19.48 -9.27
N VAL F 97 -36.15 19.27 -7.97
CA VAL F 97 -37.23 18.41 -7.50
C VAL F 97 -38.57 19.13 -7.56
N LYS F 98 -38.60 20.40 -7.14
CA LYS F 98 -39.84 21.15 -7.15
C LYS F 98 -40.37 21.33 -8.58
N ASN F 99 -39.50 21.70 -9.50
CA ASN F 99 -39.90 21.95 -10.88
C ASN F 99 -40.04 20.68 -11.70
N HIS F 100 -39.65 19.52 -11.17
CA HIS F 100 -39.93 18.25 -11.83
C HIS F 100 -41.42 17.96 -11.71
N LYS F 101 -42.08 17.76 -12.85
CA LYS F 101 -43.53 17.65 -12.86
C LYS F 101 -44.00 16.38 -12.14
N SER F 102 -45.14 16.50 -11.48
CA SER F 102 -45.72 15.38 -10.75
C SER F 102 -46.52 14.46 -11.67
N LEU F 116 -49.58 7.58 -2.02
CA LEU F 116 -49.42 8.22 -3.31
C LEU F 116 -48.49 9.43 -3.24
N GLU F 117 -48.45 10.21 -4.31
CA GLU F 117 -47.54 11.35 -4.39
C GLU F 117 -47.80 12.36 -3.28
N LEU F 118 -46.72 12.90 -2.74
CA LEU F 118 -46.79 13.97 -1.74
C LEU F 118 -46.49 15.28 -2.43
N LEU F 119 -47.52 16.11 -2.58
CA LEU F 119 -47.43 17.36 -3.31
C LEU F 119 -47.81 18.52 -2.39
N ASP F 120 -47.40 19.72 -2.80
CA ASP F 120 -47.72 20.94 -2.06
C ASP F 120 -48.99 21.55 -2.65
N SER F 121 -49.16 22.87 -2.47
CA SER F 121 -50.34 23.55 -3.01
C SER F 121 -50.28 23.63 -4.52
N SER F 122 -49.09 23.84 -5.08
CA SER F 122 -48.92 23.99 -6.52
C SER F 122 -48.74 22.65 -7.23
N LYS F 123 -49.12 21.55 -6.59
CA LYS F 123 -49.01 20.20 -7.14
C LYS F 123 -47.57 19.82 -7.48
N ARG F 124 -46.60 20.51 -6.88
CA ARG F 124 -45.20 20.17 -7.02
C ARG F 124 -44.77 19.24 -5.89
N TYR F 125 -43.70 18.49 -6.14
CA TYR F 125 -43.20 17.55 -5.15
C TYR F 125 -42.75 18.27 -3.88
N VAL F 126 -42.90 17.59 -2.76
CA VAL F 126 -42.46 18.11 -1.47
C VAL F 126 -41.04 17.62 -1.22
N VAL F 127 -40.12 18.56 -0.99
CA VAL F 127 -38.72 18.24 -0.77
C VAL F 127 -38.21 19.03 0.43
N GLY F 128 -37.23 18.44 1.12
CA GLY F 128 -36.58 19.09 2.24
C GLY F 128 -35.13 19.44 1.93
N ALA F 129 -34.54 20.25 2.81
CA ALA F 129 -33.18 20.70 2.63
C ALA F 129 -32.52 20.86 3.99
N GLY F 130 -31.30 20.33 4.12
CA GLY F 130 -30.55 20.49 5.35
C GLY F 130 -29.78 21.79 5.38
N ILE F 131 -29.62 22.34 6.59
CA ILE F 131 -28.86 23.56 6.81
C ILE F 131 -27.90 23.33 7.96
N ASN F 132 -26.88 24.19 8.03
CA ASN F 132 -25.90 24.13 9.11
C ASN F 132 -25.99 25.39 9.96
N THR F 133 -25.14 25.45 10.98
CA THR F 133 -25.16 26.53 11.96
C THR F 133 -24.11 27.61 11.68
N ARG F 134 -23.64 27.71 10.42
CA ARG F 134 -22.63 28.68 10.06
C ARG F 134 -23.12 29.67 9.02
N ASP F 135 -23.46 29.22 7.82
CA ASP F 135 -23.87 30.10 6.72
C ASP F 135 -25.38 30.19 6.56
N TYR F 136 -26.13 29.98 7.65
CA TYR F 136 -27.59 30.00 7.56
C TYR F 136 -28.11 31.36 7.13
N GLU F 137 -27.38 32.43 7.42
CA GLU F 137 -27.83 33.78 7.08
C GLU F 137 -27.97 33.96 5.57
N GLU F 138 -27.19 33.21 4.80
CA GLU F 138 -27.27 33.26 3.34
C GLU F 138 -27.75 31.96 2.71
N ARG F 139 -27.74 30.85 3.46
CA ARG F 139 -28.21 29.58 2.92
C ARG F 139 -29.70 29.38 3.11
N VAL F 140 -30.25 29.81 4.25
CA VAL F 140 -31.69 29.68 4.48
C VAL F 140 -32.51 30.47 3.46
N PRO F 141 -32.20 31.75 3.18
CA PRO F 141 -32.98 32.46 2.15
C PRO F 141 -32.88 31.81 0.77
N ALA F 142 -31.70 31.34 0.39
CA ALA F 142 -31.54 30.72 -0.92
C ALA F 142 -32.37 29.44 -1.03
N LEU F 143 -32.44 28.66 0.04
CA LEU F 143 -33.20 27.40 -0.01
C LEU F 143 -34.70 27.67 -0.01
N VAL F 144 -35.15 28.68 0.74
CA VAL F 144 -36.57 29.03 0.72
C VAL F 144 -36.95 29.64 -0.63
N GLU F 145 -36.07 30.47 -1.20
CA GLU F 145 -36.30 30.97 -2.55
C GLU F 145 -36.29 29.85 -3.57
N ALA F 146 -35.57 28.76 -3.29
CA ALA F 146 -35.58 27.60 -4.16
C ALA F 146 -36.87 26.79 -4.05
N GLY F 147 -37.69 27.06 -3.04
CA GLY F 147 -38.95 26.37 -2.88
C GLY F 147 -38.94 25.20 -1.91
N ALA F 148 -37.99 25.14 -1.00
CA ALA F 148 -37.95 24.06 -0.03
C ALA F 148 -39.14 24.15 0.93
N ASP F 149 -39.77 23.00 1.18
CA ASP F 149 -40.96 22.97 2.01
C ASP F 149 -40.66 22.85 3.49
N ILE F 150 -39.55 22.19 3.85
CA ILE F 150 -39.14 22.07 5.24
C ILE F 150 -37.62 22.01 5.29
N LEU F 151 -37.05 22.64 6.31
CA LEU F 151 -35.62 22.63 6.54
C LEU F 151 -35.29 21.77 7.76
N CYS F 152 -33.99 21.49 7.93
CA CYS F 152 -33.54 20.69 9.06
C CYS F 152 -32.08 21.04 9.33
N ILE F 153 -31.77 21.36 10.59
CA ILE F 153 -30.41 21.68 10.99
C ILE F 153 -29.62 20.38 11.11
N ASP F 154 -28.60 20.23 10.27
CA ASP F 154 -27.72 19.07 10.30
C ASP F 154 -26.49 19.43 11.13
N SER F 155 -26.49 19.02 12.39
CA SER F 155 -25.43 19.35 13.34
C SER F 155 -24.59 18.12 13.63
N SER F 156 -23.28 18.33 13.77
CA SER F 156 -22.35 17.26 14.10
C SER F 156 -22.06 17.16 15.59
N GLU F 157 -22.54 18.12 16.40
CA GLU F 157 -22.25 18.16 17.82
C GLU F 157 -23.47 17.92 18.70
N GLY F 158 -24.65 17.82 18.13
CA GLY F 158 -25.86 17.74 18.93
C GLY F 158 -26.44 19.13 19.19
N TYR F 159 -27.46 19.15 20.05
CA TYR F 159 -28.12 20.41 20.37
C TYR F 159 -27.15 21.36 21.04
N SER F 160 -27.06 22.58 20.51
CA SER F 160 -26.10 23.56 20.99
C SER F 160 -26.72 24.95 20.85
N GLU F 161 -26.00 25.97 21.32
CA GLU F 161 -26.48 27.34 21.18
C GLU F 161 -26.45 27.79 19.72
N TRP F 162 -25.68 27.12 18.87
CA TRP F 162 -25.63 27.48 17.46
C TRP F 162 -26.83 26.94 16.69
N GLN F 163 -27.40 25.82 17.14
CA GLN F 163 -28.69 25.40 16.63
C GLN F 163 -29.79 26.37 17.05
N LYS F 164 -29.68 26.87 18.29
CA LYS F 164 -30.66 27.84 18.79
C LYS F 164 -30.58 29.15 18.00
N ARG F 165 -29.37 29.67 17.79
CA ARG F 165 -29.21 30.92 17.05
C ARG F 165 -29.71 30.77 15.62
N THR F 166 -29.52 29.60 15.01
CA THR F 166 -30.09 29.35 13.70
C THR F 166 -31.62 29.34 13.75
N LEU F 167 -32.19 28.71 14.77
CA LEU F 167 -33.64 28.71 14.94
C LEU F 167 -34.15 30.11 15.27
N ASP F 168 -33.39 30.86 16.09
CA ASP F 168 -33.78 32.24 16.37
C ASP F 168 -33.75 33.11 15.12
N TYR F 169 -32.82 32.85 14.22
CA TYR F 169 -32.73 33.64 12.99
C TYR F 169 -33.93 33.38 12.09
N VAL F 170 -34.30 32.12 11.92
CA VAL F 170 -35.43 31.78 11.04
C VAL F 170 -36.72 32.38 11.59
N ARG F 171 -36.93 32.27 12.90
CA ARG F 171 -38.14 32.82 13.51
C ARG F 171 -38.15 34.34 13.45
N GLY F 172 -36.99 34.98 13.60
CA GLY F 172 -36.92 36.42 13.57
C GLY F 172 -37.14 37.03 12.21
N LYS F 173 -36.94 36.26 11.15
CA LYS F 173 -37.10 36.74 9.78
C LYS F 173 -38.36 36.24 9.11
N TYR F 174 -38.62 34.95 9.16
CA TYR F 174 -39.77 34.35 8.49
C TYR F 174 -40.91 34.02 9.45
N GLY F 175 -40.73 34.24 10.75
CA GLY F 175 -41.76 33.90 11.70
C GLY F 175 -41.95 32.40 11.77
N ASP F 176 -43.13 31.93 11.39
CA ASP F 176 -43.44 30.50 11.37
C ASP F 176 -43.74 30.00 9.97
N THR F 177 -43.51 30.82 8.93
CA THR F 177 -43.82 30.40 7.58
C THR F 177 -42.87 29.30 7.11
N VAL F 178 -41.60 29.39 7.46
CA VAL F 178 -40.62 28.36 7.12
C VAL F 178 -40.53 27.38 8.28
N LYS F 179 -40.59 26.09 7.96
CA LYS F 179 -40.53 25.04 8.96
C LYS F 179 -39.14 24.42 8.98
N VAL F 180 -38.53 24.38 10.18
CA VAL F 180 -37.16 23.89 10.36
C VAL F 180 -37.14 22.91 11.52
N GLY F 181 -36.53 21.74 11.30
CA GLY F 181 -36.29 20.79 12.35
C GLY F 181 -34.85 20.83 12.84
N ALA F 182 -34.60 20.17 13.96
CA ALA F 182 -33.28 20.22 14.57
C ALA F 182 -33.00 18.93 15.33
N GLY F 183 -31.72 18.70 15.57
CA GLY F 183 -31.27 17.51 16.27
C GLY F 183 -29.75 17.44 16.23
N ASN F 184 -29.24 16.36 16.82
CA ASN F 184 -29.99 15.28 17.44
C ASN F 184 -29.98 15.39 18.96
N VAL F 185 -30.93 14.72 19.61
CA VAL F 185 -31.02 14.67 21.06
C VAL F 185 -31.28 13.24 21.48
N VAL F 186 -31.08 12.96 22.77
CA VAL F 186 -31.26 11.62 23.31
C VAL F 186 -32.00 11.65 24.64
N ASP F 187 -32.12 12.83 25.24
CA ASP F 187 -32.68 12.96 26.58
C ASP F 187 -33.66 14.12 26.63
N ARG F 188 -34.25 14.33 27.81
CA ARG F 188 -35.27 15.35 27.99
C ARG F 188 -34.70 16.76 27.86
N ASP F 189 -33.51 16.99 28.40
CA ASP F 189 -32.88 18.31 28.29
C ASP F 189 -32.70 18.70 26.84
N GLY F 190 -32.23 17.77 26.00
CA GLY F 190 -32.05 18.07 24.59
C GLY F 190 -33.35 18.41 23.89
N PHE F 191 -34.41 17.65 24.17
CA PHE F 191 -35.69 17.88 23.52
C PHE F 191 -36.27 19.23 23.92
N ARG F 192 -36.38 19.49 25.23
CA ARG F 192 -36.98 20.73 25.70
C ARG F 192 -36.19 21.95 25.23
N TYR F 193 -34.87 21.82 25.11
CA TYR F 193 -34.05 22.93 24.64
C TYR F 193 -34.44 23.33 23.22
N LEU F 194 -34.45 22.35 22.30
CA LEU F 194 -34.82 22.63 20.92
C LEU F 194 -36.30 22.93 20.78
N ALA F 195 -37.13 22.35 21.64
CA ALA F 195 -38.57 22.64 21.61
C ALA F 195 -38.84 24.07 22.03
N GLU F 196 -38.22 24.53 23.11
CA GLU F 196 -38.38 25.90 23.56
C GLU F 196 -37.66 26.90 22.66
N ALA F 197 -36.82 26.43 21.75
CA ALA F 197 -36.17 27.29 20.76
C ALA F 197 -37.00 27.46 19.49
N GLY F 198 -38.09 26.73 19.35
CA GLY F 198 -38.97 26.88 18.21
C GLY F 198 -38.84 25.86 17.11
N ALA F 199 -38.22 24.70 17.37
CA ALA F 199 -38.04 23.70 16.34
C ALA F 199 -39.38 23.04 15.99
N ASP F 200 -39.58 22.80 14.69
CA ASP F 200 -40.83 22.23 14.22
C ASP F 200 -40.88 20.72 14.36
N PHE F 201 -39.72 20.06 14.40
CA PHE F 201 -39.64 18.65 14.76
C PHE F 201 -38.24 18.38 15.30
N VAL F 202 -38.16 17.43 16.22
CA VAL F 202 -36.91 17.10 16.91
C VAL F 202 -36.42 15.74 16.43
N LYS F 203 -35.14 15.67 16.09
CA LYS F 203 -34.51 14.45 15.59
C LYS F 203 -33.77 13.76 16.73
N VAL F 204 -33.95 12.44 16.84
CA VAL F 204 -33.37 11.64 17.91
C VAL F 204 -32.24 10.81 17.34
N GLY F 205 -31.06 10.89 17.97
CA GLY F 205 -29.91 10.13 17.55
C GLY F 205 -30.01 8.65 17.87
N VAL F 206 -30.78 7.93 17.05
CA VAL F 206 -31.03 6.52 17.34
C VAL F 206 -29.93 5.64 16.77
N GLY F 207 -29.39 5.99 15.60
CA GLY F 207 -28.46 5.11 14.91
C GLY F 207 -27.22 4.80 15.74
N GLY F 208 -26.67 5.82 16.41
CA GLY F 208 -25.50 5.60 17.24
C GLY F 208 -25.77 5.81 18.71
N GLY F 209 -27.00 6.16 19.06
CA GLY F 209 -27.32 6.44 20.45
C GLY F 209 -26.63 7.65 21.02
N SER F 210 -26.11 8.53 20.16
CA SER F 210 -25.38 9.71 20.57
C SER F 210 -26.02 10.95 19.96
N ILE F 211 -25.62 12.12 20.45
CA ILE F 211 -26.12 13.37 19.89
C ILE F 211 -25.27 13.87 18.73
N CYS F 212 -24.05 13.39 18.59
CA CYS F 212 -23.12 13.86 17.57
C CYS F 212 -23.07 12.89 16.40
N ILE F 213 -22.61 13.40 15.26
CA ILE F 213 -22.47 12.64 14.03
C ILE F 213 -21.00 12.74 13.65
N THR F 214 -20.21 11.73 14.03
CA THR F 214 -18.77 11.71 13.81
C THR F 214 -18.41 10.52 12.93
N ARG F 215 -17.18 10.55 12.41
CA ARG F 215 -16.79 9.70 11.28
C ARG F 215 -17.11 8.23 11.50
N GLU F 216 -17.02 7.74 12.74
CA GLU F 216 -17.19 6.32 13.02
C GLU F 216 -18.67 6.03 13.25
N GLN F 217 -19.31 5.43 12.27
CA GLN F 217 -20.75 5.18 12.27
C GLN F 217 -21.05 3.77 12.78
N LYS F 218 -22.24 3.62 13.37
CA LYS F 218 -22.66 2.33 13.90
C LYS F 218 -23.11 1.41 12.77
N GLY F 219 -23.21 0.12 13.08
CA GLY F 219 -23.53 -0.87 12.08
C GLY F 219 -24.94 -0.72 11.52
N ILE F 220 -25.16 -1.38 10.39
CA ILE F 220 -26.47 -1.33 9.73
C ILE F 220 -27.51 -2.02 10.60
N GLY F 221 -28.63 -1.36 10.81
CA GLY F 221 -29.73 -1.95 11.56
C GLY F 221 -29.42 -2.22 13.02
N ARG F 222 -28.58 -1.41 13.64
CA ARG F 222 -28.17 -1.58 15.04
C ARG F 222 -28.43 -0.31 15.83
N GLY F 223 -29.59 0.32 15.59
CA GLY F 223 -29.93 1.53 16.30
C GLY F 223 -30.37 1.28 17.73
N GLN F 224 -30.26 2.33 18.54
N GLN F 224 -30.26 2.33 18.56
CA GLN F 224 -30.64 2.30 19.95
CA GLN F 224 -30.64 2.24 19.96
C GLN F 224 -32.05 2.88 20.10
C GLN F 224 -32.01 2.87 20.16
N ALA F 225 -32.97 2.07 20.61
CA ALA F 225 -34.33 2.53 20.85
C ALA F 225 -34.49 3.29 22.16
N THR F 226 -33.53 3.18 23.07
CA THR F 226 -33.65 3.83 24.37
C THR F 226 -33.72 5.34 24.23
N ALA F 227 -32.92 5.92 23.33
CA ALA F 227 -32.97 7.35 23.10
C ALA F 227 -34.33 7.77 22.55
N LEU F 228 -34.97 6.91 21.76
CA LEU F 228 -36.28 7.24 21.22
C LEU F 228 -37.36 7.19 22.31
N ILE F 229 -37.27 6.21 23.21
CA ILE F 229 -38.26 6.10 24.28
C ILE F 229 -38.13 7.26 25.26
N ASP F 230 -36.90 7.71 25.51
CA ASP F 230 -36.69 8.81 26.46
C ASP F 230 -37.21 10.13 25.90
N VAL F 231 -37.01 10.37 24.60
CA VAL F 231 -37.49 11.63 24.02
C VAL F 231 -39.00 11.58 23.83
N ALA F 232 -39.55 10.42 23.52
CA ALA F 232 -41.01 10.30 23.42
C ALA F 232 -41.67 10.56 24.76
N LYS F 233 -41.02 10.15 25.86
CA LYS F 233 -41.56 10.44 27.18
C LYS F 233 -41.53 11.94 27.47
N ALA F 234 -40.47 12.62 27.04
CA ALA F 234 -40.40 14.06 27.24
C ALA F 234 -41.34 14.81 26.29
N ARG F 235 -41.54 14.29 25.09
CA ARG F 235 -42.43 14.95 24.14
C ARG F 235 -43.88 14.88 24.60
N ASP F 236 -44.30 13.73 25.14
CA ASP F 236 -45.65 13.62 25.67
C ASP F 236 -45.82 14.45 26.94
N GLU F 237 -44.79 14.49 27.78
CA GLU F 237 -44.83 15.35 28.96
C GLU F 237 -44.87 16.82 28.56
N TYR F 238 -44.10 17.19 27.53
CA TYR F 238 -44.13 18.56 27.03
C TYR F 238 -45.46 18.88 26.37
N PHE F 239 -46.02 17.93 25.63
CA PHE F 239 -47.32 18.12 24.99
C PHE F 239 -48.43 18.29 26.03
N GLU F 240 -48.26 17.74 27.23
CA GLU F 240 -49.26 17.86 28.27
C GLU F 240 -49.19 19.19 29.01
N GLU F 241 -48.06 19.89 28.94
CA GLU F 241 -47.91 21.19 29.57
C GLU F 241 -48.36 22.33 28.66
N THR F 242 -47.92 22.31 27.41
CA THR F 242 -48.13 23.43 26.49
C THR F 242 -49.24 23.19 25.49
N GLY F 243 -49.72 21.96 25.34
CA GLY F 243 -50.69 21.68 24.29
C GLY F 243 -50.11 21.72 22.89
N VAL F 244 -48.78 21.62 22.77
CA VAL F 244 -48.10 21.62 21.48
C VAL F 244 -47.48 20.25 21.28
N TYR F 245 -47.79 19.62 20.14
CA TYR F 245 -47.25 18.31 19.79
C TYR F 245 -46.07 18.51 18.85
N ILE F 246 -44.89 18.05 19.29
CA ILE F 246 -43.67 18.14 18.49
C ILE F 246 -43.45 16.77 17.84
N PRO F 247 -43.49 16.67 16.51
CA PRO F 247 -43.18 15.39 15.87
C PRO F 247 -41.73 14.98 16.11
N ILE F 248 -41.55 13.69 16.40
CA ILE F 248 -40.24 13.12 16.69
C ILE F 248 -39.77 12.34 15.48
N CYS F 249 -38.49 12.50 15.15
CA CYS F 249 -37.86 11.78 14.04
C CYS F 249 -36.85 10.79 14.59
N SER F 250 -37.00 9.52 14.25
CA SER F 250 -36.05 8.47 14.62
C SER F 250 -34.98 8.40 13.54
N ASP F 251 -33.77 8.83 13.89
CA ASP F 251 -32.71 9.04 12.89
C ASP F 251 -31.73 7.87 12.93
N GLY F 252 -31.82 6.99 11.93
CA GLY F 252 -30.80 5.99 11.67
C GLY F 252 -30.98 4.71 12.46
N GLY F 253 -30.18 3.72 12.06
CA GLY F 253 -30.11 2.44 12.75
C GLY F 253 -31.18 1.44 12.41
N ILE F 254 -31.94 1.66 11.34
CA ILE F 254 -33.09 0.82 11.00
C ILE F 254 -33.02 0.42 9.54
N VAL F 255 -33.26 -0.86 9.27
CA VAL F 255 -33.44 -1.36 7.90
C VAL F 255 -34.60 -2.35 7.89
N TYR F 256 -34.75 -3.11 8.96
N TYR F 256 -34.76 -3.08 8.98
CA TYR F 256 -35.83 -4.10 9.04
CA TYR F 256 -35.82 -4.08 9.09
C TYR F 256 -37.17 -3.40 9.25
C TYR F 256 -37.17 -3.40 9.27
N ASP F 257 -38.20 -3.95 8.61
CA ASP F 257 -39.54 -3.35 8.70
C ASP F 257 -40.09 -3.41 10.12
N TYR F 258 -39.81 -4.50 10.84
CA TYR F 258 -40.32 -4.61 12.21
C TYR F 258 -39.71 -3.55 13.12
N HIS F 259 -38.46 -3.15 12.84
CA HIS F 259 -37.87 -2.05 13.60
C HIS F 259 -38.51 -0.72 13.25
N MET F 260 -39.02 -0.57 12.03
CA MET F 260 -39.78 0.63 11.68
C MET F 260 -41.08 0.69 12.46
N THR F 261 -41.79 -0.44 12.56
CA THR F 261 -43.04 -0.48 13.31
C THR F 261 -42.79 -0.25 14.79
N LEU F 262 -41.72 -0.83 15.34
CA LEU F 262 -41.37 -0.60 16.74
C LEU F 262 -41.07 0.87 16.98
N ALA F 263 -40.27 1.48 16.11
CA ALA F 263 -39.94 2.89 16.25
C ALA F 263 -41.19 3.75 16.27
N LEU F 264 -42.10 3.51 15.31
CA LEU F 264 -43.37 4.24 15.30
C LEU F 264 -44.16 4.00 16.56
N ALA F 265 -44.22 2.75 17.03
CA ALA F 265 -45.01 2.42 18.21
C ALA F 265 -44.43 3.05 19.47
N MET F 266 -43.11 3.24 19.52
CA MET F 266 -42.46 3.81 20.70
C MET F 266 -42.61 5.32 20.79
N GLY F 267 -43.22 5.96 19.79
CA GLY F 267 -43.44 7.39 19.81
C GLY F 267 -42.86 8.15 18.64
N ALA F 268 -42.07 7.52 17.78
CA ALA F 268 -41.53 8.21 16.62
C ALA F 268 -42.63 8.49 15.61
N ASP F 269 -42.66 9.72 15.11
CA ASP F 269 -43.66 10.11 14.11
C ASP F 269 -43.20 9.82 12.69
N PHE F 270 -41.91 9.90 12.42
CA PHE F 270 -41.35 9.46 11.15
C PHE F 270 -39.90 9.08 11.36
N ILE F 271 -39.34 8.37 10.40
CA ILE F 271 -38.03 7.73 10.52
C ILE F 271 -37.11 8.27 9.42
N MET F 272 -35.91 8.68 9.81
CA MET F 272 -34.88 9.08 8.85
C MET F 272 -33.92 7.92 8.64
N LEU F 273 -33.71 7.57 7.39
CA LEU F 273 -32.85 6.45 7.04
C LEU F 273 -31.81 6.88 6.02
N GLY F 274 -30.56 6.48 6.24
CA GLY F 274 -29.51 6.75 5.29
C GLY F 274 -29.12 5.51 4.50
N ARG F 275 -28.55 4.52 5.19
CA ARG F 275 -28.07 3.32 4.50
C ARG F 275 -29.21 2.49 3.91
N TYR F 276 -30.43 2.67 4.41
CA TYR F 276 -31.57 1.98 3.81
C TYR F 276 -31.82 2.48 2.39
N PHE F 277 -31.66 3.78 2.15
CA PHE F 277 -31.94 4.37 0.85
C PHE F 277 -30.75 4.35 -0.09
N SER F 278 -29.52 4.24 0.43
CA SER F 278 -28.35 4.25 -0.44
C SER F 278 -28.22 2.99 -1.29
N ARG F 279 -29.03 1.96 -1.01
CA ARG F 279 -28.99 0.72 -1.77
C ARG F 279 -29.75 0.80 -3.08
N PHE F 280 -30.55 1.85 -3.28
CA PHE F 280 -31.50 1.90 -4.37
C PHE F 280 -30.89 2.55 -5.61
N ASP F 281 -31.57 2.37 -6.75
CA ASP F 281 -31.10 2.94 -8.01
C ASP F 281 -30.95 4.45 -7.91
N GLU F 282 -31.90 5.10 -7.25
CA GLU F 282 -31.93 6.56 -7.16
C GLU F 282 -30.87 7.12 -6.21
N SER F 283 -30.11 6.26 -5.54
CA SER F 283 -29.00 6.73 -4.72
C SER F 283 -27.91 7.33 -5.61
N PRO F 284 -27.30 8.44 -5.19
CA PRO F 284 -26.31 9.11 -6.04
C PRO F 284 -24.94 8.45 -6.09
N THR F 285 -24.75 7.30 -5.45
CA THR F 285 -23.47 6.62 -5.46
C THR F 285 -23.35 5.71 -6.69
N ASN F 286 -22.14 5.20 -6.90
CA ASN F 286 -21.87 4.33 -8.04
C ASN F 286 -22.23 2.89 -7.71
N LYS F 287 -22.84 2.21 -8.69
CA LYS F 287 -23.09 0.78 -8.59
C LYS F 287 -21.85 0.03 -9.08
N VAL F 288 -21.42 -0.96 -8.31
CA VAL F 288 -20.21 -1.71 -8.61
C VAL F 288 -20.51 -3.20 -8.55
N ASN F 289 -19.77 -3.97 -9.34
CA ASN F 289 -19.91 -5.43 -9.39
C ASN F 289 -18.81 -6.03 -8.53
N LEU F 290 -19.19 -6.67 -7.43
CA LEU F 290 -18.25 -7.28 -6.50
C LEU F 290 -18.39 -8.79 -6.61
N ASN F 291 -17.67 -9.37 -7.57
CA ASN F 291 -17.66 -10.82 -7.80
C ASN F 291 -19.08 -11.37 -8.02
N GLY F 292 -19.74 -10.81 -9.02
CA GLY F 292 -21.10 -11.20 -9.36
C GLY F 292 -22.19 -10.38 -8.71
N THR F 293 -22.11 -10.20 -7.39
CA THR F 293 -23.13 -9.47 -6.64
C THR F 293 -22.98 -7.97 -6.87
N TYR F 294 -24.09 -7.32 -7.22
CA TYR F 294 -24.08 -5.88 -7.38
C TYR F 294 -24.02 -5.18 -6.03
N MET F 295 -23.16 -4.17 -5.92
CA MET F 295 -22.95 -3.44 -4.69
C MET F 295 -23.02 -1.95 -4.95
N LYS F 296 -23.22 -1.18 -3.88
CA LYS F 296 -23.33 0.27 -3.95
C LYS F 296 -22.32 0.90 -3.01
N GLU F 297 -21.60 1.90 -3.51
CA GLU F 297 -20.65 2.63 -2.68
C GLU F 297 -21.39 3.42 -1.60
N TYR F 298 -20.65 3.83 -0.57
CA TYR F 298 -21.25 4.53 0.54
C TYR F 298 -20.18 5.22 1.37
N TRP F 299 -20.57 6.34 1.98
CA TRP F 299 -19.71 7.04 2.93
C TRP F 299 -20.60 7.93 3.79
N GLY F 300 -20.26 8.03 5.07
CA GLY F 300 -21.02 8.86 5.99
C GLY F 300 -20.63 10.32 5.90
N GLU F 301 -21.50 11.15 6.51
CA GLU F 301 -21.24 12.59 6.51
C GLU F 301 -20.03 12.96 7.35
N GLY F 302 -19.57 12.06 8.23
CA GLY F 302 -18.35 12.30 8.98
C GLY F 302 -17.08 12.09 8.20
N ALA F 303 -17.17 11.52 7.00
CA ALA F 303 -15.99 11.30 6.18
C ALA F 303 -15.43 12.63 5.69
N ASN F 304 -14.13 12.60 5.33
CA ASN F 304 -13.45 13.83 4.94
C ASN F 304 -14.06 14.45 3.69
N ARG F 305 -14.59 13.64 2.77
CA ARG F 305 -15.15 14.21 1.55
C ARG F 305 -16.39 15.04 1.83
N ALA F 306 -17.17 14.68 2.86
CA ALA F 306 -18.34 15.45 3.23
C ALA F 306 -18.00 16.57 4.21
N ARG F 307 -17.18 16.28 5.23
CA ARG F 307 -16.80 17.27 6.21
C ARG F 307 -15.99 18.41 5.61
N ASN F 308 -15.30 18.17 4.50
CA ASN F 308 -14.44 19.16 3.86
C ASN F 308 -14.91 19.48 2.44
N TRP F 309 -16.23 19.64 2.28
CA TRP F 309 -16.77 19.93 0.95
C TRP F 309 -16.31 21.27 0.41
N GLN F 310 -15.88 22.19 1.28
CA GLN F 310 -15.42 23.49 0.82
C GLN F 310 -14.06 23.41 0.13
N ARG F 311 -13.27 22.37 0.40
CA ARG F 311 -11.96 22.23 -0.22
C ARG F 311 -12.05 21.72 -1.66
N TYR F 312 -13.13 21.05 -2.02
CA TYR F 312 -13.28 20.52 -3.38
C TYR F 312 -14.08 21.48 -4.26
N GLU F 324 -11.40 5.66 -4.07
CA GLU F 324 -11.28 7.04 -3.63
C GLU F 324 -12.55 7.49 -2.91
N GLY F 325 -12.45 7.69 -1.61
CA GLY F 325 -13.56 8.22 -0.83
C GLY F 325 -14.66 7.24 -0.55
N VAL F 326 -14.37 5.94 -0.58
CA VAL F 326 -15.36 4.91 -0.29
C VAL F 326 -15.13 4.41 1.14
N ASP F 327 -16.11 4.63 2.01
CA ASP F 327 -16.08 4.08 3.36
C ASP F 327 -16.59 2.64 3.41
N SER F 328 -17.64 2.32 2.64
CA SER F 328 -18.28 1.02 2.75
C SER F 328 -18.93 0.65 1.42
N TYR F 329 -19.19 -0.65 1.27
CA TYR F 329 -20.02 -1.18 0.19
C TYR F 329 -21.33 -1.66 0.81
N VAL F 330 -22.45 -1.11 0.36
CA VAL F 330 -23.75 -1.58 0.82
C VAL F 330 -24.34 -2.44 -0.29
N PRO F 331 -25.15 -3.44 0.03
CA PRO F 331 -25.72 -4.29 -1.02
C PRO F 331 -26.70 -3.53 -1.90
N TYR F 332 -26.76 -3.93 -3.16
CA TYR F 332 -27.68 -3.33 -4.12
C TYR F 332 -29.05 -3.97 -3.99
N ALA F 333 -30.09 -3.13 -3.92
CA ALA F 333 -31.44 -3.59 -3.61
C ALA F 333 -32.47 -3.20 -4.66
N GLY F 334 -32.05 -2.68 -5.81
CA GLY F 334 -32.99 -2.36 -6.86
C GLY F 334 -33.58 -0.96 -6.77
N SER F 335 -34.85 -0.82 -7.09
CA SER F 335 -35.51 0.47 -7.13
C SER F 335 -36.11 0.83 -5.77
N LEU F 336 -36.33 2.14 -5.57
CA LEU F 336 -36.94 2.60 -4.33
C LEU F 336 -38.41 2.24 -4.26
N LYS F 337 -39.13 2.36 -5.38
CA LYS F 337 -40.56 2.08 -5.38
C LYS F 337 -40.83 0.63 -4.99
N ASP F 338 -40.02 -0.31 -5.50
CA ASP F 338 -40.24 -1.72 -5.19
C ASP F 338 -39.90 -2.04 -3.73
N ASN F 339 -38.80 -1.50 -3.23
CA ASN F 339 -38.35 -1.86 -1.89
C ASN F 339 -39.21 -1.20 -0.82
N VAL F 340 -39.56 0.07 -1.00
CA VAL F 340 -40.38 0.76 -0.01
C VAL F 340 -41.77 0.15 0.06
N ALA F 341 -42.31 -0.27 -1.09
CA ALA F 341 -43.62 -0.90 -1.09
C ALA F 341 -43.60 -2.22 -0.32
N ILE F 342 -42.50 -2.96 -0.41
CA ILE F 342 -42.39 -4.21 0.34
C ILE F 342 -42.22 -3.93 1.82
N SER F 343 -41.39 -2.95 2.17
CA SER F 343 -41.17 -2.62 3.58
C SER F 343 -42.46 -2.15 4.25
N LEU F 344 -43.22 -1.30 3.57
CA LEU F 344 -44.47 -0.79 4.15
C LEU F 344 -45.60 -1.80 4.08
N SER F 345 -45.54 -2.76 3.14
CA SER F 345 -46.53 -3.84 3.14
C SER F 345 -46.43 -4.66 4.42
N LYS F 346 -45.23 -4.80 4.98
CA LYS F 346 -45.07 -5.52 6.24
C LYS F 346 -45.37 -4.65 7.44
N VAL F 347 -45.11 -3.34 7.33
CA VAL F 347 -45.45 -2.43 8.43
C VAL F 347 -46.96 -2.39 8.63
N ARG F 348 -47.71 -2.23 7.53
CA ARG F 348 -49.17 -2.23 7.63
C ARG F 348 -49.70 -3.55 8.15
N SER F 349 -49.07 -4.66 7.75
CA SER F 349 -49.49 -5.97 8.24
C SER F 349 -49.21 -6.12 9.73
N THR F 350 -48.05 -5.64 10.18
CA THR F 350 -47.73 -5.71 11.61
C THR F 350 -48.67 -4.85 12.43
N MET F 351 -49.08 -3.70 11.90
CA MET F 351 -50.01 -2.84 12.63
C MET F 351 -51.40 -3.47 12.73
N CYS F 352 -51.78 -4.30 11.75
CA CYS F 352 -53.03 -5.02 11.85
C CYS F 352 -52.99 -6.04 12.99
N ASN F 353 -51.83 -6.67 13.21
CA ASN F 353 -51.70 -7.64 14.28
C ASN F 353 -51.79 -6.98 15.65
N CYS F 354 -51.36 -5.72 15.75
CA CYS F 354 -51.49 -4.96 16.98
C CYS F 354 -52.88 -4.34 17.16
N GLY F 355 -53.74 -4.44 16.15
CA GLY F 355 -55.05 -3.83 16.23
C GLY F 355 -55.09 -2.36 15.90
N ALA F 356 -54.16 -1.89 15.07
CA ALA F 356 -54.03 -0.47 14.75
C ALA F 356 -54.26 -0.26 13.25
N LEU F 357 -55.08 0.73 12.91
CA LEU F 357 -55.31 1.12 11.53
C LEU F 357 -54.55 2.37 11.12
N ASN F 358 -53.95 3.08 12.07
CA ASN F 358 -53.15 4.26 11.77
C ASN F 358 -52.04 4.37 12.80
N ILE F 359 -51.07 5.24 12.51
CA ILE F 359 -49.92 5.39 13.41
C ILE F 359 -50.34 5.89 14.79
N PRO F 360 -51.21 6.90 14.93
CA PRO F 360 -51.66 7.26 16.29
C PRO F 360 -52.29 6.12 17.05
N GLU F 361 -53.08 5.27 16.38
CA GLU F 361 -53.64 4.10 17.06
C GLU F 361 -52.53 3.14 17.51
N LEU F 362 -51.48 2.99 16.69
CA LEU F 362 -50.37 2.12 17.07
C LEU F 362 -49.72 2.59 18.35
N GLN F 363 -49.41 3.89 18.44
CA GLN F 363 -48.78 4.43 19.63
C GLN F 363 -49.69 4.36 20.85
N GLN F 364 -51.00 4.20 20.65
CA GLN F 364 -51.94 4.12 21.76
C GLN F 364 -52.23 2.69 22.20
N LYS F 365 -52.20 1.73 21.28
CA LYS F 365 -52.59 0.36 21.56
C LYS F 365 -51.41 -0.61 21.64
N ALA F 366 -50.18 -0.15 21.36
CA ALA F 366 -49.05 -1.06 21.31
C ALA F 366 -48.69 -1.56 22.69
N LYS F 367 -48.57 -2.89 22.82
CA LYS F 367 -48.04 -3.53 24.02
C LYS F 367 -46.61 -3.95 23.70
N ILE F 368 -45.66 -3.08 24.03
CA ILE F 368 -44.26 -3.32 23.74
C ILE F 368 -43.63 -3.99 24.96
N THR F 369 -43.06 -5.17 24.74
CA THR F 369 -42.36 -5.91 25.78
C THR F 369 -40.88 -6.01 25.43
N LEU F 370 -40.07 -6.29 26.46
CA LEU F 370 -38.65 -6.46 26.31
C LEU F 370 -38.31 -7.94 26.18
N VAL F 371 -37.59 -8.30 25.13
CA VAL F 371 -37.18 -9.67 24.89
C VAL F 371 -35.83 -9.90 25.55
N SER F 372 -35.75 -10.91 26.41
CA SER F 372 -34.50 -11.19 27.11
C SER F 372 -33.55 -12.01 26.25
N SER F 373 -34.07 -12.90 25.42
CA SER F 373 -33.25 -13.76 24.60
C SER F 373 -34.13 -14.42 23.54
N THR F 374 -33.50 -14.89 22.48
CA THR F 374 -34.15 -15.66 21.43
C THR F 374 -33.39 -16.96 21.26
N SER F 375 -33.99 -17.88 20.51
CA SER F 375 -33.38 -19.19 20.31
C SER F 375 -33.95 -19.82 19.04
N ILE F 376 -33.13 -20.62 18.38
CA ILE F 376 -33.56 -21.42 17.23
C ILE F 376 -34.00 -22.79 17.75
N VAL F 377 -35.00 -23.36 17.11
CA VAL F 377 -35.51 -24.66 17.50
C VAL F 377 -35.19 -25.72 16.45
#